data_2L97
#
_entry.id   2L97
#
_entity_poly.entity_id   1
_entity_poly.type   'polypeptide(L)'
_entity_poly.pdbx_seq_one_letter_code
;MEGLGFAIPANDAINIIEQLEKNGKVTRPALGIQMVNLSNVSTSDIRRLNIPSNVTSGVIVRSVQSNMPANGHLEKYDVI
TKVDDKEIASSTDLQSALYNHSIGDTIKITYYRNGKEETTSIKLNKLEHHHHHH
;
_entity_poly.pdbx_strand_id   A
#
# COMPACT_ATOMS: atom_id res chain seq x y z
N MET A 1 -42.40 19.89 29.84
CA MET A 1 -41.64 18.78 30.39
C MET A 1 -41.84 17.52 29.55
N GLU A 2 -41.10 16.46 29.88
CA GLU A 2 -41.21 15.20 29.16
C GLU A 2 -40.83 15.39 27.69
N GLY A 3 -40.76 14.28 26.96
CA GLY A 3 -40.40 14.34 25.55
C GLY A 3 -40.39 12.98 24.90
N LEU A 4 -41.24 12.80 23.90
CA LEU A 4 -41.32 11.52 23.19
C LEU A 4 -40.69 11.62 21.81
N GLY A 5 -39.81 10.66 21.50
CA GLY A 5 -39.14 10.67 20.21
C GLY A 5 -39.76 9.68 19.24
N PHE A 6 -38.93 8.81 18.68
CA PHE A 6 -39.40 7.81 17.72
C PHE A 6 -38.64 6.50 17.90
N ALA A 7 -37.31 6.57 17.84
CA ALA A 7 -36.48 5.39 17.99
C ALA A 7 -36.83 4.33 16.95
N ILE A 8 -37.00 4.76 15.71
CA ILE A 8 -37.34 3.84 14.62
C ILE A 8 -36.21 3.76 13.60
N PRO A 9 -35.84 2.52 13.23
CA PRO A 9 -34.78 2.28 12.26
C PRO A 9 -35.17 2.69 10.85
N ALA A 10 -34.27 2.49 9.89
CA ALA A 10 -34.52 2.85 8.51
C ALA A 10 -35.57 1.92 7.89
N ASN A 11 -35.89 2.16 6.62
CA ASN A 11 -36.88 1.36 5.92
C ASN A 11 -36.28 0.04 5.45
N ASP A 12 -37.14 -0.93 5.15
CA ASP A 12 -36.69 -2.24 4.69
C ASP A 12 -37.51 -2.70 3.49
N ALA A 13 -36.94 -2.55 2.30
CA ALA A 13 -37.61 -2.95 1.07
C ALA A 13 -37.51 -4.47 0.86
N ILE A 14 -36.43 -5.06 1.35
CA ILE A 14 -36.21 -6.49 1.22
C ILE A 14 -36.24 -6.92 -0.25
N ASN A 15 -35.09 -6.80 -0.91
CA ASN A 15 -34.99 -7.17 -2.32
C ASN A 15 -33.63 -7.81 -2.62
N ILE A 16 -33.41 -8.99 -2.07
CA ILE A 16 -32.16 -9.71 -2.27
C ILE A 16 -32.40 -11.07 -2.91
N ILE A 17 -31.57 -11.41 -3.90
CA ILE A 17 -31.69 -12.68 -4.59
C ILE A 17 -30.35 -13.42 -4.62
N GLU A 18 -29.57 -13.28 -3.54
CA GLU A 18 -28.27 -13.93 -3.44
C GLU A 18 -27.89 -14.17 -1.99
N GLN A 19 -27.39 -15.37 -1.71
CA GLN A 19 -26.98 -15.72 -0.35
C GLN A 19 -25.61 -15.16 -0.03
N LEU A 20 -24.76 -15.05 -1.05
CA LEU A 20 -23.41 -14.53 -0.88
C LEU A 20 -22.66 -15.31 0.20
N GLU A 21 -21.50 -14.80 0.58
CA GLU A 21 -20.68 -15.45 1.61
C GLU A 21 -19.46 -14.60 1.94
N LYS A 22 -19.62 -13.28 1.90
CA LYS A 22 -18.53 -12.37 2.20
C LYS A 22 -19.07 -11.08 2.83
N ASN A 23 -18.16 -10.17 3.17
CA ASN A 23 -18.53 -8.90 3.78
C ASN A 23 -18.32 -7.75 2.81
N GLY A 24 -18.44 -6.53 3.32
CA GLY A 24 -18.26 -5.35 2.48
C GLY A 24 -18.17 -4.07 3.28
N LYS A 25 -17.42 -3.11 2.77
CA LYS A 25 -17.25 -1.82 3.45
C LYS A 25 -17.00 -0.70 2.45
N VAL A 26 -16.86 0.52 2.95
CA VAL A 26 -16.62 1.68 2.10
C VAL A 26 -15.25 1.59 1.44
N THR A 27 -14.21 1.81 2.24
CA THR A 27 -12.84 1.76 1.74
C THR A 27 -12.22 0.38 1.94
N ARG A 28 -11.60 -0.15 0.90
CA ARG A 28 -10.97 -1.45 0.97
C ARG A 28 -9.47 -1.36 0.71
N PRO A 29 -8.73 -2.39 1.14
CA PRO A 29 -7.27 -2.44 0.97
C PRO A 29 -6.86 -2.61 -0.48
N ALA A 30 -5.65 -2.15 -0.81
CA ALA A 30 -5.13 -2.26 -2.17
C ALA A 30 -3.62 -2.43 -2.18
N LEU A 31 -3.10 -3.10 -3.20
CA LEU A 31 -1.67 -3.33 -3.32
C LEU A 31 -1.30 -3.75 -4.73
N GLY A 32 -2.11 -3.33 -5.70
CA GLY A 32 -1.86 -3.68 -7.09
C GLY A 32 -0.98 -2.66 -7.79
N ILE A 33 0.27 -2.56 -7.34
CA ILE A 33 1.21 -1.61 -7.93
C ILE A 33 2.46 -2.34 -8.45
N GLN A 34 2.92 -1.93 -9.63
CA GLN A 34 4.10 -2.53 -10.23
C GLN A 34 5.34 -1.66 -10.00
N MET A 35 6.43 -2.31 -9.61
CA MET A 35 7.69 -1.60 -9.36
C MET A 35 8.88 -2.40 -9.85
N VAL A 36 10.07 -1.80 -9.79
CA VAL A 36 11.28 -2.47 -10.23
C VAL A 36 12.49 -1.97 -9.43
N ASN A 37 13.45 -2.86 -9.22
CA ASN A 37 14.66 -2.52 -8.48
C ASN A 37 15.43 -1.41 -9.18
N LEU A 38 16.14 -0.60 -8.40
CA LEU A 38 16.93 0.50 -8.95
C LEU A 38 17.83 0.02 -10.08
N SER A 39 18.48 -1.12 -9.86
CA SER A 39 19.38 -1.70 -10.87
C SER A 39 19.98 -3.01 -10.36
N ASN A 40 19.14 -3.86 -9.80
CA ASN A 40 19.60 -5.15 -9.28
C ASN A 40 20.56 -4.96 -8.13
N VAL A 41 20.33 -3.91 -7.34
CA VAL A 41 21.20 -3.62 -6.19
C VAL A 41 22.66 -3.50 -6.61
N SER A 42 23.02 -2.34 -7.14
CA SER A 42 24.39 -2.11 -7.59
C SER A 42 24.96 -0.84 -6.94
N THR A 43 26.27 -0.63 -7.12
CA THR A 43 26.93 0.53 -6.56
C THR A 43 26.43 1.82 -7.19
N SER A 44 25.96 1.73 -8.43
CA SER A 44 25.45 2.88 -9.15
C SER A 44 24.23 3.45 -8.44
N ASP A 45 23.38 2.57 -7.93
CA ASP A 45 22.16 2.99 -7.24
C ASP A 45 22.50 3.70 -5.93
N ILE A 46 23.62 3.31 -5.32
CA ILE A 46 24.06 3.93 -4.07
C ILE A 46 24.30 5.42 -4.24
N ARG A 47 25.07 5.78 -5.26
CA ARG A 47 25.37 7.18 -5.53
C ARG A 47 24.11 7.93 -6.00
N ARG A 48 23.24 7.22 -6.71
CA ARG A 48 22.01 7.82 -7.21
C ARG A 48 21.09 8.22 -6.06
N LEU A 49 21.19 7.49 -4.95
CA LEU A 49 20.36 7.77 -3.78
C LEU A 49 20.91 8.97 -3.01
N ASN A 50 21.99 8.76 -2.27
CA ASN A 50 22.61 9.82 -1.49
C ASN A 50 23.81 9.29 -0.70
N ILE A 51 23.53 8.59 0.39
CA ILE A 51 24.58 8.03 1.23
C ILE A 51 24.04 6.95 2.15
N PRO A 52 23.55 5.86 1.55
CA PRO A 52 23.00 4.72 2.30
C PRO A 52 24.06 3.95 3.06
N SER A 53 23.69 2.79 3.59
CA SER A 53 24.61 1.95 4.34
C SER A 53 23.92 0.70 4.85
N ASN A 54 22.72 0.86 5.38
CA ASN A 54 21.95 -0.26 5.90
C ASN A 54 20.89 -0.71 4.91
N VAL A 55 20.58 0.17 3.96
CA VAL A 55 19.58 -0.13 2.94
C VAL A 55 20.23 -0.63 1.65
N THR A 56 20.95 0.26 0.97
CA THR A 56 21.62 -0.09 -0.28
C THR A 56 20.61 -0.46 -1.35
N SER A 57 20.34 0.50 -2.24
CA SER A 57 19.39 0.27 -3.34
C SER A 57 17.99 0.02 -2.79
N GLY A 58 17.04 -0.20 -3.69
CA GLY A 58 15.68 -0.46 -3.29
C GLY A 58 14.75 -0.69 -4.47
N VAL A 59 13.49 -0.32 -4.31
CA VAL A 59 12.51 -0.49 -5.37
C VAL A 59 11.83 0.84 -5.71
N ILE A 60 11.44 0.99 -6.98
CA ILE A 60 10.77 2.21 -7.43
C ILE A 60 9.51 1.88 -8.21
N VAL A 61 8.42 2.56 -7.87
CA VAL A 61 7.14 2.35 -8.55
C VAL A 61 7.18 2.87 -9.97
N ARG A 62 6.55 2.14 -10.89
CA ARG A 62 6.52 2.53 -12.29
C ARG A 62 5.17 2.21 -12.92
N SER A 63 4.16 2.01 -12.07
CA SER A 63 2.82 1.68 -12.53
C SER A 63 1.82 1.68 -11.38
N VAL A 64 1.23 2.84 -11.11
CA VAL A 64 0.26 2.97 -10.04
C VAL A 64 -1.15 2.72 -10.53
N GLN A 65 -1.98 2.13 -9.67
CA GLN A 65 -3.36 1.82 -10.03
C GLN A 65 -4.27 3.01 -9.74
N SER A 66 -4.90 3.54 -10.78
CA SER A 66 -5.80 4.68 -10.64
C SER A 66 -5.07 5.85 -9.98
N ASN A 67 -3.75 5.82 -10.02
CA ASN A 67 -2.94 6.88 -9.43
C ASN A 67 -3.54 7.35 -8.10
N MET A 68 -4.03 6.40 -7.32
CA MET A 68 -4.63 6.71 -6.03
C MET A 68 -3.58 7.15 -5.02
N PRO A 69 -2.62 6.25 -4.73
CA PRO A 69 -1.54 6.53 -3.78
C PRO A 69 -0.54 7.54 -4.33
N ALA A 70 -0.35 7.54 -5.65
CA ALA A 70 0.56 8.47 -6.30
C ALA A 70 -0.04 9.86 -6.42
N ASN A 71 -1.35 9.95 -6.15
CA ASN A 71 -2.04 11.23 -6.23
C ASN A 71 -1.31 12.31 -5.44
N GLY A 72 -0.55 11.88 -4.43
CA GLY A 72 0.19 12.82 -3.61
C GLY A 72 1.06 12.13 -2.57
N HIS A 73 0.52 11.07 -1.97
CA HIS A 73 1.24 10.33 -0.95
C HIS A 73 2.64 9.95 -1.44
N LEU A 74 2.74 9.63 -2.72
CA LEU A 74 4.03 9.25 -3.32
C LEU A 74 4.17 9.84 -4.72
N GLU A 75 5.41 10.00 -5.16
CA GLU A 75 5.68 10.55 -6.48
C GLU A 75 5.63 9.45 -7.55
N LYS A 76 5.64 9.87 -8.81
CA LYS A 76 5.59 8.92 -9.92
C LYS A 76 6.64 7.82 -9.75
N TYR A 77 7.86 8.23 -9.41
CA TYR A 77 8.95 7.29 -9.22
C TYR A 77 8.76 6.48 -7.94
N ASP A 78 8.45 7.17 -6.85
CA ASP A 78 8.23 6.53 -5.56
C ASP A 78 9.31 5.47 -5.30
N VAL A 79 10.46 5.92 -4.80
CA VAL A 79 11.56 5.03 -4.50
C VAL A 79 11.50 4.53 -3.06
N ILE A 80 10.87 3.39 -2.86
CA ILE A 80 10.74 2.81 -1.53
C ILE A 80 11.98 2.02 -1.14
N THR A 81 12.50 2.28 0.06
CA THR A 81 13.69 1.59 0.54
C THR A 81 13.37 0.74 1.77
N LYS A 82 12.28 1.07 2.45
CA LYS A 82 11.86 0.34 3.63
C LYS A 82 10.40 -0.06 3.55
N VAL A 83 10.07 -1.23 4.08
CA VAL A 83 8.70 -1.72 4.06
C VAL A 83 8.39 -2.55 5.30
N ASP A 84 7.39 -2.11 6.07
CA ASP A 84 7.00 -2.81 7.29
C ASP A 84 8.20 -3.04 8.19
N ASP A 85 9.06 -2.03 8.29
CA ASP A 85 10.26 -2.13 9.12
C ASP A 85 11.19 -3.22 8.60
N LYS A 86 11.19 -3.41 7.29
CA LYS A 86 12.05 -4.42 6.67
C LYS A 86 12.79 -3.84 5.48
N GLU A 87 13.97 -4.38 5.19
CA GLU A 87 14.78 -3.91 4.07
C GLU A 87 14.41 -4.66 2.79
N ILE A 88 14.34 -3.93 1.69
CA ILE A 88 14.00 -4.52 0.40
C ILE A 88 15.04 -4.17 -0.66
N ALA A 89 14.84 -4.67 -1.87
CA ALA A 89 15.75 -4.41 -2.97
C ALA A 89 15.05 -4.59 -4.32
N SER A 90 14.22 -5.62 -4.41
CA SER A 90 13.50 -5.90 -5.65
C SER A 90 12.00 -5.93 -5.41
N SER A 91 11.24 -5.38 -6.36
CA SER A 91 9.78 -5.34 -6.24
C SER A 91 9.20 -6.75 -6.15
N THR A 92 9.86 -7.69 -6.83
CA THR A 92 9.40 -9.08 -6.83
C THR A 92 9.67 -9.75 -5.49
N ASP A 93 10.77 -9.35 -4.84
CA ASP A 93 11.14 -9.91 -3.55
C ASP A 93 10.18 -9.43 -2.46
N LEU A 94 9.94 -8.13 -2.43
CA LEU A 94 9.05 -7.54 -1.43
C LEU A 94 7.61 -7.95 -1.68
N GLN A 95 7.23 -8.06 -2.96
CA GLN A 95 5.89 -8.45 -3.33
C GLN A 95 5.60 -9.89 -2.94
N SER A 96 6.56 -10.77 -3.24
CA SER A 96 6.42 -12.18 -2.91
C SER A 96 6.39 -12.41 -1.41
N ALA A 97 7.30 -11.75 -0.71
CA ALA A 97 7.38 -11.88 0.75
C ALA A 97 6.10 -11.40 1.41
N LEU A 98 5.59 -10.26 0.96
CA LEU A 98 4.37 -9.69 1.52
C LEU A 98 3.18 -10.62 1.26
N TYR A 99 3.06 -11.08 0.02
CA TYR A 99 1.97 -11.97 -0.36
C TYR A 99 2.20 -13.38 0.19
N ASN A 100 3.38 -13.59 0.76
CA ASN A 100 3.73 -14.90 1.32
C ASN A 100 3.31 -14.99 2.79
N HIS A 101 3.84 -14.09 3.60
CA HIS A 101 3.52 -14.07 5.03
C HIS A 101 2.69 -12.85 5.38
N SER A 102 1.83 -12.98 6.39
CA SER A 102 0.97 -11.89 6.81
C SER A 102 -0.01 -11.49 5.71
N ILE A 103 -1.14 -12.19 5.65
CA ILE A 103 -2.15 -11.92 4.64
C ILE A 103 -3.08 -10.80 5.09
N GLY A 104 -3.38 -9.88 4.18
CA GLY A 104 -4.26 -8.77 4.50
C GLY A 104 -3.73 -7.93 5.64
N ASP A 105 -2.44 -8.05 5.92
CA ASP A 105 -1.81 -7.29 6.99
C ASP A 105 -1.40 -5.91 6.51
N THR A 106 -1.36 -4.96 7.44
CA THR A 106 -0.98 -3.58 7.10
C THR A 106 0.51 -3.37 7.26
N ILE A 107 1.10 -2.65 6.31
CA ILE A 107 2.54 -2.37 6.34
C ILE A 107 2.82 -0.91 6.06
N LYS A 108 4.03 -0.46 6.39
CA LYS A 108 4.43 0.93 6.17
C LYS A 108 5.53 1.02 5.13
N ILE A 109 5.29 1.79 4.08
CA ILE A 109 6.27 1.98 3.02
C ILE A 109 7.03 3.29 3.18
N THR A 110 8.35 3.20 3.16
CA THR A 110 9.21 4.37 3.30
C THR A 110 10.01 4.63 2.04
N TYR A 111 9.73 5.73 1.37
CA TYR A 111 10.43 6.09 0.14
C TYR A 111 11.08 7.46 0.27
N TYR A 112 11.84 7.85 -0.76
CA TYR A 112 12.52 9.14 -0.76
C TYR A 112 12.37 9.83 -2.11
N ARG A 113 12.16 11.14 -2.07
CA ARG A 113 12.00 11.92 -3.29
C ARG A 113 12.91 13.15 -3.29
N ASN A 114 13.88 13.16 -4.18
CA ASN A 114 14.83 14.28 -4.28
C ASN A 114 15.46 14.56 -2.92
N GLY A 115 15.85 13.50 -2.21
CA GLY A 115 16.47 13.67 -0.91
C GLY A 115 15.46 14.04 0.17
N LYS A 116 14.18 13.88 -0.15
CA LYS A 116 13.12 14.20 0.80
C LYS A 116 12.46 12.93 1.33
N GLU A 117 12.78 12.57 2.56
CA GLU A 117 12.21 11.38 3.19
C GLU A 117 10.69 11.49 3.30
N GLU A 118 9.99 10.44 2.93
CA GLU A 118 8.54 10.42 2.99
C GLU A 118 8.01 9.00 3.20
N THR A 119 7.28 8.81 4.30
CA THR A 119 6.72 7.50 4.62
C THR A 119 5.20 7.55 4.68
N THR A 120 4.57 6.43 4.34
CA THR A 120 3.11 6.34 4.35
C THR A 120 2.65 4.94 4.73
N SER A 121 1.50 4.87 5.39
CA SER A 121 0.94 3.59 5.82
C SER A 121 -0.08 3.08 4.81
N ILE A 122 0.09 1.82 4.39
CA ILE A 122 -0.82 1.21 3.43
C ILE A 122 -1.17 -0.21 3.82
N LYS A 123 -2.42 -0.59 3.62
CA LYS A 123 -2.89 -1.93 3.96
C LYS A 123 -3.02 -2.79 2.70
N LEU A 124 -2.46 -3.99 2.74
CA LEU A 124 -2.52 -4.91 1.61
C LEU A 124 -3.87 -5.62 1.56
N ASN A 125 -4.39 -5.83 0.36
CA ASN A 125 -5.67 -6.50 0.17
C ASN A 125 -5.49 -8.01 0.14
N LYS A 126 -6.31 -8.73 0.90
CA LYS A 126 -6.24 -10.18 0.95
C LYS A 126 -7.19 -10.81 -0.06
N LEU A 127 -6.81 -11.95 -0.61
CA LEU A 127 -7.63 -12.66 -1.58
C LEU A 127 -8.04 -11.72 -2.72
N MET A 1 -25.34 2.48 -12.17
CA MET A 1 -25.74 1.43 -13.09
C MET A 1 -24.53 0.77 -13.74
N GLU A 2 -23.54 1.58 -14.10
CA GLU A 2 -22.32 1.07 -14.72
C GLU A 2 -21.22 2.11 -14.68
N GLY A 3 -19.97 1.66 -14.83
CA GLY A 3 -18.85 2.58 -14.82
C GLY A 3 -17.55 1.89 -15.24
N LEU A 4 -16.81 1.38 -14.27
CA LEU A 4 -15.54 0.71 -14.53
C LEU A 4 -15.49 -0.65 -13.86
N GLY A 5 -16.45 -1.52 -14.19
CA GLY A 5 -16.49 -2.84 -13.62
C GLY A 5 -17.48 -2.94 -12.46
N PHE A 6 -18.58 -2.21 -12.58
CA PHE A 6 -19.61 -2.21 -11.54
C PHE A 6 -20.23 -3.61 -11.40
N ALA A 7 -20.25 -4.35 -12.49
CA ALA A 7 -20.82 -5.70 -12.49
C ALA A 7 -19.79 -6.72 -12.03
N ILE A 8 -19.74 -6.96 -10.72
CA ILE A 8 -18.80 -7.91 -10.15
C ILE A 8 -19.22 -9.35 -10.45
N PRO A 9 -18.27 -10.16 -10.93
CA PRO A 9 -18.53 -11.57 -11.27
C PRO A 9 -18.76 -12.42 -10.03
N ALA A 10 -18.83 -13.73 -10.23
CA ALA A 10 -19.05 -14.67 -9.13
C ALA A 10 -18.16 -15.89 -9.25
N ASN A 11 -17.58 -16.31 -8.13
CA ASN A 11 -16.70 -17.48 -8.11
C ASN A 11 -17.44 -18.71 -7.60
N ASP A 12 -16.78 -19.86 -7.68
CA ASP A 12 -17.37 -21.11 -7.22
C ASP A 12 -16.72 -21.57 -5.91
N ALA A 13 -16.28 -20.61 -5.10
CA ALA A 13 -15.65 -20.92 -3.83
C ALA A 13 -16.70 -21.28 -2.77
N ILE A 14 -17.84 -20.62 -2.84
CA ILE A 14 -18.92 -20.87 -1.88
C ILE A 14 -18.45 -20.64 -0.45
N ASN A 15 -18.51 -19.39 -0.01
CA ASN A 15 -18.10 -19.03 1.34
C ASN A 15 -18.60 -17.63 1.71
N ILE A 16 -19.16 -17.52 2.91
CA ILE A 16 -19.69 -16.24 3.37
C ILE A 16 -18.91 -15.74 4.59
N ILE A 17 -18.74 -14.43 4.69
CA ILE A 17 -18.01 -13.84 5.80
C ILE A 17 -18.87 -12.80 6.52
N GLU A 18 -19.57 -13.23 7.56
CA GLU A 18 -20.42 -12.33 8.34
C GLU A 18 -19.99 -12.29 9.80
N GLN A 19 -19.17 -11.32 10.15
CA GLN A 19 -18.68 -11.17 11.52
C GLN A 19 -19.64 -10.31 12.34
N LEU A 20 -19.97 -9.13 11.82
CA LEU A 20 -20.86 -8.22 12.51
C LEU A 20 -20.26 -7.76 13.84
N GLU A 21 -19.76 -6.52 13.86
CA GLU A 21 -19.16 -5.97 15.06
C GLU A 21 -19.06 -4.45 14.96
N LYS A 22 -18.38 -3.97 13.93
CA LYS A 22 -18.21 -2.54 13.71
C LYS A 22 -17.47 -1.90 14.89
N ASN A 23 -17.11 -0.64 14.73
CA ASN A 23 -16.40 0.09 15.78
C ASN A 23 -16.58 1.59 15.63
N GLY A 24 -15.91 2.36 16.47
CA GLY A 24 -16.01 3.81 16.41
C GLY A 24 -15.12 4.50 17.44
N LYS A 25 -14.16 5.27 16.96
CA LYS A 25 -13.24 5.99 17.83
C LYS A 25 -12.78 7.29 17.19
N VAL A 26 -11.97 8.05 17.93
CA VAL A 26 -11.47 9.33 17.43
C VAL A 26 -10.59 9.13 16.20
N THR A 27 -9.40 8.59 16.41
CA THR A 27 -8.46 8.35 15.32
C THR A 27 -8.71 6.99 14.68
N ARG A 28 -8.95 6.98 13.37
CA ARG A 28 -9.20 5.75 12.65
C ARG A 28 -8.13 5.52 11.57
N PRO A 29 -7.93 4.26 11.20
CA PRO A 29 -6.94 3.88 10.19
C PRO A 29 -7.35 4.32 8.79
N ALA A 30 -6.37 4.43 7.89
CA ALA A 30 -6.64 4.85 6.52
C ALA A 30 -5.65 4.20 5.55
N LEU A 31 -6.09 4.00 4.31
CA LEU A 31 -5.24 3.39 3.29
C LEU A 31 -5.57 3.95 1.92
N GLY A 32 -6.12 5.16 1.88
CA GLY A 32 -6.46 5.79 0.62
C GLY A 32 -5.28 6.48 -0.02
N ILE A 33 -4.23 5.71 -0.31
CA ILE A 33 -3.03 6.26 -0.93
C ILE A 33 -2.87 5.75 -2.37
N GLN A 34 -2.49 6.64 -3.26
CA GLN A 34 -2.30 6.29 -4.66
C GLN A 34 -0.81 6.07 -4.97
N MET A 35 -0.51 4.92 -5.58
CA MET A 35 0.88 4.59 -5.93
C MET A 35 0.94 3.90 -7.28
N VAL A 36 2.14 3.76 -7.81
CA VAL A 36 2.34 3.11 -9.10
C VAL A 36 3.74 2.48 -9.20
N ASN A 37 3.83 1.38 -9.92
CA ASN A 37 5.09 0.67 -10.09
C ASN A 37 6.12 1.57 -10.79
N LEU A 38 7.37 1.42 -10.40
CA LEU A 38 8.45 2.21 -11.00
C LEU A 38 8.41 2.14 -12.52
N SER A 39 8.15 0.96 -13.04
CA SER A 39 8.08 0.75 -14.48
C SER A 39 7.72 -0.68 -14.82
N ASN A 40 6.68 -1.20 -14.17
CA ASN A 40 6.23 -2.57 -14.40
C ASN A 40 7.38 -3.56 -14.20
N VAL A 41 8.21 -3.29 -13.20
CA VAL A 41 9.35 -4.16 -12.90
C VAL A 41 10.20 -4.40 -14.14
N SER A 42 10.88 -3.35 -14.59
CA SER A 42 11.73 -3.45 -15.77
C SER A 42 13.15 -2.99 -15.46
N THR A 43 14.09 -3.39 -16.31
CA THR A 43 15.49 -3.02 -16.13
C THR A 43 15.69 -1.52 -16.30
N SER A 44 14.76 -0.87 -17.00
CA SER A 44 14.84 0.56 -17.24
C SER A 44 14.76 1.34 -15.93
N ASP A 45 13.85 0.92 -15.06
CA ASP A 45 13.68 1.57 -13.76
C ASP A 45 14.89 1.33 -12.87
N ILE A 46 15.52 0.16 -13.03
CA ILE A 46 16.69 -0.19 -12.24
C ILE A 46 17.83 0.81 -12.45
N ARG A 47 18.15 1.06 -13.70
CA ARG A 47 19.21 2.01 -14.04
C ARG A 47 18.80 3.43 -13.72
N ARG A 48 17.53 3.73 -13.92
CA ARG A 48 17.00 5.07 -13.64
C ARG A 48 17.02 5.36 -12.14
N LEU A 49 17.01 4.30 -11.34
CA LEU A 49 17.01 4.44 -9.89
C LEU A 49 18.42 4.77 -9.39
N ASN A 50 19.33 3.81 -9.50
CA ASN A 50 20.70 4.00 -9.06
C ASN A 50 21.52 2.73 -9.27
N ILE A 51 21.37 1.78 -8.35
CA ILE A 51 22.10 0.52 -8.44
C ILE A 51 21.59 -0.48 -7.41
N PRO A 52 20.33 -0.92 -7.58
CA PRO A 52 19.70 -1.88 -6.67
C PRO A 52 20.31 -3.28 -6.80
N SER A 53 19.65 -4.26 -6.19
CA SER A 53 20.12 -5.64 -6.23
C SER A 53 19.17 -6.56 -5.48
N ASN A 54 18.76 -6.13 -4.29
CA ASN A 54 17.85 -6.92 -3.46
C ASN A 54 16.42 -6.40 -3.58
N VAL A 55 16.28 -5.18 -4.07
CA VAL A 55 14.97 -4.57 -4.24
C VAL A 55 14.35 -4.95 -5.58
N THR A 56 14.97 -4.46 -6.66
CA THR A 56 14.48 -4.75 -8.01
C THR A 56 13.10 -4.13 -8.23
N SER A 57 13.08 -2.85 -8.58
CA SER A 57 11.82 -2.15 -8.82
C SER A 57 10.98 -2.08 -7.55
N GLY A 58 9.78 -1.53 -7.68
CA GLY A 58 8.89 -1.42 -6.53
C GLY A 58 7.71 -0.51 -6.79
N VAL A 59 7.21 0.12 -5.73
CA VAL A 59 6.07 1.03 -5.86
C VAL A 59 6.41 2.41 -5.33
N ILE A 60 5.82 3.44 -5.93
CA ILE A 60 6.06 4.81 -5.52
C ILE A 60 4.75 5.57 -5.30
N VAL A 61 4.66 6.29 -4.19
CA VAL A 61 3.46 7.05 -3.88
C VAL A 61 3.44 8.38 -4.63
N ARG A 62 2.35 8.62 -5.35
CA ARG A 62 2.20 9.85 -6.12
C ARG A 62 1.73 11.00 -5.22
N SER A 63 1.08 10.64 -4.12
CA SER A 63 0.57 11.64 -3.18
C SER A 63 -0.04 10.98 -1.95
N VAL A 64 -0.33 11.78 -0.94
CA VAL A 64 -0.92 11.26 0.29
C VAL A 64 -2.15 12.07 0.69
N GLN A 65 -3.13 11.40 1.29
CA GLN A 65 -4.37 12.05 1.71
C GLN A 65 -4.29 12.44 3.18
N SER A 66 -4.49 13.72 3.46
CA SER A 66 -4.45 14.22 4.83
C SER A 66 -3.04 14.11 5.41
N ASN A 67 -2.08 13.83 4.54
CA ASN A 67 -0.69 13.68 4.95
C ASN A 67 -0.59 12.97 6.30
N MET A 68 -1.10 11.74 6.34
CA MET A 68 -1.07 10.94 7.56
C MET A 68 0.36 10.53 7.91
N PRO A 69 1.00 9.78 7.01
CA PRO A 69 2.37 9.31 7.19
C PRO A 69 3.39 10.44 7.13
N ALA A 70 3.02 11.50 6.42
CA ALA A 70 3.91 12.66 6.27
C ALA A 70 4.31 13.23 7.63
N ASN A 71 3.48 12.97 8.64
CA ASN A 71 3.74 13.46 9.98
C ASN A 71 5.09 12.94 10.50
N GLY A 72 5.53 11.81 9.94
CA GLY A 72 6.79 11.23 10.35
C GLY A 72 7.96 11.76 9.54
N HIS A 73 8.16 11.18 8.36
CA HIS A 73 9.25 11.59 7.49
C HIS A 73 9.24 10.77 6.19
N LEU A 74 8.56 11.29 5.18
CA LEU A 74 8.48 10.60 3.89
C LEU A 74 8.57 11.60 2.74
N GLU A 75 9.16 11.17 1.64
CA GLU A 75 9.32 12.02 0.46
C GLU A 75 8.06 11.99 -0.40
N LYS A 76 7.87 13.04 -1.20
CA LYS A 76 6.71 13.13 -2.07
C LYS A 76 6.58 11.86 -2.93
N TYR A 77 7.70 11.40 -3.47
CA TYR A 77 7.71 10.21 -4.31
C TYR A 77 7.49 8.95 -3.46
N ASP A 78 8.22 8.86 -2.35
CA ASP A 78 8.11 7.72 -1.46
C ASP A 78 8.19 6.41 -2.23
N VAL A 79 9.41 5.93 -2.46
CA VAL A 79 9.63 4.70 -3.19
C VAL A 79 9.59 3.49 -2.26
N ILE A 80 8.38 3.02 -1.95
CA ILE A 80 8.20 1.87 -1.08
C ILE A 80 8.37 0.57 -1.83
N THR A 81 9.26 -0.29 -1.36
CA THR A 81 9.51 -1.57 -2.00
C THR A 81 9.25 -2.73 -1.03
N LYS A 82 9.01 -2.39 0.24
CA LYS A 82 8.76 -3.40 1.26
C LYS A 82 7.46 -3.08 2.00
N VAL A 83 6.72 -4.13 2.37
CA VAL A 83 5.47 -3.97 3.10
C VAL A 83 5.25 -5.11 4.07
N ASP A 84 5.02 -4.76 5.34
CA ASP A 84 4.78 -5.77 6.37
C ASP A 84 5.72 -6.96 6.20
N ASP A 85 6.99 -6.67 5.94
CA ASP A 85 7.99 -7.72 5.76
C ASP A 85 7.67 -8.56 4.51
N LYS A 86 7.49 -7.89 3.38
CA LYS A 86 7.18 -8.57 2.13
C LYS A 86 7.68 -7.77 0.94
N GLU A 87 8.03 -8.48 -0.14
CA GLU A 87 8.53 -7.83 -1.35
C GLU A 87 7.38 -7.44 -2.27
N ILE A 88 7.40 -6.20 -2.74
CA ILE A 88 6.35 -5.71 -3.63
C ILE A 88 6.94 -5.31 -4.99
N ALA A 89 6.07 -4.81 -5.87
CA ALA A 89 6.50 -4.38 -7.20
C ALA A 89 5.48 -3.45 -7.83
N SER A 90 4.20 -3.75 -7.63
CA SER A 90 3.12 -2.94 -8.18
C SER A 90 2.16 -2.50 -7.09
N SER A 91 1.68 -1.26 -7.18
CA SER A 91 0.75 -0.72 -6.20
C SER A 91 -0.52 -1.56 -6.14
N THR A 92 -0.92 -2.10 -7.29
CA THR A 92 -2.12 -2.93 -7.36
C THR A 92 -1.90 -4.29 -6.71
N ASP A 93 -0.67 -4.79 -6.81
CA ASP A 93 -0.32 -6.09 -6.23
C ASP A 93 -0.31 -6.01 -4.71
N LEU A 94 0.37 -5.00 -4.18
CA LEU A 94 0.47 -4.81 -2.74
C LEU A 94 -0.87 -4.40 -2.15
N GLN A 95 -1.61 -3.58 -2.89
CA GLN A 95 -2.91 -3.11 -2.43
C GLN A 95 -3.90 -4.26 -2.35
N SER A 96 -3.93 -5.09 -3.40
CA SER A 96 -4.83 -6.23 -3.45
C SER A 96 -4.47 -7.26 -2.39
N ALA A 97 -3.18 -7.52 -2.23
CA ALA A 97 -2.70 -8.48 -1.25
C ALA A 97 -3.09 -8.06 0.17
N LEU A 98 -2.88 -6.78 0.47
CA LEU A 98 -3.21 -6.25 1.79
C LEU A 98 -4.71 -6.30 2.04
N TYR A 99 -5.49 -5.87 1.05
CA TYR A 99 -6.95 -5.87 1.17
C TYR A 99 -7.50 -7.29 1.03
N ASN A 100 -6.62 -8.23 0.69
CA ASN A 100 -7.02 -9.63 0.53
C ASN A 100 -6.96 -10.38 1.85
N HIS A 101 -5.78 -10.40 2.45
CA HIS A 101 -5.58 -11.08 3.73
C HIS A 101 -5.32 -10.07 4.85
N SER A 102 -5.77 -10.40 6.05
CA SER A 102 -5.61 -9.53 7.20
C SER A 102 -6.35 -8.21 7.00
N ILE A 103 -7.59 -8.17 7.43
CA ILE A 103 -8.42 -6.98 7.30
C ILE A 103 -8.19 -6.02 8.47
N GLY A 104 -8.03 -4.74 8.15
CA GLY A 104 -7.80 -3.74 9.19
C GLY A 104 -6.52 -3.98 9.96
N ASP A 105 -5.65 -4.84 9.41
CA ASP A 105 -4.38 -5.15 10.05
C ASP A 105 -3.36 -4.04 9.81
N THR A 106 -2.43 -3.90 10.74
CA THR A 106 -1.39 -2.88 10.63
C THR A 106 -0.16 -3.42 9.91
N ILE A 107 0.36 -2.62 8.97
CA ILE A 107 1.54 -3.02 8.21
C ILE A 107 2.61 -1.94 8.26
N LYS A 108 3.83 -2.32 7.91
CA LYS A 108 4.96 -1.39 7.92
C LYS A 108 5.45 -1.11 6.50
N ILE A 109 5.52 0.17 6.14
CA ILE A 109 5.97 0.57 4.82
C ILE A 109 7.42 1.03 4.85
N THR A 110 8.23 0.46 3.95
CA THR A 110 9.64 0.82 3.88
C THR A 110 10.00 1.36 2.50
N TYR A 111 10.38 2.63 2.46
CA TYR A 111 10.75 3.28 1.20
C TYR A 111 12.16 3.86 1.28
N TYR A 112 12.69 4.25 0.12
CA TYR A 112 14.04 4.81 0.05
C TYR A 112 14.03 6.13 -0.71
N ARG A 113 14.74 7.12 -0.19
CA ARG A 113 14.83 8.42 -0.82
C ARG A 113 16.26 8.91 -0.89
N ASN A 114 16.79 9.04 -2.10
CA ASN A 114 18.17 9.48 -2.30
C ASN A 114 19.15 8.64 -1.48
N GLY A 115 18.94 7.33 -1.51
CA GLY A 115 19.81 6.43 -0.77
C GLY A 115 19.59 6.51 0.73
N LYS A 116 18.49 7.13 1.13
CA LYS A 116 18.16 7.28 2.55
C LYS A 116 17.02 6.36 2.93
N GLU A 117 17.32 5.36 3.76
CA GLU A 117 16.31 4.41 4.21
C GLU A 117 15.31 5.09 5.15
N GLU A 118 14.03 4.96 4.83
CA GLU A 118 12.98 5.55 5.66
C GLU A 118 11.84 4.56 5.86
N THR A 119 11.53 4.29 7.13
CA THR A 119 10.46 3.35 7.47
C THR A 119 9.37 4.05 8.26
N THR A 120 8.12 3.65 8.03
CA THR A 120 6.98 4.23 8.72
C THR A 120 5.88 3.20 8.95
N SER A 121 5.14 3.35 10.05
CA SER A 121 4.07 2.44 10.37
C SER A 121 2.73 2.97 9.89
N ILE A 122 2.00 2.14 9.15
CA ILE A 122 0.69 2.52 8.62
C ILE A 122 -0.32 1.40 8.77
N LYS A 123 -1.51 1.75 9.27
CA LYS A 123 -2.57 0.77 9.47
C LYS A 123 -3.66 0.94 8.42
N LEU A 124 -4.05 -0.16 7.79
CA LEU A 124 -5.09 -0.14 6.77
C LEU A 124 -6.48 -0.09 7.41
N ASN A 125 -7.38 0.67 6.79
CA ASN A 125 -8.74 0.80 7.30
C ASN A 125 -9.63 -0.35 6.80
N LYS A 126 -10.39 -0.94 7.70
CA LYS A 126 -11.27 -2.05 7.35
C LYS A 126 -12.67 -1.54 7.01
N LEU A 127 -13.28 -2.12 5.99
CA LEU A 127 -14.61 -1.73 5.57
C LEU A 127 -14.63 -0.28 5.10
N MET A 1 -39.36 23.40 -1.99
CA MET A 1 -38.06 23.88 -2.44
C MET A 1 -37.45 22.93 -3.48
N GLU A 2 -37.02 23.50 -4.60
CA GLU A 2 -36.42 22.70 -5.67
C GLU A 2 -35.03 22.21 -5.27
N GLY A 3 -34.80 20.91 -5.41
CA GLY A 3 -33.51 20.34 -5.06
C GLY A 3 -33.16 19.15 -5.94
N LEU A 4 -31.86 18.90 -6.08
CA LEU A 4 -31.38 17.79 -6.90
C LEU A 4 -30.80 16.68 -6.02
N GLY A 5 -31.14 15.44 -6.35
CA GLY A 5 -30.64 14.31 -5.59
C GLY A 5 -29.17 14.02 -5.86
N PHE A 6 -28.83 12.75 -5.96
CA PHE A 6 -27.46 12.34 -6.22
C PHE A 6 -27.35 11.53 -7.50
N ALA A 7 -28.26 10.57 -7.65
CA ALA A 7 -28.28 9.72 -8.84
C ALA A 7 -26.94 9.01 -9.04
N ILE A 8 -26.31 8.63 -7.93
CA ILE A 8 -25.02 7.96 -7.97
C ILE A 8 -25.20 6.44 -7.97
N PRO A 9 -24.50 5.76 -8.89
CA PRO A 9 -24.56 4.30 -9.00
C PRO A 9 -23.89 3.60 -7.82
N ALA A 10 -23.75 2.28 -7.94
CA ALA A 10 -23.13 1.49 -6.88
C ALA A 10 -22.68 0.12 -7.41
N ASN A 11 -22.00 -0.64 -6.57
CA ASN A 11 -21.51 -1.96 -6.95
C ASN A 11 -22.28 -3.06 -6.22
N ASP A 12 -23.60 -3.05 -6.36
CA ASP A 12 -24.45 -4.04 -5.72
C ASP A 12 -25.70 -4.31 -6.55
N ALA A 13 -25.82 -5.52 -7.07
CA ALA A 13 -26.97 -5.91 -7.88
C ALA A 13 -28.20 -6.15 -7.01
N ILE A 14 -28.01 -6.85 -5.90
CA ILE A 14 -29.10 -7.16 -4.99
C ILE A 14 -28.58 -7.36 -3.56
N ASN A 15 -27.45 -8.05 -3.45
CA ASN A 15 -26.86 -8.32 -2.15
C ASN A 15 -25.56 -9.11 -2.30
N ILE A 16 -24.85 -9.30 -1.18
CA ILE A 16 -23.61 -10.04 -1.19
C ILE A 16 -23.39 -10.78 0.13
N ILE A 17 -22.98 -12.05 0.02
CA ILE A 17 -22.75 -12.86 1.20
C ILE A 17 -21.70 -12.24 2.11
N GLU A 18 -21.95 -12.24 3.41
CA GLU A 18 -21.02 -11.68 4.38
C GLU A 18 -21.48 -11.97 5.81
N GLN A 19 -21.72 -13.24 6.10
CA GLN A 19 -22.16 -13.65 7.42
C GLN A 19 -20.97 -13.91 8.34
N LEU A 20 -20.06 -14.77 7.88
CA LEU A 20 -18.87 -15.11 8.66
C LEU A 20 -19.25 -15.65 10.03
N GLU A 21 -18.25 -15.90 10.86
CA GLU A 21 -18.48 -16.40 12.21
C GLU A 21 -17.22 -16.28 13.07
N LYS A 22 -16.96 -15.08 13.56
CA LYS A 22 -15.80 -14.83 14.40
C LYS A 22 -16.21 -14.28 15.76
N ASN A 23 -15.28 -14.32 16.71
CA ASN A 23 -15.54 -13.83 18.05
C ASN A 23 -14.25 -13.40 18.74
N GLY A 24 -14.21 -12.16 19.21
CA GLY A 24 -13.04 -11.64 19.88
C GLY A 24 -12.00 -11.12 18.91
N LYS A 25 -11.88 -9.79 18.84
CA LYS A 25 -10.92 -9.16 17.94
C LYS A 25 -10.90 -7.65 18.15
N VAL A 26 -9.70 -7.07 18.17
CA VAL A 26 -9.55 -5.64 18.36
C VAL A 26 -8.69 -5.03 17.24
N THR A 27 -7.59 -5.69 16.92
CA THR A 27 -6.70 -5.21 15.87
C THR A 27 -6.53 -6.25 14.78
N ARG A 28 -6.95 -5.90 13.56
CA ARG A 28 -6.84 -6.81 12.43
C ARG A 28 -5.91 -6.24 11.36
N PRO A 29 -5.42 -7.11 10.47
CA PRO A 29 -4.52 -6.72 9.39
C PRO A 29 -5.23 -5.89 8.32
N ALA A 30 -4.49 -5.00 7.67
CA ALA A 30 -5.04 -4.17 6.62
C ALA A 30 -4.00 -3.84 5.56
N LEU A 31 -4.45 -3.25 4.45
CA LEU A 31 -3.56 -2.91 3.35
C LEU A 31 -4.26 -2.03 2.33
N GLY A 32 -5.19 -1.20 2.81
CA GLY A 32 -5.92 -0.33 1.92
C GLY A 32 -5.11 0.87 1.48
N ILE A 33 -4.05 0.62 0.72
CA ILE A 33 -3.18 1.68 0.22
C ILE A 33 -2.90 1.52 -1.27
N GLN A 34 -2.65 2.64 -1.94
CA GLN A 34 -2.37 2.62 -3.37
C GLN A 34 -1.01 3.24 -3.66
N MET A 35 -0.30 2.66 -4.62
CA MET A 35 1.02 3.16 -5.00
C MET A 35 1.22 3.07 -6.51
N VAL A 36 2.35 3.59 -6.98
CA VAL A 36 2.67 3.56 -8.41
C VAL A 36 4.18 3.56 -8.64
N ASN A 37 4.61 2.91 -9.71
CA ASN A 37 6.03 2.83 -10.05
C ASN A 37 6.59 4.22 -10.31
N LEU A 38 7.88 4.39 -10.01
CA LEU A 38 8.54 5.68 -10.22
C LEU A 38 8.32 6.18 -11.64
N SER A 39 8.45 5.27 -12.62
CA SER A 39 8.26 5.63 -14.02
C SER A 39 8.42 4.40 -14.91
N ASN A 40 7.73 3.33 -14.55
CA ASN A 40 7.80 2.08 -15.32
C ASN A 40 9.22 1.53 -15.33
N VAL A 41 9.97 1.82 -14.28
CA VAL A 41 11.35 1.34 -14.16
C VAL A 41 12.20 1.84 -15.33
N SER A 42 12.46 3.14 -15.36
CA SER A 42 13.26 3.74 -16.42
C SER A 42 14.44 4.51 -15.84
N THR A 43 15.44 4.76 -16.69
CA THR A 43 16.63 5.49 -16.26
C THR A 43 16.29 6.93 -15.91
N SER A 44 15.19 7.42 -16.47
CA SER A 44 14.76 8.79 -16.21
C SER A 44 14.39 9.00 -14.75
N ASP A 45 13.68 8.02 -14.19
CA ASP A 45 13.26 8.09 -12.79
C ASP A 45 14.46 7.94 -11.86
N ILE A 46 15.47 7.21 -12.32
CA ILE A 46 16.68 6.98 -11.53
C ILE A 46 17.36 8.31 -11.20
N ARG A 47 17.61 9.11 -12.23
CA ARG A 47 18.27 10.40 -12.06
C ARG A 47 17.35 11.38 -11.35
N ARG A 48 16.04 11.25 -11.58
CA ARG A 48 15.06 12.13 -10.97
C ARG A 48 14.86 11.77 -9.49
N LEU A 49 15.22 10.54 -9.13
CA LEU A 49 15.09 10.07 -7.76
C LEU A 49 16.16 10.68 -6.86
N ASN A 50 17.39 10.20 -7.02
CA ASN A 50 18.52 10.70 -6.23
C ASN A 50 19.79 9.95 -6.57
N ILE A 51 19.93 9.56 -7.82
CA ILE A 51 21.11 8.83 -8.28
C ILE A 51 21.43 7.67 -7.35
N PRO A 52 20.52 6.69 -7.29
CA PRO A 52 20.68 5.50 -6.45
C PRO A 52 21.79 4.59 -6.95
N SER A 53 21.88 3.40 -6.36
CA SER A 53 22.89 2.42 -6.74
C SER A 53 22.34 1.00 -6.69
N ASN A 54 21.82 0.62 -5.52
CA ASN A 54 21.26 -0.71 -5.33
C ASN A 54 19.74 -0.67 -5.45
N VAL A 55 19.16 0.51 -5.34
CA VAL A 55 17.72 0.68 -5.43
C VAL A 55 17.23 0.42 -6.86
N THR A 56 17.51 1.36 -7.76
CA THR A 56 17.10 1.23 -9.15
C THR A 56 15.58 1.24 -9.28
N SER A 57 15.00 2.43 -9.23
CA SER A 57 13.54 2.57 -9.33
C SER A 57 12.84 1.88 -8.17
N GLY A 58 11.51 1.96 -8.15
CA GLY A 58 10.75 1.35 -7.09
C GLY A 58 9.29 1.75 -7.12
N VAL A 59 8.67 1.81 -5.95
CA VAL A 59 7.26 2.19 -5.85
C VAL A 59 7.05 3.33 -4.87
N ILE A 60 6.04 4.15 -5.12
CA ILE A 60 5.74 5.29 -4.26
C ILE A 60 4.27 5.31 -3.87
N VAL A 61 4.01 5.52 -2.59
CA VAL A 61 2.64 5.56 -2.07
C VAL A 61 1.98 6.90 -2.39
N ARG A 62 0.79 6.85 -2.96
CA ARG A 62 0.05 8.05 -3.31
C ARG A 62 -0.60 8.67 -2.08
N SER A 63 -1.26 7.84 -1.28
CA SER A 63 -1.93 8.31 -0.08
C SER A 63 -2.61 7.15 0.64
N VAL A 64 -2.37 7.05 1.95
CA VAL A 64 -2.96 5.99 2.76
C VAL A 64 -4.32 6.41 3.31
N GLN A 65 -5.23 5.45 3.44
CA GLN A 65 -6.57 5.71 3.95
C GLN A 65 -6.61 5.56 5.46
N SER A 66 -7.31 6.48 6.12
CA SER A 66 -7.42 6.45 7.57
C SER A 66 -6.07 6.71 8.23
N ASN A 67 -5.11 7.14 7.43
CA ASN A 67 -3.76 7.42 7.94
C ASN A 67 -3.35 6.39 8.98
N MET A 68 -3.30 5.14 8.57
CA MET A 68 -2.91 4.05 9.47
C MET A 68 -1.42 4.14 9.82
N PRO A 69 -0.57 4.05 8.80
CA PRO A 69 0.88 4.11 8.97
C PRO A 69 1.35 5.51 9.37
N ALA A 70 0.57 6.52 9.01
CA ALA A 70 0.91 7.90 9.33
C ALA A 70 1.10 8.08 10.84
N ASN A 71 0.48 7.20 11.61
CA ASN A 71 0.58 7.27 13.07
C ASN A 71 2.04 7.24 13.51
N GLY A 72 2.90 6.66 12.68
CA GLY A 72 4.32 6.59 13.00
C GLY A 72 5.11 7.74 12.44
N HIS A 73 5.47 7.64 11.16
CA HIS A 73 6.25 8.70 10.50
C HIS A 73 6.53 8.33 9.05
N LEU A 74 5.64 8.76 8.15
CA LEU A 74 5.80 8.47 6.73
C LEU A 74 5.52 9.73 5.89
N GLU A 75 6.11 9.77 4.70
CA GLU A 75 5.94 10.90 3.80
C GLU A 75 4.80 10.64 2.82
N LYS A 76 4.18 11.72 2.34
CA LYS A 76 3.08 11.62 1.39
C LYS A 76 3.47 10.73 0.21
N TYR A 77 4.64 10.99 -0.36
CA TYR A 77 5.12 10.21 -1.50
C TYR A 77 5.54 8.81 -1.06
N ASP A 78 6.31 8.74 0.02
CA ASP A 78 6.77 7.46 0.54
C ASP A 78 7.34 6.59 -0.58
N VAL A 79 8.62 6.80 -0.89
CA VAL A 79 9.29 6.03 -1.94
C VAL A 79 9.83 4.71 -1.40
N ILE A 80 9.01 3.67 -1.46
CA ILE A 80 9.41 2.35 -0.97
C ILE A 80 10.21 1.60 -2.03
N THR A 81 11.34 1.03 -1.63
CA THR A 81 12.20 0.29 -2.54
C THR A 81 12.32 -1.17 -2.10
N LYS A 82 12.12 -1.42 -0.81
CA LYS A 82 12.21 -2.76 -0.27
C LYS A 82 10.93 -3.14 0.47
N VAL A 83 10.56 -4.41 0.39
CA VAL A 83 9.35 -4.91 1.04
C VAL A 83 9.53 -6.36 1.49
N ASP A 84 9.38 -6.58 2.79
CA ASP A 84 9.52 -7.92 3.35
C ASP A 84 10.99 -8.36 3.35
N ASP A 85 11.52 -8.61 2.15
CA ASP A 85 12.90 -9.04 2.02
C ASP A 85 13.30 -9.13 0.55
N LYS A 86 12.72 -8.26 -0.26
CA LYS A 86 13.00 -8.24 -1.70
C LYS A 86 12.76 -6.85 -2.29
N GLU A 87 13.37 -6.58 -3.43
CA GLU A 87 13.22 -5.30 -4.10
C GLU A 87 12.00 -5.30 -5.02
N ILE A 88 11.34 -4.16 -5.12
CA ILE A 88 10.16 -4.03 -5.97
C ILE A 88 10.39 -3.01 -7.08
N ALA A 89 9.37 -2.80 -7.90
CA ALA A 89 9.46 -1.84 -9.00
C ALA A 89 8.08 -1.26 -9.34
N SER A 90 7.06 -2.12 -9.34
CA SER A 90 5.71 -1.70 -9.65
C SER A 90 4.76 -2.02 -8.50
N SER A 91 3.84 -1.10 -8.23
CA SER A 91 2.87 -1.28 -7.15
C SER A 91 1.93 -2.45 -7.44
N THR A 92 1.54 -2.57 -8.71
CA THR A 92 0.64 -3.64 -9.13
C THR A 92 1.34 -4.99 -9.13
N ASP A 93 2.64 -4.98 -9.45
CA ASP A 93 3.42 -6.21 -9.49
C ASP A 93 3.64 -6.75 -8.09
N LEU A 94 4.06 -5.87 -7.18
CA LEU A 94 4.31 -6.28 -5.80
C LEU A 94 3.00 -6.63 -5.09
N GLN A 95 1.94 -5.88 -5.41
CA GLN A 95 0.63 -6.12 -4.80
C GLN A 95 0.07 -7.46 -5.24
N SER A 96 0.16 -7.76 -6.53
CA SER A 96 -0.34 -9.01 -7.07
C SER A 96 0.46 -10.20 -6.54
N ALA A 97 1.79 -10.05 -6.53
CA ALA A 97 2.65 -11.11 -6.04
C ALA A 97 2.38 -11.42 -4.57
N LEU A 98 2.25 -10.37 -3.77
CA LEU A 98 1.99 -10.53 -2.34
C LEU A 98 0.65 -11.19 -2.11
N TYR A 99 -0.38 -10.72 -2.81
CA TYR A 99 -1.72 -11.27 -2.68
C TYR A 99 -1.74 -12.75 -3.05
N ASN A 100 -0.73 -13.19 -3.79
CA ASN A 100 -0.62 -14.58 -4.21
C ASN A 100 0.21 -15.38 -3.22
N HIS A 101 1.51 -15.08 -3.17
CA HIS A 101 2.43 -15.78 -2.27
C HIS A 101 2.47 -15.09 -0.91
N SER A 102 2.61 -15.89 0.15
CA SER A 102 2.66 -15.35 1.50
C SER A 102 1.35 -14.67 1.87
N ILE A 103 0.32 -15.47 2.13
CA ILE A 103 -0.98 -14.95 2.50
C ILE A 103 -1.06 -14.66 3.98
N GLY A 104 -1.64 -13.51 4.33
CA GLY A 104 -1.77 -13.13 5.73
C GLY A 104 -0.43 -13.08 6.44
N ASP A 105 0.63 -12.94 5.67
CA ASP A 105 1.98 -12.87 6.23
C ASP A 105 2.36 -11.43 6.55
N THR A 106 3.23 -11.26 7.54
CA THR A 106 3.68 -9.94 7.95
C THR A 106 4.94 -9.52 7.21
N ILE A 107 4.94 -8.30 6.68
CA ILE A 107 6.09 -7.79 5.95
C ILE A 107 6.44 -6.37 6.39
N LYS A 108 7.64 -5.93 6.04
CA LYS A 108 8.10 -4.58 6.40
C LYS A 108 8.37 -3.75 5.14
N ILE A 109 7.96 -2.50 5.17
CA ILE A 109 8.16 -1.60 4.05
C ILE A 109 9.19 -0.52 4.37
N THR A 110 10.20 -0.40 3.53
CA THR A 110 11.26 0.59 3.72
C THR A 110 11.23 1.64 2.62
N TYR A 111 11.04 2.90 3.01
CA TYR A 111 11.00 3.99 2.05
C TYR A 111 12.06 5.04 2.38
N TYR A 112 12.36 5.89 1.41
CA TYR A 112 13.36 6.94 1.59
C TYR A 112 12.73 8.32 1.46
N ARG A 113 12.93 9.16 2.47
CA ARG A 113 12.39 10.51 2.47
C ARG A 113 13.47 11.54 2.79
N ASN A 114 13.78 12.38 1.82
CA ASN A 114 14.81 13.41 1.99
C ASN A 114 16.11 12.80 2.48
N GLY A 115 16.48 11.66 1.89
CA GLY A 115 17.71 11.00 2.28
C GLY A 115 17.62 10.36 3.65
N LYS A 116 16.40 10.25 4.17
CA LYS A 116 16.18 9.65 5.49
C LYS A 116 15.48 8.30 5.36
N GLU A 117 16.19 7.25 5.76
CA GLU A 117 15.63 5.90 5.69
C GLU A 117 14.58 5.69 6.77
N GLU A 118 13.39 5.27 6.36
CA GLU A 118 12.29 5.04 7.30
C GLU A 118 11.63 3.69 7.02
N THR A 119 11.65 2.81 8.01
CA THR A 119 11.04 1.49 7.88
C THR A 119 9.78 1.38 8.73
N THR A 120 8.84 0.55 8.27
CA THR A 120 7.59 0.35 9.00
C THR A 120 7.14 -1.10 8.91
N SER A 121 6.46 -1.56 9.97
CA SER A 121 5.98 -2.93 10.01
C SER A 121 4.48 -2.99 9.72
N ILE A 122 4.09 -3.77 8.72
CA ILE A 122 2.70 -3.92 8.35
C ILE A 122 2.35 -5.38 8.07
N LYS A 123 1.18 -5.81 8.53
CA LYS A 123 0.73 -7.17 8.32
C LYS A 123 -0.32 -7.24 7.23
N LEU A 124 -0.13 -8.15 6.28
CA LEU A 124 -1.08 -8.32 5.17
C LEU A 124 -2.35 -9.00 5.65
N ASN A 125 -3.49 -8.51 5.17
CA ASN A 125 -4.79 -9.07 5.55
C ASN A 125 -5.12 -10.27 4.67
N LYS A 126 -5.49 -11.37 5.32
CA LYS A 126 -5.84 -12.60 4.60
C LYS A 126 -7.34 -12.67 4.35
N LEU A 127 -7.71 -13.19 3.18
CA LEU A 127 -9.12 -13.31 2.81
C LEU A 127 -9.74 -14.54 3.47
N MET A 1 -63.04 -12.91 -3.24
CA MET A 1 -62.67 -13.90 -2.23
C MET A 1 -61.89 -15.05 -2.85
N GLU A 2 -60.89 -14.71 -3.67
CA GLU A 2 -60.07 -15.71 -4.33
C GLU A 2 -58.60 -15.32 -4.28
N GLY A 3 -57.76 -16.06 -5.00
CA GLY A 3 -56.34 -15.79 -5.02
C GLY A 3 -55.97 -14.75 -6.06
N LEU A 4 -54.89 -14.02 -5.79
CA LEU A 4 -54.43 -12.99 -6.72
C LEU A 4 -52.90 -12.89 -6.71
N GLY A 5 -52.36 -12.09 -7.61
CA GLY A 5 -50.91 -11.92 -7.70
C GLY A 5 -50.44 -10.69 -6.96
N PHE A 6 -49.27 -10.19 -7.36
CA PHE A 6 -48.70 -9.01 -6.73
C PHE A 6 -47.42 -8.56 -7.45
N ALA A 7 -46.53 -9.51 -7.71
CA ALA A 7 -45.28 -9.22 -8.39
C ALA A 7 -44.43 -8.24 -7.59
N ILE A 8 -43.16 -8.11 -7.98
CA ILE A 8 -42.24 -7.21 -7.30
C ILE A 8 -41.63 -6.22 -8.28
N PRO A 9 -41.62 -4.93 -7.89
CA PRO A 9 -41.06 -3.85 -8.72
C PRO A 9 -39.54 -3.93 -8.82
N ALA A 10 -38.95 -2.91 -9.42
CA ALA A 10 -37.50 -2.86 -9.57
C ALA A 10 -36.90 -1.68 -8.82
N ASN A 11 -37.29 -1.53 -7.56
CA ASN A 11 -36.80 -0.43 -6.72
C ASN A 11 -36.60 -0.89 -5.29
N ASP A 12 -35.35 -1.27 -4.97
CA ASP A 12 -35.03 -1.73 -3.63
C ASP A 12 -33.60 -1.33 -3.25
N ALA A 13 -33.48 -0.26 -2.47
CA ALA A 13 -32.17 0.24 -2.04
C ALA A 13 -31.66 -0.55 -0.84
N ILE A 14 -32.59 -1.12 -0.07
CA ILE A 14 -32.23 -1.90 1.11
C ILE A 14 -31.77 -0.99 2.24
N ASN A 15 -30.70 -0.25 1.99
CA ASN A 15 -30.16 0.66 2.99
C ASN A 15 -29.55 -0.11 4.16
N ILE A 16 -28.43 -0.78 3.90
CA ILE A 16 -27.74 -1.56 4.93
C ILE A 16 -27.54 -0.73 6.20
N ILE A 17 -28.27 -1.08 7.24
CA ILE A 17 -28.17 -0.37 8.51
C ILE A 17 -26.95 -0.84 9.30
N GLU A 18 -25.79 -0.28 8.98
CA GLU A 18 -24.56 -0.64 9.66
C GLU A 18 -24.32 0.23 10.89
N GLN A 19 -23.71 -0.33 11.91
CA GLN A 19 -23.43 0.40 13.14
C GLN A 19 -22.10 1.12 13.06
N LEU A 20 -21.05 0.39 12.68
CA LEU A 20 -19.72 0.96 12.55
C LEU A 20 -19.23 1.49 13.90
N GLU A 21 -18.11 2.21 13.87
CA GLU A 21 -17.53 2.77 15.09
C GLU A 21 -17.12 1.67 16.06
N LYS A 22 -15.82 1.38 16.07
CA LYS A 22 -15.28 0.34 16.95
C LYS A 22 -13.86 0.68 17.39
N ASN A 23 -13.59 0.48 18.68
CA ASN A 23 -12.27 0.77 19.22
C ASN A 23 -11.92 2.24 19.05
N GLY A 24 -10.74 2.62 19.54
CA GLY A 24 -10.30 4.00 19.43
C GLY A 24 -9.06 4.29 20.26
N LYS A 25 -8.01 4.75 19.60
CA LYS A 25 -6.77 5.07 20.29
C LYS A 25 -6.21 6.41 19.82
N VAL A 26 -5.01 6.74 20.28
CA VAL A 26 -4.36 8.00 19.90
C VAL A 26 -3.67 7.88 18.55
N THR A 27 -2.56 7.15 18.53
CA THR A 27 -1.80 6.95 17.30
C THR A 27 -1.86 5.50 16.83
N ARG A 28 -2.34 5.30 15.61
CA ARG A 28 -2.45 3.96 15.04
C ARG A 28 -1.59 3.82 13.80
N PRO A 29 -1.28 2.56 13.44
CA PRO A 29 -0.46 2.26 12.26
C PRO A 29 -1.18 2.58 10.95
N ALA A 30 -0.40 2.79 9.89
CA ALA A 30 -0.96 3.10 8.58
C ALA A 30 -0.08 2.56 7.46
N LEU A 31 -0.70 2.24 6.33
CA LEU A 31 0.02 1.70 5.19
C LEU A 31 -0.83 1.78 3.92
N GLY A 32 -1.74 2.74 3.87
CA GLY A 32 -2.60 2.90 2.72
C GLY A 32 -1.98 3.78 1.65
N ILE A 33 -1.05 3.21 0.89
CA ILE A 33 -0.39 3.96 -0.17
C ILE A 33 -0.42 3.19 -1.48
N GLN A 34 -0.36 3.92 -2.59
CA GLN A 34 -0.38 3.30 -3.92
C GLN A 34 1.02 3.29 -4.53
N MET A 35 1.40 2.15 -5.09
CA MET A 35 2.71 2.02 -5.72
C MET A 35 2.62 1.20 -7.01
N VAL A 36 3.71 1.17 -7.76
CA VAL A 36 3.75 0.42 -9.02
C VAL A 36 5.17 -0.01 -9.35
N ASN A 37 5.29 -1.15 -10.02
CA ASN A 37 6.60 -1.67 -10.42
C ASN A 37 7.33 -0.70 -11.32
N LEU A 38 8.65 -0.74 -11.30
CA LEU A 38 9.47 0.14 -12.13
C LEU A 38 9.02 0.09 -13.58
N SER A 39 8.61 -1.09 -14.02
CA SER A 39 8.14 -1.27 -15.39
C SER A 39 7.74 -2.73 -15.64
N ASN A 40 7.04 -3.30 -14.67
CA ASN A 40 6.58 -4.69 -14.79
C ASN A 40 7.75 -5.62 -15.09
N VAL A 41 8.93 -5.25 -14.61
CA VAL A 41 10.12 -6.06 -14.83
C VAL A 41 10.49 -6.11 -16.31
N SER A 42 10.63 -4.93 -16.92
CA SER A 42 10.98 -4.85 -18.33
C SER A 42 12.23 -3.98 -18.54
N THR A 43 12.69 -3.92 -19.78
CA THR A 43 13.87 -3.13 -20.11
C THR A 43 13.69 -1.67 -19.70
N SER A 44 12.45 -1.19 -19.77
CA SER A 44 12.15 0.19 -19.41
C SER A 44 12.45 0.45 -17.93
N ASP A 45 12.28 -0.58 -17.11
CA ASP A 45 12.55 -0.47 -15.68
C ASP A 45 14.04 -0.28 -15.42
N ILE A 46 14.86 -0.97 -16.20
CA ILE A 46 16.31 -0.87 -16.05
C ILE A 46 16.79 0.56 -16.26
N ARG A 47 16.37 1.15 -17.38
CA ARG A 47 16.76 2.52 -17.70
C ARG A 47 16.12 3.51 -16.75
N ARG A 48 14.97 3.14 -16.18
CA ARG A 48 14.26 4.00 -15.25
C ARG A 48 15.11 4.29 -14.02
N LEU A 49 15.81 3.27 -13.53
CA LEU A 49 16.66 3.41 -12.35
C LEU A 49 18.02 4.00 -12.73
N ASN A 50 18.87 3.17 -13.33
CA ASN A 50 20.19 3.62 -13.75
C ASN A 50 20.97 2.47 -14.38
N ILE A 51 21.49 1.58 -13.54
CA ILE A 51 22.27 0.44 -14.00
C ILE A 51 22.32 -0.66 -12.95
N PRO A 52 21.15 -1.24 -12.64
CA PRO A 52 21.03 -2.31 -11.65
C PRO A 52 21.66 -3.62 -12.13
N SER A 53 21.42 -4.70 -11.40
CA SER A 53 21.97 -6.00 -11.75
C SER A 53 21.54 -7.06 -10.73
N ASN A 54 21.62 -6.71 -9.45
CA ASN A 54 21.25 -7.62 -8.38
C ASN A 54 19.84 -7.31 -7.87
N VAL A 55 19.36 -6.11 -8.16
CA VAL A 55 18.04 -5.68 -7.72
C VAL A 55 16.95 -6.25 -8.63
N THR A 56 17.01 -5.88 -9.92
CA THR A 56 16.02 -6.36 -10.89
C THR A 56 14.63 -5.85 -10.56
N SER A 57 14.21 -4.80 -11.27
CA SER A 57 12.90 -4.21 -11.04
C SER A 57 12.79 -3.62 -9.65
N GLY A 58 11.66 -2.98 -9.36
CA GLY A 58 11.46 -2.38 -8.05
C GLY A 58 10.09 -1.75 -7.92
N VAL A 59 9.81 -1.21 -6.73
CA VAL A 59 8.52 -0.57 -6.48
C VAL A 59 8.69 0.93 -6.25
N ILE A 60 7.74 1.71 -6.76
CA ILE A 60 7.78 3.16 -6.61
C ILE A 60 6.45 3.70 -6.08
N VAL A 61 6.53 4.58 -5.09
CA VAL A 61 5.34 5.17 -4.51
C VAL A 61 4.84 6.35 -5.34
N ARG A 62 3.57 6.29 -5.73
CA ARG A 62 2.97 7.36 -6.52
C ARG A 62 2.61 8.56 -5.66
N SER A 63 2.19 8.29 -4.43
CA SER A 63 1.81 9.35 -3.50
C SER A 63 1.37 8.77 -2.15
N VAL A 64 2.00 9.25 -1.08
CA VAL A 64 1.66 8.78 0.25
C VAL A 64 0.49 9.56 0.84
N GLN A 65 -0.34 8.88 1.63
CA GLN A 65 -1.49 9.52 2.25
C GLN A 65 -1.15 10.04 3.65
N SER A 66 -1.56 11.28 3.93
CA SER A 66 -1.29 11.89 5.22
C SER A 66 0.20 12.15 5.40
N ASN A 67 0.96 11.98 4.33
CA ASN A 67 2.40 12.20 4.36
C ASN A 67 2.99 11.69 5.67
N MET A 68 2.83 10.40 5.93
CA MET A 68 3.35 9.79 7.15
C MET A 68 4.87 9.75 7.13
N PRO A 69 5.43 9.03 6.13
CA PRO A 69 6.88 8.89 5.97
C PRO A 69 7.54 10.19 5.54
N ALA A 70 6.77 11.06 4.90
CA ALA A 70 7.28 12.34 4.43
C ALA A 70 7.87 13.15 5.59
N ASN A 71 7.42 12.85 6.80
CA ASN A 71 7.91 13.55 7.98
C ASN A 71 9.43 13.44 8.10
N GLY A 72 9.99 12.40 7.50
CA GLY A 72 11.43 12.19 7.54
C GLY A 72 12.14 12.80 6.34
N HIS A 73 12.14 12.08 5.23
CA HIS A 73 12.78 12.56 4.01
C HIS A 73 12.64 11.55 2.89
N LEU A 74 11.61 11.72 2.08
CA LEU A 74 11.35 10.81 0.96
C LEU A 74 10.91 11.59 -0.28
N GLU A 75 11.26 11.06 -1.45
CA GLU A 75 10.91 11.70 -2.71
C GLU A 75 9.52 11.27 -3.17
N LYS A 76 8.87 12.12 -3.97
CA LYS A 76 7.54 11.83 -4.48
C LYS A 76 7.50 10.44 -5.12
N TYR A 77 8.54 10.11 -5.88
CA TYR A 77 8.61 8.83 -6.56
C TYR A 77 8.89 7.71 -5.56
N ASP A 78 9.86 7.93 -4.68
CA ASP A 78 10.22 6.94 -3.67
C ASP A 78 10.37 5.56 -4.29
N VAL A 79 11.56 5.28 -4.81
CA VAL A 79 11.83 3.99 -5.44
C VAL A 79 12.32 2.97 -4.41
N ILE A 80 11.39 2.29 -3.76
CA ILE A 80 11.72 1.29 -2.76
C ILE A 80 12.05 -0.05 -3.41
N THR A 81 13.17 -0.64 -3.01
CA THR A 81 13.61 -1.92 -3.55
C THR A 81 13.68 -2.98 -2.46
N LYS A 82 13.84 -2.54 -1.22
CA LYS A 82 13.93 -3.45 -0.09
C LYS A 82 12.90 -3.08 0.98
N VAL A 83 12.36 -4.10 1.65
CA VAL A 83 11.37 -3.88 2.69
C VAL A 83 11.50 -4.93 3.80
N ASP A 84 11.86 -4.47 5.00
CA ASP A 84 12.02 -5.35 6.14
C ASP A 84 12.97 -6.50 5.81
N ASP A 85 14.08 -6.18 5.16
CA ASP A 85 15.07 -7.18 4.78
C ASP A 85 14.47 -8.19 3.79
N LYS A 86 13.42 -7.76 3.08
CA LYS A 86 12.77 -8.61 2.11
C LYS A 86 12.88 -8.02 0.71
N GLU A 87 13.00 -8.90 -0.29
CA GLU A 87 13.12 -8.45 -1.67
C GLU A 87 11.73 -8.29 -2.31
N ILE A 88 11.53 -7.14 -2.97
CA ILE A 88 10.26 -6.85 -3.62
C ILE A 88 10.46 -6.42 -5.06
N ALA A 89 9.37 -6.09 -5.74
CA ALA A 89 9.42 -5.64 -7.12
C ALA A 89 8.11 -5.01 -7.55
N SER A 90 7.02 -5.75 -7.38
CA SER A 90 5.70 -5.26 -7.76
C SER A 90 4.93 -4.77 -6.53
N SER A 91 4.22 -3.66 -6.70
CA SER A 91 3.44 -3.08 -5.61
C SER A 91 2.30 -4.01 -5.20
N THR A 92 1.70 -4.66 -6.18
CA THR A 92 0.60 -5.59 -5.93
C THR A 92 1.09 -6.86 -5.25
N ASP A 93 2.30 -7.28 -5.59
CA ASP A 93 2.88 -8.49 -5.02
C ASP A 93 3.24 -8.27 -3.55
N LEU A 94 3.92 -7.16 -3.28
CA LEU A 94 4.33 -6.83 -1.91
C LEU A 94 3.11 -6.50 -1.05
N GLN A 95 2.12 -5.85 -1.65
CA GLN A 95 0.91 -5.47 -0.93
C GLN A 95 0.11 -6.71 -0.52
N SER A 96 -0.03 -7.65 -1.45
CA SER A 96 -0.78 -8.87 -1.19
C SER A 96 -0.05 -9.73 -0.16
N ALA A 97 1.26 -9.85 -0.31
CA ALA A 97 2.08 -10.65 0.60
C ALA A 97 1.99 -10.10 2.02
N LEU A 98 2.11 -8.78 2.15
CA LEU A 98 2.05 -8.13 3.45
C LEU A 98 0.67 -8.28 4.08
N TYR A 99 -0.37 -8.12 3.26
CA TYR A 99 -1.73 -8.24 3.74
C TYR A 99 -2.03 -9.69 4.16
N ASN A 100 -1.16 -10.61 3.77
CA ASN A 100 -1.33 -12.01 4.10
C ASN A 100 -0.55 -12.37 5.35
N HIS A 101 0.77 -12.20 5.28
CA HIS A 101 1.63 -12.51 6.43
C HIS A 101 2.13 -11.23 7.09
N SER A 102 2.48 -11.33 8.36
CA SER A 102 2.97 -10.19 9.12
C SER A 102 1.89 -9.12 9.23
N ILE A 103 0.86 -9.40 10.03
CA ILE A 103 -0.24 -8.46 10.22
C ILE A 103 0.08 -7.46 11.32
N GLY A 104 -0.12 -6.18 11.03
CA GLY A 104 0.15 -5.14 12.01
C GLY A 104 1.60 -5.13 12.45
N ASP A 105 2.47 -5.75 11.65
CA ASP A 105 3.89 -5.81 11.96
C ASP A 105 4.62 -4.59 11.41
N THR A 106 5.71 -4.21 12.07
CA THR A 106 6.49 -3.05 11.65
C THR A 106 7.59 -3.46 10.66
N ILE A 107 7.74 -2.69 9.60
CA ILE A 107 8.75 -2.96 8.59
C ILE A 107 9.52 -1.70 8.22
N LYS A 108 10.67 -1.88 7.57
CA LYS A 108 11.50 -0.75 7.16
C LYS A 108 11.57 -0.66 5.65
N ILE A 109 11.24 0.51 5.11
CA ILE A 109 11.27 0.74 3.67
C ILE A 109 12.53 1.49 3.25
N THR A 110 13.24 0.94 2.27
CA THR A 110 14.46 1.56 1.77
C THR A 110 14.34 1.91 0.30
N TYR A 111 14.37 3.21 0.01
CA TYR A 111 14.26 3.68 -1.36
C TYR A 111 15.51 4.47 -1.77
N TYR A 112 15.67 4.66 -3.08
CA TYR A 112 16.83 5.38 -3.59
C TYR A 112 16.39 6.49 -4.55
N ARG A 113 16.86 7.70 -4.29
CA ARG A 113 16.53 8.85 -5.12
C ARG A 113 17.77 9.49 -5.71
N ASN A 114 17.91 9.40 -7.03
CA ASN A 114 19.06 9.98 -7.72
C ASN A 114 20.36 9.44 -7.14
N GLY A 115 20.36 8.16 -6.79
CA GLY A 115 21.56 7.54 -6.22
C GLY A 115 21.72 7.88 -4.75
N LYS A 116 20.67 8.40 -4.14
CA LYS A 116 20.71 8.77 -2.72
C LYS A 116 19.97 7.73 -1.88
N GLU A 117 20.70 7.04 -1.02
CA GLU A 117 20.10 6.03 -0.15
C GLU A 117 19.28 6.68 0.96
N GLU A 118 18.00 6.33 1.03
CA GLU A 118 17.12 6.87 2.05
C GLU A 118 16.26 5.78 2.68
N THR A 119 16.40 5.61 3.99
CA THR A 119 15.64 4.59 4.71
C THR A 119 14.65 5.23 5.67
N THR A 120 13.50 4.58 5.85
CA THR A 120 12.47 5.08 6.75
C THR A 120 11.70 3.94 7.41
N SER A 121 11.25 4.17 8.64
CA SER A 121 10.50 3.15 9.38
C SER A 121 9.00 3.35 9.21
N ILE A 122 8.30 2.28 8.84
CA ILE A 122 6.85 2.35 8.65
C ILE A 122 6.18 1.12 9.25
N LYS A 123 5.13 1.36 10.04
CA LYS A 123 4.38 0.28 10.67
C LYS A 123 3.12 -0.05 9.87
N LEU A 124 2.91 -1.33 9.61
CA LEU A 124 1.74 -1.77 8.85
C LEU A 124 0.49 -1.74 9.73
N ASN A 125 -0.62 -1.35 9.14
CA ASN A 125 -1.89 -1.26 9.86
C ASN A 125 -2.61 -2.61 9.84
N LYS A 126 -3.12 -3.02 11.00
CA LYS A 126 -3.84 -4.29 11.11
C LYS A 126 -5.35 -4.06 11.08
N LEU A 127 -6.09 -5.07 10.63
CA LEU A 127 -7.55 -4.98 10.56
C LEU A 127 -8.20 -6.29 11.00
N MET A 1 2.56 0.58 35.76
CA MET A 1 1.81 -0.60 35.35
C MET A 1 0.62 -0.21 34.48
N GLU A 2 0.78 -0.35 33.17
CA GLU A 2 -0.29 -0.02 32.23
C GLU A 2 -1.37 -1.10 32.22
N GLY A 3 -2.42 -0.85 31.46
CA GLY A 3 -3.51 -1.82 31.38
C GLY A 3 -4.05 -1.97 29.96
N LEU A 4 -4.76 -0.95 29.50
CA LEU A 4 -5.33 -0.97 28.15
C LEU A 4 -6.21 -2.20 27.95
N GLY A 5 -7.49 -2.06 28.28
CA GLY A 5 -8.42 -3.16 28.13
C GLY A 5 -9.51 -3.16 29.19
N PHE A 6 -10.54 -2.35 28.95
CA PHE A 6 -11.65 -2.25 29.90
C PHE A 6 -12.82 -3.13 29.45
N ALA A 7 -13.30 -2.90 28.23
CA ALA A 7 -14.41 -3.67 27.68
C ALA A 7 -14.64 -3.32 26.22
N ILE A 8 -14.29 -4.24 25.33
CA ILE A 8 -14.46 -4.03 23.90
C ILE A 8 -15.23 -5.18 23.26
N PRO A 9 -16.23 -4.85 22.44
CA PRO A 9 -17.05 -5.84 21.75
C PRO A 9 -16.28 -6.59 20.67
N ALA A 10 -16.98 -7.42 19.91
CA ALA A 10 -16.37 -8.19 18.83
C ALA A 10 -17.25 -8.20 17.59
N ASN A 11 -16.92 -7.32 16.64
CA ASN A 11 -17.69 -7.22 15.40
C ASN A 11 -16.88 -7.78 14.23
N ASP A 12 -17.47 -7.76 13.04
CA ASP A 12 -16.82 -8.26 11.83
C ASP A 12 -16.44 -9.72 11.99
N ALA A 13 -17.36 -10.62 11.65
CA ALA A 13 -17.13 -12.05 11.75
C ALA A 13 -16.15 -12.52 10.69
N ILE A 14 -16.34 -12.05 9.46
CA ILE A 14 -15.47 -12.42 8.35
C ILE A 14 -15.46 -11.34 7.28
N ASN A 15 -16.62 -10.77 7.00
CA ASN A 15 -16.74 -9.72 6.00
C ASN A 15 -18.17 -9.21 5.91
N ILE A 16 -18.33 -7.99 5.42
CA ILE A 16 -19.64 -7.39 5.27
C ILE A 16 -19.78 -6.68 3.93
N ILE A 17 -19.84 -7.45 2.86
CA ILE A 17 -19.97 -6.90 1.52
C ILE A 17 -21.20 -6.00 1.42
N GLU A 18 -21.00 -4.79 0.89
CA GLU A 18 -22.09 -3.83 0.74
C GLU A 18 -21.61 -2.57 0.04
N GLN A 19 -20.83 -2.75 -1.03
CA GLN A 19 -20.31 -1.62 -1.79
C GLN A 19 -21.33 -1.11 -2.80
N LEU A 20 -21.82 -2.02 -3.63
CA LEU A 20 -22.81 -1.67 -4.65
C LEU A 20 -22.31 -0.53 -5.52
N GLU A 21 -21.57 -0.88 -6.57
CA GLU A 21 -21.02 0.11 -7.49
C GLU A 21 -20.43 -0.56 -8.73
N LYS A 22 -20.48 0.15 -9.86
CA LYS A 22 -19.94 -0.37 -11.11
C LYS A 22 -19.90 0.71 -12.18
N ASN A 23 -18.87 0.68 -13.01
CA ASN A 23 -18.71 1.66 -14.07
C ASN A 23 -17.51 1.32 -14.96
N GLY A 24 -17.54 1.80 -16.20
CA GLY A 24 -16.45 1.54 -17.13
C GLY A 24 -16.41 0.09 -17.57
N LYS A 25 -15.97 -0.14 -18.79
CA LYS A 25 -15.88 -1.49 -19.33
C LYS A 25 -14.73 -1.60 -20.33
N VAL A 26 -13.69 -0.79 -20.13
CA VAL A 26 -12.53 -0.79 -21.02
C VAL A 26 -11.26 -1.11 -20.24
N THR A 27 -11.10 -0.48 -19.08
CA THR A 27 -9.93 -0.70 -18.24
C THR A 27 -10.27 -1.55 -17.03
N ARG A 28 -9.44 -2.56 -16.76
CA ARG A 28 -9.66 -3.44 -15.63
C ARG A 28 -8.75 -3.07 -14.46
N PRO A 29 -9.11 -3.52 -13.26
CA PRO A 29 -8.34 -3.24 -12.03
C PRO A 29 -7.01 -3.98 -12.02
N ALA A 30 -6.09 -3.50 -11.18
CA ALA A 30 -4.77 -4.11 -11.07
C ALA A 30 -4.23 -3.96 -9.65
N LEU A 31 -3.39 -4.92 -9.25
CA LEU A 31 -2.79 -4.89 -7.92
C LEU A 31 -1.78 -6.02 -7.76
N GLY A 32 -1.11 -6.37 -8.85
CA GLY A 32 -0.12 -7.42 -8.80
C GLY A 32 1.30 -6.89 -8.80
N ILE A 33 1.63 -6.11 -7.77
CA ILE A 33 2.97 -5.54 -7.64
C ILE A 33 3.72 -6.16 -6.47
N GLN A 34 4.99 -6.46 -6.69
CA GLN A 34 5.84 -7.05 -5.64
C GLN A 34 6.79 -6.02 -5.06
N MET A 35 6.77 -5.89 -3.74
CA MET A 35 7.65 -4.94 -3.05
C MET A 35 8.34 -5.59 -1.86
N VAL A 36 9.18 -4.82 -1.18
CA VAL A 36 9.90 -5.33 -0.02
C VAL A 36 10.23 -4.21 0.95
N ASN A 37 10.25 -4.53 2.24
CA ASN A 37 10.54 -3.56 3.28
C ASN A 37 11.95 -2.99 3.11
N LEU A 38 12.13 -1.74 3.50
CA LEU A 38 13.43 -1.07 3.39
C LEU A 38 14.52 -1.94 4.02
N SER A 39 14.23 -2.52 5.17
CA SER A 39 15.19 -3.36 5.88
C SER A 39 14.57 -3.94 7.15
N ASN A 40 13.38 -4.52 7.01
CA ASN A 40 12.69 -5.12 8.14
C ASN A 40 12.41 -4.07 9.22
N VAL A 41 12.33 -2.81 8.81
CA VAL A 41 12.07 -1.72 9.75
C VAL A 41 13.19 -1.60 10.77
N SER A 42 14.35 -1.16 10.31
CA SER A 42 15.51 -1.00 11.20
C SER A 42 16.06 0.42 11.12
N THR A 43 16.83 0.80 12.12
CA THR A 43 17.42 2.14 12.17
C THR A 43 18.44 2.33 11.06
N SER A 44 18.97 1.22 10.55
CA SER A 44 19.96 1.27 9.49
C SER A 44 19.34 1.76 8.18
N ASP A 45 18.13 1.29 7.89
CA ASP A 45 17.42 1.68 6.68
C ASP A 45 17.01 3.15 6.76
N ILE A 46 16.78 3.65 7.97
CA ILE A 46 16.38 5.03 8.17
C ILE A 46 17.44 5.99 7.64
N ARG A 47 18.68 5.78 8.05
CA ARG A 47 19.78 6.63 7.61
C ARG A 47 20.08 6.41 6.13
N ARG A 48 19.90 5.18 5.67
CA ARG A 48 20.14 4.84 4.28
C ARG A 48 19.03 5.38 3.37
N LEU A 49 17.88 5.66 3.98
CA LEU A 49 16.74 6.18 3.23
C LEU A 49 16.96 7.65 2.87
N ASN A 50 16.76 8.53 3.85
CA ASN A 50 16.93 9.96 3.62
C ASN A 50 16.64 10.75 4.90
N ILE A 51 16.97 10.16 6.04
CA ILE A 51 16.73 10.80 7.33
C ILE A 51 15.31 11.33 7.43
N PRO A 52 14.34 10.42 7.45
CA PRO A 52 12.92 10.78 7.55
C PRO A 52 12.55 11.35 8.92
N SER A 53 11.26 11.51 9.15
CA SER A 53 10.78 12.05 10.42
C SER A 53 9.58 11.25 10.93
N ASN A 54 8.48 11.32 10.19
CA ASN A 54 7.26 10.61 10.56
C ASN A 54 7.14 9.29 9.78
N VAL A 55 7.89 9.19 8.70
CA VAL A 55 7.86 7.99 7.86
C VAL A 55 8.40 6.78 8.63
N THR A 56 9.71 6.75 8.83
CA THR A 56 10.36 5.65 9.54
C THR A 56 10.11 4.33 8.84
N SER A 57 11.04 3.94 7.97
CA SER A 57 10.93 2.69 7.23
C SER A 57 9.70 2.71 6.32
N GLY A 58 9.64 1.76 5.39
CA GLY A 58 8.52 1.69 4.48
C GLY A 58 8.62 0.51 3.53
N VAL A 59 8.07 0.68 2.33
CA VAL A 59 8.11 -0.38 1.32
C VAL A 59 8.57 0.16 -0.03
N ILE A 60 9.32 -0.66 -0.76
CA ILE A 60 9.82 -0.26 -2.07
C ILE A 60 9.53 -1.34 -3.11
N VAL A 61 9.02 -0.91 -4.26
CA VAL A 61 8.71 -1.83 -5.35
C VAL A 61 9.98 -2.39 -5.99
N ARG A 62 9.93 -3.67 -6.33
CA ARG A 62 11.08 -4.33 -6.94
C ARG A 62 10.64 -5.24 -8.09
N SER A 63 9.41 -5.05 -8.55
CA SER A 63 8.87 -5.86 -9.63
C SER A 63 7.49 -5.34 -10.06
N VAL A 64 7.45 -4.74 -11.26
CA VAL A 64 6.20 -4.20 -11.79
C VAL A 64 5.53 -5.19 -12.73
N GLN A 65 4.20 -5.19 -12.73
CA GLN A 65 3.44 -6.09 -13.59
C GLN A 65 3.15 -5.45 -14.93
N SER A 66 3.65 -6.07 -16.00
CA SER A 66 3.44 -5.55 -17.35
C SER A 66 4.09 -4.18 -17.51
N ASN A 67 4.94 -3.82 -16.55
CA ASN A 67 5.61 -2.53 -16.58
C ASN A 67 4.67 -1.43 -17.05
N MET A 68 3.41 -1.50 -16.64
CA MET A 68 2.41 -0.52 -17.02
C MET A 68 2.59 0.77 -16.23
N PRO A 69 2.44 0.68 -14.90
CA PRO A 69 2.59 1.83 -14.01
C PRO A 69 4.02 2.31 -13.90
N ALA A 70 4.96 1.37 -14.03
CA ALA A 70 6.39 1.71 -13.96
C ALA A 70 6.85 2.42 -15.21
N ASN A 71 6.00 2.41 -16.24
CA ASN A 71 6.34 3.07 -17.50
C ASN A 71 6.79 4.51 -17.27
N GLY A 72 6.29 5.11 -16.20
CA GLY A 72 6.66 6.48 -15.88
C GLY A 72 5.96 6.99 -14.63
N HIS A 73 4.73 6.55 -14.42
CA HIS A 73 3.96 6.97 -13.25
C HIS A 73 4.77 6.77 -11.97
N LEU A 74 5.59 5.72 -11.96
CA LEU A 74 6.42 5.42 -10.80
C LEU A 74 7.81 4.96 -11.21
N GLU A 75 8.78 5.11 -10.32
CA GLU A 75 10.15 4.71 -10.60
C GLU A 75 10.36 3.22 -10.33
N LYS A 76 11.42 2.67 -10.90
CA LYS A 76 11.73 1.26 -10.71
C LYS A 76 11.71 0.87 -9.24
N TYR A 77 12.40 1.67 -8.42
CA TYR A 77 12.46 1.42 -6.98
C TYR A 77 11.13 1.73 -6.32
N ASP A 78 10.58 2.90 -6.64
CA ASP A 78 9.29 3.33 -6.07
C ASP A 78 9.28 3.11 -4.56
N VAL A 79 9.79 4.09 -3.82
CA VAL A 79 9.83 4.01 -2.37
C VAL A 79 8.55 4.55 -1.75
N ILE A 80 7.56 3.66 -1.59
CA ILE A 80 6.28 4.05 -1.01
C ILE A 80 6.33 4.05 0.52
N THR A 81 5.81 5.10 1.13
CA THR A 81 5.80 5.21 2.58
C THR A 81 4.37 5.29 3.12
N LYS A 82 3.46 5.78 2.29
CA LYS A 82 2.06 5.91 2.67
C LYS A 82 1.14 5.18 1.69
N VAL A 83 0.06 4.59 2.19
CA VAL A 83 -0.88 3.88 1.36
C VAL A 83 -2.31 4.02 1.89
N ASP A 84 -3.20 4.54 1.06
CA ASP A 84 -4.59 4.73 1.46
C ASP A 84 -4.69 5.51 2.76
N ASP A 85 -3.86 6.53 2.90
CA ASP A 85 -3.85 7.36 4.10
C ASP A 85 -3.44 6.54 5.32
N LYS A 86 -2.63 5.51 5.09
CA LYS A 86 -2.17 4.65 6.17
C LYS A 86 -0.68 4.38 6.04
N GLU A 87 -0.01 4.23 7.19
CA GLU A 87 1.43 3.97 7.20
C GLU A 87 1.71 2.48 7.12
N ILE A 88 2.78 2.11 6.41
CA ILE A 88 3.15 0.72 6.25
C ILE A 88 4.62 0.51 6.61
N ALA A 89 5.07 -0.74 6.49
CA ALA A 89 6.46 -1.08 6.80
C ALA A 89 6.94 -2.25 5.95
N SER A 90 6.08 -3.26 5.80
CA SER A 90 6.41 -4.45 5.02
C SER A 90 5.42 -4.64 3.88
N SER A 91 5.93 -5.05 2.72
CA SER A 91 5.09 -5.28 1.55
C SER A 91 4.12 -6.42 1.80
N THR A 92 4.57 -7.44 2.52
CA THR A 92 3.74 -8.59 2.82
C THR A 92 2.66 -8.25 3.84
N ASP A 93 3.00 -7.36 4.77
CA ASP A 93 2.05 -6.93 5.80
C ASP A 93 0.93 -6.10 5.20
N LEU A 94 1.30 -5.11 4.39
CA LEU A 94 0.33 -4.24 3.75
C LEU A 94 -0.49 -4.99 2.71
N GLN A 95 0.17 -5.91 2.01
CA GLN A 95 -0.50 -6.71 0.98
C GLN A 95 -1.53 -7.64 1.61
N SER A 96 -1.15 -8.30 2.70
CA SER A 96 -2.04 -9.22 3.39
C SER A 96 -3.23 -8.48 4.00
N ALA A 97 -2.94 -7.37 4.66
CA ALA A 97 -3.97 -6.56 5.29
C ALA A 97 -4.98 -6.05 4.26
N LEU A 98 -4.47 -5.55 3.14
CA LEU A 98 -5.33 -5.04 2.08
C LEU A 98 -6.20 -6.14 1.49
N TYR A 99 -5.58 -7.28 1.19
CA TYR A 99 -6.29 -8.41 0.63
C TYR A 99 -7.22 -9.04 1.65
N ASN A 100 -7.07 -8.63 2.91
CA ASN A 100 -7.90 -9.15 3.99
C ASN A 100 -9.15 -8.30 4.18
N HIS A 101 -8.95 -7.00 4.40
CA HIS A 101 -10.05 -6.08 4.60
C HIS A 101 -10.18 -5.12 3.42
N SER A 102 -11.41 -4.68 3.15
CA SER A 102 -11.66 -3.77 2.04
C SER A 102 -11.32 -4.43 0.70
N ILE A 103 -12.22 -5.26 0.20
CA ILE A 103 -12.01 -5.94 -1.07
C ILE A 103 -12.44 -5.07 -2.24
N GLY A 104 -11.63 -5.06 -3.29
CA GLY A 104 -11.93 -4.27 -4.46
C GLY A 104 -12.01 -2.78 -4.16
N ASP A 105 -11.48 -2.39 -3.00
CA ASP A 105 -11.49 -0.99 -2.60
C ASP A 105 -10.37 -0.21 -3.27
N THR A 106 -10.59 1.08 -3.45
CA THR A 106 -9.58 1.94 -4.08
C THR A 106 -8.65 2.57 -3.05
N ILE A 107 -7.36 2.55 -3.34
CA ILE A 107 -6.36 3.11 -2.43
C ILE A 107 -5.38 3.99 -3.18
N LYS A 108 -4.65 4.82 -2.44
CA LYS A 108 -3.67 5.72 -3.03
C LYS A 108 -2.26 5.38 -2.55
N ILE A 109 -1.31 5.34 -3.48
CA ILE A 109 0.07 5.04 -3.16
C ILE A 109 0.95 6.27 -3.25
N THR A 110 1.67 6.57 -2.18
CA THR A 110 2.56 7.73 -2.14
C THR A 110 4.01 7.31 -1.99
N TYR A 111 4.81 7.57 -3.02
CA TYR A 111 6.22 7.21 -3.01
C TYR A 111 7.09 8.42 -3.36
N TYR A 112 8.38 8.31 -3.07
CA TYR A 112 9.32 9.39 -3.35
C TYR A 112 10.52 8.87 -4.14
N ARG A 113 10.94 9.65 -5.14
CA ARG A 113 12.09 9.26 -5.97
C ARG A 113 13.11 10.40 -6.03
N ASN A 114 14.29 10.15 -5.46
CA ASN A 114 15.36 11.14 -5.46
C ASN A 114 14.86 12.46 -4.87
N GLY A 115 14.06 12.37 -3.81
CA GLY A 115 13.54 13.57 -3.18
C GLY A 115 12.37 14.17 -3.95
N LYS A 116 11.82 13.39 -4.88
CA LYS A 116 10.69 13.85 -5.69
C LYS A 116 9.40 13.18 -5.25
N GLU A 117 8.55 13.93 -4.55
CA GLU A 117 7.27 13.40 -4.09
C GLU A 117 6.34 13.11 -5.25
N GLU A 118 5.82 11.88 -5.31
CA GLU A 118 4.91 11.48 -6.37
C GLU A 118 3.90 10.45 -5.86
N THR A 119 2.62 10.71 -6.12
CA THR A 119 1.56 9.82 -5.70
C THR A 119 0.64 9.45 -6.86
N THR A 120 -0.01 8.30 -6.75
CA THR A 120 -0.92 7.84 -7.79
C THR A 120 -2.08 7.05 -7.20
N SER A 121 -3.24 7.14 -7.85
CA SER A 121 -4.43 6.44 -7.39
C SER A 121 -4.59 5.10 -8.11
N ILE A 122 -4.72 4.04 -7.34
CA ILE A 122 -4.89 2.71 -7.91
C ILE A 122 -5.96 1.92 -7.17
N LYS A 123 -6.75 1.15 -7.91
CA LYS A 123 -7.81 0.34 -7.32
C LYS A 123 -7.45 -1.15 -7.37
N LEU A 124 -7.57 -1.82 -6.22
CA LEU A 124 -7.26 -3.24 -6.14
C LEU A 124 -8.35 -4.08 -6.80
N ASN A 125 -7.96 -5.15 -7.48
CA ASN A 125 -8.90 -6.02 -8.16
C ASN A 125 -9.50 -7.03 -7.17
N LYS A 126 -10.81 -7.16 -7.20
CA LYS A 126 -11.52 -8.08 -6.31
C LYS A 126 -11.72 -9.44 -6.99
N LEU A 127 -11.84 -10.48 -6.18
CA LEU A 127 -12.04 -11.83 -6.71
C LEU A 127 -10.87 -12.24 -7.60
N MET A 1 -16.25 11.61 25.17
CA MET A 1 -15.67 10.51 24.45
C MET A 1 -14.41 10.00 25.14
N GLU A 2 -13.94 8.82 24.73
CA GLU A 2 -12.75 8.22 25.32
C GLU A 2 -12.87 8.13 26.83
N GLY A 3 -11.78 7.75 27.49
CA GLY A 3 -11.79 7.63 28.94
C GLY A 3 -11.98 6.20 29.40
N LEU A 4 -11.51 5.91 30.61
CA LEU A 4 -11.62 4.57 31.17
C LEU A 4 -12.78 4.49 32.16
N GLY A 5 -13.74 3.62 31.88
CA GLY A 5 -14.87 3.46 32.76
C GLY A 5 -15.97 2.60 32.15
N PHE A 6 -16.17 2.73 30.84
CA PHE A 6 -17.19 1.97 30.14
C PHE A 6 -16.62 0.63 29.65
N ALA A 7 -15.39 0.68 29.14
CA ALA A 7 -14.74 -0.53 28.63
C ALA A 7 -15.51 -1.12 27.46
N ILE A 8 -14.94 -2.15 26.85
CA ILE A 8 -15.58 -2.81 25.72
C ILE A 8 -16.20 -4.14 26.12
N PRO A 9 -17.45 -4.36 25.71
CA PRO A 9 -18.19 -5.58 26.02
C PRO A 9 -17.62 -6.79 25.28
N ALA A 10 -18.28 -7.94 25.44
CA ALA A 10 -17.86 -9.17 24.79
C ALA A 10 -19.02 -9.84 24.07
N ASN A 11 -19.69 -9.09 23.20
CA ASN A 11 -20.83 -9.60 22.45
C ASN A 11 -20.62 -9.40 20.95
N ASP A 12 -20.05 -10.40 20.28
CA ASP A 12 -19.80 -10.33 18.86
C ASP A 12 -19.68 -11.73 18.25
N ALA A 13 -20.71 -12.14 17.51
CA ALA A 13 -20.71 -13.46 16.88
C ALA A 13 -19.91 -13.44 15.58
N ILE A 14 -20.12 -12.41 14.77
CA ILE A 14 -19.43 -12.27 13.50
C ILE A 14 -19.63 -13.51 12.63
N ASN A 15 -20.75 -13.55 11.93
CA ASN A 15 -21.07 -14.68 11.05
C ASN A 15 -22.07 -14.27 9.98
N ILE A 16 -21.58 -13.58 8.95
CA ILE A 16 -22.43 -13.14 7.86
C ILE A 16 -21.84 -13.52 6.51
N ILE A 17 -22.69 -13.59 5.49
CA ILE A 17 -22.25 -13.96 4.15
C ILE A 17 -22.46 -12.80 3.18
N GLU A 18 -21.37 -12.25 2.67
CA GLU A 18 -21.43 -11.15 1.72
C GLU A 18 -20.04 -10.73 1.28
N GLN A 19 -19.66 -11.12 0.06
CA GLN A 19 -18.35 -10.80 -0.48
C GLN A 19 -18.36 -9.42 -1.13
N LEU A 20 -19.30 -9.22 -2.06
CA LEU A 20 -19.42 -7.95 -2.76
C LEU A 20 -20.58 -7.97 -3.74
N GLU A 21 -20.67 -6.94 -4.58
CA GLU A 21 -21.74 -6.85 -5.57
C GLU A 21 -21.17 -6.83 -6.98
N LYS A 22 -22.03 -6.58 -7.96
CA LYS A 22 -21.63 -6.53 -9.35
C LYS A 22 -21.33 -5.10 -9.78
N ASN A 23 -20.51 -4.95 -10.82
CA ASN A 23 -20.15 -3.63 -11.33
C ASN A 23 -19.47 -3.74 -12.69
N GLY A 24 -19.12 -2.59 -13.27
CA GLY A 24 -18.47 -2.58 -14.56
C GLY A 24 -18.48 -1.22 -15.21
N LYS A 25 -17.33 -0.78 -15.71
CA LYS A 25 -17.21 0.52 -16.36
C LYS A 25 -16.15 0.49 -17.44
N VAL A 26 -15.83 1.67 -17.98
CA VAL A 26 -14.81 1.78 -19.02
C VAL A 26 -13.44 1.39 -18.50
N THR A 27 -12.90 2.21 -17.61
CA THR A 27 -11.58 1.95 -17.03
C THR A 27 -11.68 1.02 -15.82
N ARG A 28 -10.74 0.09 -15.72
CA ARG A 28 -10.72 -0.86 -14.63
C ARG A 28 -9.46 -0.69 -13.78
N PRO A 29 -9.51 -1.21 -12.55
CA PRO A 29 -8.38 -1.13 -11.61
C PRO A 29 -7.21 -2.01 -12.04
N ALA A 30 -6.03 -1.71 -11.51
CA ALA A 30 -4.83 -2.47 -11.82
C ALA A 30 -3.87 -2.52 -10.65
N LEU A 31 -3.08 -3.58 -10.56
CA LEU A 31 -2.12 -3.75 -9.48
C LEU A 31 -0.95 -4.62 -9.92
N GLY A 32 -0.70 -4.65 -11.22
CA GLY A 32 0.39 -5.46 -11.75
C GLY A 32 1.72 -4.71 -11.74
N ILE A 33 2.40 -4.74 -10.61
CA ILE A 33 3.68 -4.06 -10.46
C ILE A 33 4.65 -4.89 -9.64
N GLN A 34 5.95 -4.73 -9.92
CA GLN A 34 6.98 -5.48 -9.22
C GLN A 34 7.73 -4.56 -8.25
N MET A 35 7.87 -5.01 -7.01
CA MET A 35 8.56 -4.24 -5.99
C MET A 35 9.39 -5.15 -5.08
N VAL A 36 10.29 -4.55 -4.31
CA VAL A 36 11.15 -5.30 -3.41
C VAL A 36 11.60 -4.44 -2.23
N ASN A 37 11.78 -5.09 -1.08
CA ASN A 37 12.21 -4.38 0.13
C ASN A 37 13.56 -3.72 -0.08
N LEU A 38 13.78 -2.60 0.61
CA LEU A 38 15.04 -1.87 0.50
C LEU A 38 16.24 -2.81 0.70
N SER A 39 16.15 -3.66 1.71
CA SER A 39 17.21 -4.60 2.01
C SER A 39 16.86 -5.46 3.22
N ASN A 40 15.65 -6.03 3.21
CA ASN A 40 15.19 -6.87 4.30
C ASN A 40 15.11 -6.08 5.61
N VAL A 41 14.52 -4.89 5.54
CA VAL A 41 14.39 -4.03 6.71
C VAL A 41 15.62 -4.13 7.61
N SER A 42 16.69 -3.46 7.20
CA SER A 42 17.94 -3.48 7.96
C SER A 42 18.41 -2.06 8.25
N THR A 43 19.53 -1.96 8.98
CA THR A 43 20.09 -0.65 9.32
C THR A 43 20.48 0.13 8.07
N SER A 44 20.79 -0.60 7.00
CA SER A 44 21.19 0.03 5.75
C SER A 44 20.05 0.87 5.18
N ASP A 45 18.84 0.34 5.23
CA ASP A 45 17.67 1.05 4.73
C ASP A 45 17.45 2.36 5.48
N ILE A 46 17.82 2.37 6.76
CA ILE A 46 17.66 3.55 7.59
C ILE A 46 18.48 4.72 7.04
N ARG A 47 19.76 4.46 6.79
CA ARG A 47 20.65 5.49 6.25
C ARG A 47 20.29 5.83 4.81
N ARG A 48 19.76 4.84 4.09
CA ARG A 48 19.37 5.05 2.70
C ARG A 48 18.29 6.12 2.59
N LEU A 49 17.57 6.35 3.69
CA LEU A 49 16.51 7.35 3.70
C LEU A 49 17.02 8.66 4.30
N ASN A 50 17.15 8.69 5.62
CA ASN A 50 17.62 9.89 6.30
C ASN A 50 17.68 9.66 7.81
N ILE A 51 16.53 9.74 8.47
CA ILE A 51 16.45 9.54 9.91
C ILE A 51 15.05 9.10 10.32
N PRO A 52 14.64 7.90 9.88
CA PRO A 52 13.31 7.35 10.20
C PRO A 52 13.19 6.95 11.67
N SER A 53 12.12 6.24 12.00
CA SER A 53 11.89 5.81 13.37
C SER A 53 10.59 5.00 13.47
N ASN A 54 9.55 5.49 12.80
CA ASN A 54 8.26 4.82 12.81
C ASN A 54 8.07 3.99 11.54
N VAL A 55 8.87 4.28 10.53
CA VAL A 55 8.78 3.57 9.25
C VAL A 55 9.84 2.46 9.18
N THR A 56 11.10 2.87 9.17
CA THR A 56 12.21 1.92 9.11
C THR A 56 12.14 1.10 7.82
N SER A 57 12.94 1.48 6.83
CA SER A 57 12.97 0.79 5.55
C SER A 57 11.60 0.81 4.88
N GLY A 58 11.48 0.10 3.77
CA GLY A 58 10.21 0.04 3.06
C GLY A 58 10.30 -0.76 1.78
N VAL A 59 9.47 -0.43 0.80
CA VAL A 59 9.46 -1.13 -0.47
C VAL A 59 9.75 -0.17 -1.62
N ILE A 60 10.31 -0.72 -2.70
CA ILE A 60 10.64 0.08 -3.88
C ILE A 60 10.10 -0.56 -5.15
N VAL A 61 9.47 0.25 -6.00
CA VAL A 61 8.92 -0.25 -7.26
C VAL A 61 9.96 -0.22 -8.36
N ARG A 62 10.23 -1.38 -8.95
CA ARG A 62 11.21 -1.50 -10.02
C ARG A 62 10.73 -0.76 -11.28
N SER A 63 9.44 -0.93 -11.59
CA SER A 63 8.86 -0.29 -12.76
C SER A 63 7.39 -0.64 -12.90
N VAL A 64 6.55 0.39 -13.09
CA VAL A 64 5.11 0.18 -13.24
C VAL A 64 4.75 -0.12 -14.69
N GLN A 65 3.73 -0.95 -14.87
CA GLN A 65 3.27 -1.32 -16.20
C GLN A 65 2.29 -0.30 -16.75
N SER A 66 2.45 0.05 -18.02
CA SER A 66 1.58 1.03 -18.66
C SER A 66 1.78 2.41 -18.06
N ASN A 67 2.82 2.55 -17.25
CA ASN A 67 3.12 3.83 -16.61
C ASN A 67 1.85 4.54 -16.17
N MET A 68 0.99 3.82 -15.46
CA MET A 68 -0.27 4.37 -14.97
C MET A 68 -0.02 5.52 -14.00
N PRO A 69 0.69 5.22 -12.90
CA PRO A 69 1.02 6.21 -11.88
C PRO A 69 2.02 7.25 -12.37
N ALA A 70 2.84 6.86 -13.33
CA ALA A 70 3.84 7.75 -13.89
C ALA A 70 3.21 9.02 -14.43
N ASN A 71 1.93 8.95 -14.78
CA ASN A 71 1.21 10.10 -15.31
C ASN A 71 1.24 11.26 -14.31
N GLY A 72 1.45 10.94 -13.04
CA GLY A 72 1.50 11.97 -12.02
C GLY A 72 2.91 12.48 -11.77
N HIS A 73 3.66 11.74 -10.97
CA HIS A 73 5.04 12.11 -10.66
C HIS A 73 5.68 11.09 -9.72
N LEU A 74 6.36 10.11 -10.31
CA LEU A 74 7.02 9.07 -9.52
C LEU A 74 8.38 8.72 -10.13
N GLU A 75 9.33 8.38 -9.26
CA GLU A 75 10.68 8.03 -9.71
C GLU A 75 10.75 6.55 -10.09
N LYS A 76 11.74 6.22 -10.91
CA LYS A 76 11.92 4.84 -11.35
C LYS A 76 11.94 3.88 -10.16
N TYR A 77 12.69 4.23 -9.14
CA TYR A 77 12.80 3.41 -7.93
C TYR A 77 11.50 3.46 -7.12
N ASP A 78 10.99 4.67 -6.91
CA ASP A 78 9.77 4.87 -6.16
C ASP A 78 9.81 4.11 -4.84
N VAL A 79 10.38 4.74 -3.81
CA VAL A 79 10.48 4.12 -2.50
C VAL A 79 9.23 4.36 -1.67
N ILE A 80 8.28 3.45 -1.75
CA ILE A 80 7.04 3.57 -1.01
C ILE A 80 7.20 3.07 0.43
N THR A 81 6.78 3.89 1.38
CA THR A 81 6.88 3.54 2.79
C THR A 81 5.50 3.47 3.45
N LYS A 82 4.49 4.00 2.75
CA LYS A 82 3.13 4.00 3.26
C LYS A 82 2.18 3.36 2.26
N VAL A 83 1.17 2.65 2.77
CA VAL A 83 0.20 1.99 1.92
C VAL A 83 -1.19 1.97 2.58
N ASP A 84 -2.12 2.72 1.99
CA ASP A 84 -3.48 2.78 2.53
C ASP A 84 -3.47 3.12 4.02
N ASP A 85 -2.63 4.08 4.40
CA ASP A 85 -2.52 4.50 5.79
C ASP A 85 -1.99 3.36 6.65
N LYS A 86 -1.16 2.50 6.06
CA LYS A 86 -0.59 1.37 6.79
C LYS A 86 0.93 1.34 6.62
N GLU A 87 1.60 0.67 7.55
CA GLU A 87 3.05 0.56 7.51
C GLU A 87 3.48 -0.64 6.68
N ILE A 88 4.49 -0.44 5.83
CA ILE A 88 5.00 -1.51 4.98
C ILE A 88 6.47 -1.77 5.25
N ALA A 89 7.05 -2.70 4.50
CA ALA A 89 8.46 -3.05 4.65
C ALA A 89 8.92 -4.00 3.55
N SER A 90 8.03 -4.91 3.16
CA SER A 90 8.35 -5.89 2.12
C SER A 90 7.28 -5.88 1.03
N SER A 91 7.72 -6.01 -0.22
CA SER A 91 6.80 -6.02 -1.35
C SER A 91 5.88 -7.22 -1.29
N THR A 92 6.41 -8.35 -0.84
CA THR A 92 5.63 -9.57 -0.74
C THR A 92 4.64 -9.50 0.42
N ASP A 93 5.03 -8.82 1.48
CA ASP A 93 4.18 -8.68 2.66
C ASP A 93 2.98 -7.77 2.35
N LEU A 94 3.25 -6.62 1.74
CA LEU A 94 2.20 -5.68 1.39
C LEU A 94 1.33 -6.23 0.27
N GLN A 95 1.95 -6.94 -0.66
CA GLN A 95 1.22 -7.52 -1.78
C GLN A 95 0.27 -8.62 -1.31
N SER A 96 0.77 -9.48 -0.43
CA SER A 96 -0.03 -10.58 0.10
C SER A 96 -1.18 -10.06 0.96
N ALA A 97 -0.86 -9.09 1.83
CA ALA A 97 -1.86 -8.50 2.71
C ALA A 97 -2.97 -7.83 1.91
N LEU A 98 -2.58 -7.07 0.89
CA LEU A 98 -3.54 -6.37 0.04
C LEU A 98 -4.43 -7.36 -0.71
N TYR A 99 -3.81 -8.35 -1.34
CA TYR A 99 -4.53 -9.36 -2.09
C TYR A 99 -5.30 -10.28 -1.16
N ASN A 100 -5.02 -10.18 0.14
CA ASN A 100 -5.68 -11.00 1.14
C ASN A 100 -6.94 -10.32 1.66
N HIS A 101 -6.78 -9.10 2.16
CA HIS A 101 -7.90 -8.33 2.70
C HIS A 101 -8.22 -7.14 1.80
N SER A 102 -9.50 -6.77 1.74
CA SER A 102 -9.93 -5.64 0.92
C SER A 102 -9.68 -5.93 -0.56
N ILE A 103 -10.61 -6.64 -1.19
CA ILE A 103 -10.49 -6.97 -2.61
C ILE A 103 -11.01 -5.83 -3.48
N GLY A 104 -10.26 -5.51 -4.53
CA GLY A 104 -10.66 -4.45 -5.43
C GLY A 104 -10.82 -3.12 -4.73
N ASP A 105 -10.23 -3.00 -3.55
CA ASP A 105 -10.31 -1.77 -2.76
C ASP A 105 -9.25 -0.77 -3.21
N THR A 106 -9.54 0.52 -3.05
CA THR A 106 -8.61 1.56 -3.43
C THR A 106 -7.69 1.94 -2.29
N ILE A 107 -6.40 2.07 -2.58
CA ILE A 107 -5.42 2.43 -1.57
C ILE A 107 -4.53 3.58 -2.04
N LYS A 108 -3.84 4.21 -1.10
CA LYS A 108 -2.96 5.34 -1.42
C LYS A 108 -1.51 4.96 -1.16
N ILE A 109 -0.67 5.19 -2.16
CA ILE A 109 0.76 4.88 -2.06
C ILE A 109 1.57 6.15 -1.78
N THR A 110 2.40 6.09 -0.74
CA THR A 110 3.24 7.22 -0.37
C THR A 110 4.71 6.86 -0.41
N TYR A 111 5.45 7.50 -1.31
CA TYR A 111 6.88 7.23 -1.45
C TYR A 111 7.69 8.51 -1.28
N TYR A 112 9.01 8.38 -1.30
CA TYR A 112 9.89 9.53 -1.12
C TYR A 112 11.05 9.47 -2.12
N ARG A 113 11.40 10.63 -2.68
CA ARG A 113 12.49 10.70 -3.65
C ARG A 113 13.40 11.90 -3.33
N ASN A 114 14.64 11.60 -2.95
CA ASN A 114 15.61 12.64 -2.62
C ASN A 114 15.04 13.61 -1.60
N GLY A 115 14.39 13.06 -0.57
CA GLY A 115 13.81 13.90 0.47
C GLY A 115 12.56 14.61 0.00
N LYS A 116 12.02 14.17 -1.13
CA LYS A 116 10.81 14.78 -1.68
C LYS A 116 9.62 13.84 -1.55
N GLU A 117 8.73 14.14 -0.60
CA GLU A 117 7.55 13.33 -0.37
C GLU A 117 6.61 13.40 -1.57
N GLU A 118 6.08 12.24 -1.96
CA GLU A 118 5.16 12.17 -3.09
C GLU A 118 4.07 11.12 -2.84
N THR A 119 2.81 11.55 -2.96
CA THR A 119 1.68 10.67 -2.74
C THR A 119 0.88 10.49 -4.03
N THR A 120 0.33 9.28 -4.22
CA THR A 120 -0.47 8.97 -5.40
C THR A 120 -1.58 7.99 -5.07
N SER A 121 -2.69 8.11 -5.79
CA SER A 121 -3.84 7.23 -5.57
C SER A 121 -3.81 6.06 -6.56
N ILE A 122 -3.93 4.84 -6.02
CA ILE A 122 -3.93 3.64 -6.85
C ILE A 122 -5.00 2.66 -6.40
N LYS A 123 -5.79 2.18 -7.36
CA LYS A 123 -6.85 1.22 -7.07
C LYS A 123 -6.41 -0.19 -7.39
N LEU A 124 -6.63 -1.10 -6.44
CA LEU A 124 -6.25 -2.50 -6.62
C LEU A 124 -7.25 -3.22 -7.52
N ASN A 125 -6.74 -4.10 -8.37
CA ASN A 125 -7.59 -4.86 -9.28
C ASN A 125 -8.14 -6.11 -8.61
N LYS A 126 -9.43 -6.36 -8.80
CA LYS A 126 -10.08 -7.52 -8.21
C LYS A 126 -10.09 -8.69 -9.19
N LEU A 127 -10.14 -9.91 -8.66
CA LEU A 127 -10.15 -11.11 -9.48
C LEU A 127 -11.44 -11.21 -10.27
N MET A 1 -11.48 2.79 45.57
CA MET A 1 -12.83 3.33 45.40
C MET A 1 -13.12 3.65 43.93
N GLU A 2 -13.19 2.61 43.11
CA GLU A 2 -13.46 2.78 41.69
C GLU A 2 -14.33 1.64 41.16
N GLY A 3 -14.60 1.67 39.86
CA GLY A 3 -15.41 0.63 39.24
C GLY A 3 -15.73 0.93 37.79
N LEU A 4 -15.30 0.03 36.91
CA LEU A 4 -15.54 0.20 35.48
C LEU A 4 -15.59 -1.15 34.76
N GLY A 5 -16.33 -1.21 33.66
CA GLY A 5 -16.44 -2.45 32.91
C GLY A 5 -17.64 -2.46 31.98
N PHE A 6 -17.39 -2.67 30.70
CA PHE A 6 -18.45 -2.69 29.71
C PHE A 6 -18.36 -3.95 28.85
N ALA A 7 -17.28 -4.05 28.07
CA ALA A 7 -17.07 -5.20 27.20
C ALA A 7 -18.18 -5.30 26.15
N ILE A 8 -17.89 -4.84 24.94
CA ILE A 8 -18.86 -4.88 23.85
C ILE A 8 -18.50 -5.95 22.83
N PRO A 9 -19.49 -6.76 22.43
CA PRO A 9 -19.29 -7.83 21.46
C PRO A 9 -19.04 -7.30 20.04
N ALA A 10 -18.98 -8.21 19.08
CA ALA A 10 -18.75 -7.82 17.69
C ALA A 10 -19.50 -8.75 16.73
N ASN A 11 -20.51 -8.20 16.06
CA ASN A 11 -21.31 -8.98 15.12
C ASN A 11 -22.36 -8.10 14.45
N ASP A 12 -22.04 -7.59 13.27
CA ASP A 12 -22.94 -6.73 12.52
C ASP A 12 -22.65 -6.79 11.03
N ALA A 13 -23.57 -7.39 10.28
CA ALA A 13 -23.40 -7.52 8.83
C ALA A 13 -23.81 -6.24 8.12
N ILE A 14 -24.71 -5.48 8.73
CA ILE A 14 -25.18 -4.22 8.16
C ILE A 14 -26.12 -4.48 6.98
N ASN A 15 -25.61 -5.15 5.95
CA ASN A 15 -26.39 -5.46 4.77
C ASN A 15 -25.60 -6.32 3.79
N ILE A 16 -26.25 -6.76 2.73
CA ILE A 16 -25.61 -7.59 1.72
C ILE A 16 -25.99 -7.16 0.31
N ILE A 17 -25.51 -5.99 -0.09
CA ILE A 17 -25.80 -5.45 -1.42
C ILE A 17 -24.94 -6.13 -2.48
N GLU A 18 -25.58 -6.85 -3.40
CA GLU A 18 -24.87 -7.55 -4.46
C GLU A 18 -25.47 -7.19 -5.83
N GLN A 19 -24.73 -6.37 -6.58
CA GLN A 19 -25.19 -5.95 -7.90
C GLN A 19 -24.75 -6.95 -8.97
N LEU A 20 -23.58 -7.55 -8.77
CA LEU A 20 -23.04 -8.52 -9.71
C LEU A 20 -22.77 -7.87 -11.06
N GLU A 21 -21.50 -7.61 -11.35
CA GLU A 21 -21.10 -6.99 -12.61
C GLU A 21 -19.69 -7.41 -13.00
N LYS A 22 -19.52 -7.75 -14.28
CA LYS A 22 -18.21 -8.16 -14.78
C LYS A 22 -18.15 -8.03 -16.30
N ASN A 23 -17.10 -8.57 -16.89
CA ASN A 23 -16.92 -8.52 -18.34
C ASN A 23 -16.77 -7.08 -18.81
N GLY A 24 -16.27 -6.90 -20.03
CA GLY A 24 -16.07 -5.57 -20.58
C GLY A 24 -14.61 -5.25 -20.83
N LYS A 25 -14.03 -4.47 -19.92
CA LYS A 25 -12.62 -4.08 -20.05
C LYS A 25 -11.73 -5.30 -20.19
N VAL A 26 -10.54 -5.10 -20.74
CA VAL A 26 -9.59 -6.18 -20.94
C VAL A 26 -8.68 -6.34 -19.73
N THR A 27 -7.89 -5.31 -19.45
CA THR A 27 -6.98 -5.33 -18.32
C THR A 27 -7.67 -4.89 -17.03
N ARG A 28 -7.75 -5.81 -16.07
CA ARG A 28 -8.39 -5.51 -14.79
C ARG A 28 -7.36 -5.05 -13.77
N PRO A 29 -7.84 -4.27 -12.77
CA PRO A 29 -6.98 -3.74 -11.71
C PRO A 29 -6.50 -4.83 -10.76
N ALA A 30 -5.36 -4.57 -10.11
CA ALA A 30 -4.79 -5.53 -9.18
C ALA A 30 -4.04 -4.82 -8.05
N LEU A 31 -3.87 -5.50 -6.92
CA LEU A 31 -3.18 -4.94 -5.78
C LEU A 31 -2.57 -6.03 -4.92
N GLY A 32 -2.26 -7.17 -5.54
CA GLY A 32 -1.68 -8.28 -4.80
C GLY A 32 -0.19 -8.12 -4.61
N ILE A 33 0.20 -7.36 -3.58
CA ILE A 33 1.60 -7.13 -3.27
C ILE A 33 1.84 -7.10 -1.78
N GLN A 34 2.99 -7.62 -1.36
CA GLN A 34 3.35 -7.65 0.06
C GLN A 34 4.47 -6.66 0.36
N MET A 35 4.23 -5.80 1.33
CA MET A 35 5.22 -4.80 1.72
C MET A 35 5.30 -4.68 3.25
N VAL A 36 6.43 -4.17 3.73
CA VAL A 36 6.63 -4.00 5.17
C VAL A 36 7.43 -2.73 5.46
N ASN A 37 7.12 -2.10 6.60
CA ASN A 37 7.81 -0.87 6.99
C ASN A 37 9.30 -1.13 7.21
N LEU A 38 10.11 -0.12 6.95
CA LEU A 38 11.56 -0.24 7.12
C LEU A 38 11.89 -0.78 8.50
N SER A 39 11.23 -0.26 9.52
CA SER A 39 11.46 -0.68 10.89
C SER A 39 10.53 0.03 11.85
N ASN A 40 9.24 0.07 11.52
CA ASN A 40 8.25 0.74 12.35
C ASN A 40 8.53 2.23 12.45
N VAL A 41 9.12 2.79 11.40
CA VAL A 41 9.44 4.21 11.37
C VAL A 41 10.40 4.58 12.49
N SER A 42 11.68 4.24 12.31
CA SER A 42 12.70 4.53 13.30
C SER A 42 13.80 5.40 12.70
N THR A 43 14.56 6.05 13.57
CA THR A 43 15.66 6.92 13.14
C THR A 43 16.77 6.11 12.47
N SER A 44 16.82 4.82 12.79
CA SER A 44 17.83 3.94 12.22
C SER A 44 17.62 3.76 10.72
N ASP A 45 16.36 3.73 10.31
CA ASP A 45 16.02 3.57 8.90
C ASP A 45 16.24 4.87 8.13
N ILE A 46 16.10 5.99 8.82
CA ILE A 46 16.30 7.30 8.20
C ILE A 46 17.70 7.44 7.64
N ARG A 47 18.71 7.17 8.48
CA ARG A 47 20.09 7.26 8.07
C ARG A 47 20.46 6.14 7.10
N ARG A 48 19.98 4.94 7.39
CA ARG A 48 20.26 3.79 6.53
C ARG A 48 19.60 3.95 5.17
N LEU A 49 18.59 4.82 5.11
CA LEU A 49 17.87 5.07 3.86
C LEU A 49 18.65 6.03 2.97
N ASN A 50 18.59 7.32 3.30
CA ASN A 50 19.29 8.34 2.53
C ASN A 50 19.03 9.72 3.11
N ILE A 51 19.02 9.82 4.44
CA ILE A 51 18.79 11.08 5.12
C ILE A 51 17.79 11.94 4.35
N PRO A 52 16.53 11.49 4.29
CA PRO A 52 15.46 12.21 3.60
C PRO A 52 15.07 13.50 4.30
N SER A 53 13.96 14.10 3.87
CA SER A 53 13.49 15.34 4.47
C SER A 53 12.08 15.17 5.03
N ASN A 54 11.10 15.05 4.13
CA ASN A 54 9.71 14.88 4.55
C ASN A 54 9.30 13.42 4.47
N VAL A 55 10.07 12.63 3.74
CA VAL A 55 9.79 11.20 3.58
C VAL A 55 9.76 10.50 4.93
N THR A 56 10.94 10.32 5.52
CA THR A 56 11.06 9.66 6.82
C THR A 56 10.53 8.22 6.76
N SER A 57 11.45 7.26 6.68
CA SER A 57 11.08 5.86 6.61
C SER A 57 10.16 5.60 5.42
N GLY A 58 9.72 4.35 5.28
CA GLY A 58 8.84 3.99 4.19
C GLY A 58 8.50 2.51 4.17
N VAL A 59 8.02 2.03 3.03
CA VAL A 59 7.65 0.62 2.89
C VAL A 59 8.46 -0.05 1.79
N ILE A 60 8.73 -1.34 1.95
CA ILE A 60 9.49 -2.09 0.96
C ILE A 60 8.74 -3.35 0.55
N VAL A 61 8.67 -3.60 -0.76
CA VAL A 61 8.00 -4.77 -1.28
C VAL A 61 8.91 -5.99 -1.25
N ARG A 62 8.42 -7.06 -0.62
CA ARG A 62 9.20 -8.30 -0.51
C ARG A 62 9.23 -9.04 -1.84
N SER A 63 8.14 -8.92 -2.61
CA SER A 63 8.04 -9.59 -3.91
C SER A 63 6.70 -9.28 -4.56
N VAL A 64 6.71 -9.18 -5.89
CA VAL A 64 5.48 -8.90 -6.64
C VAL A 64 4.96 -10.17 -7.31
N GLN A 65 3.64 -10.25 -7.41
CA GLN A 65 3.00 -11.41 -8.03
C GLN A 65 2.66 -11.12 -9.49
N SER A 66 2.96 -12.08 -10.36
CA SER A 66 2.70 -11.92 -11.79
C SER A 66 3.56 -10.82 -12.40
N ASN A 67 4.53 -10.36 -11.62
CA ASN A 67 5.44 -9.30 -12.07
C ASN A 67 4.68 -8.26 -12.90
N MET A 68 3.68 -7.64 -12.30
CA MET A 68 2.89 -6.62 -12.98
C MET A 68 3.71 -5.36 -13.22
N PRO A 69 4.19 -4.75 -12.13
CA PRO A 69 4.99 -3.52 -12.19
C PRO A 69 6.38 -3.77 -12.77
N ALA A 70 6.84 -5.02 -12.66
CA ALA A 70 8.15 -5.39 -13.18
C ALA A 70 8.27 -5.07 -14.66
N ASN A 71 7.14 -4.99 -15.34
CA ASN A 71 7.12 -4.69 -16.77
C ASN A 71 7.84 -3.38 -17.06
N GLY A 72 7.89 -2.50 -16.06
CA GLY A 72 8.56 -1.22 -16.22
C GLY A 72 10.00 -1.26 -15.79
N HIS A 73 10.24 -1.11 -14.48
CA HIS A 73 11.59 -1.13 -13.95
C HIS A 73 11.56 -0.94 -12.43
N LEU A 74 11.53 -2.05 -11.71
CA LEU A 74 11.51 -2.01 -10.25
C LEU A 74 12.49 -3.03 -9.65
N GLU A 75 12.98 -2.74 -8.45
CA GLU A 75 13.92 -3.62 -7.78
C GLU A 75 13.18 -4.62 -6.88
N LYS A 76 13.84 -5.74 -6.59
CA LYS A 76 13.25 -6.77 -5.74
C LYS A 76 12.73 -6.17 -4.44
N TYR A 77 13.53 -5.30 -3.84
CA TYR A 77 13.15 -4.65 -2.58
C TYR A 77 12.05 -3.61 -2.82
N ASP A 78 12.25 -2.78 -3.82
CA ASP A 78 11.27 -1.75 -4.16
C ASP A 78 10.86 -0.97 -2.91
N VAL A 79 11.63 0.05 -2.56
CA VAL A 79 11.35 0.86 -1.39
C VAL A 79 10.46 2.05 -1.75
N ILE A 80 9.16 1.87 -1.60
CA ILE A 80 8.20 2.92 -1.90
C ILE A 80 8.06 3.89 -0.73
N THR A 81 8.14 5.19 -1.03
CA THR A 81 8.01 6.22 -0.01
C THR A 81 6.82 7.12 -0.27
N LYS A 82 6.39 7.18 -1.53
CA LYS A 82 5.25 8.01 -1.92
C LYS A 82 4.21 7.17 -2.64
N VAL A 83 2.93 7.49 -2.42
CA VAL A 83 1.83 6.78 -3.06
C VAL A 83 0.66 7.71 -3.34
N ASP A 84 0.32 7.84 -4.63
CA ASP A 84 -0.79 8.70 -5.02
C ASP A 84 -0.42 10.17 -4.87
N ASP A 85 -0.30 10.62 -3.62
CA ASP A 85 0.04 12.00 -3.34
C ASP A 85 0.11 12.24 -1.83
N LYS A 86 0.55 11.24 -1.09
CA LYS A 86 0.67 11.34 0.36
C LYS A 86 1.88 10.57 0.86
N GLU A 87 2.33 10.91 2.07
CA GLU A 87 3.48 10.24 2.67
C GLU A 87 3.05 9.00 3.43
N ILE A 88 3.79 7.90 3.23
CA ILE A 88 3.48 6.64 3.90
C ILE A 88 4.62 6.23 4.83
N ALA A 89 4.46 5.07 5.47
CA ALA A 89 5.48 4.56 6.38
C ALA A 89 5.32 3.06 6.58
N SER A 90 4.09 2.60 6.69
CA SER A 90 3.80 1.19 6.90
C SER A 90 2.87 0.66 5.80
N SER A 91 3.13 -0.56 5.35
CA SER A 91 2.32 -1.18 4.31
C SER A 91 0.86 -1.28 4.75
N THR A 92 0.65 -1.51 6.04
CA THR A 92 -0.68 -1.63 6.59
C THR A 92 -1.40 -0.28 6.62
N ASP A 93 -0.62 0.78 6.85
CA ASP A 93 -1.18 2.12 6.91
C ASP A 93 -1.63 2.59 5.53
N LEU A 94 -0.76 2.40 4.53
CA LEU A 94 -1.06 2.80 3.17
C LEU A 94 -2.16 1.91 2.57
N GLN A 95 -2.12 0.64 2.92
CA GLN A 95 -3.11 -0.32 2.43
C GLN A 95 -4.50 -0.01 2.98
N SER A 96 -4.56 0.27 4.28
CA SER A 96 -5.83 0.57 4.94
C SER A 96 -6.39 1.89 4.42
N ALA A 97 -5.54 2.90 4.32
CA ALA A 97 -5.94 4.21 3.84
C ALA A 97 -6.49 4.14 2.42
N LEU A 98 -5.77 3.42 1.55
CA LEU A 98 -6.18 3.27 0.17
C LEU A 98 -7.52 2.54 0.07
N TYR A 99 -7.63 1.41 0.75
CA TYR A 99 -8.85 0.62 0.74
C TYR A 99 -9.96 1.33 1.51
N ASN A 100 -9.59 2.38 2.24
CA ASN A 100 -10.57 3.15 3.00
C ASN A 100 -11.17 4.27 2.16
N HIS A 101 -10.31 5.10 1.60
CA HIS A 101 -10.76 6.22 0.76
C HIS A 101 -10.39 5.99 -0.70
N SER A 102 -11.24 6.46 -1.60
CA SER A 102 -11.01 6.29 -3.04
C SER A 102 -11.00 4.81 -3.42
N ILE A 103 -12.18 4.27 -3.71
CA ILE A 103 -12.32 2.87 -4.09
C ILE A 103 -12.08 2.69 -5.58
N GLY A 104 -11.31 1.67 -5.93
CA GLY A 104 -11.02 1.40 -7.33
C GLY A 104 -10.34 2.57 -8.02
N ASP A 105 -9.76 3.46 -7.22
CA ASP A 105 -9.07 4.63 -7.76
C ASP A 105 -7.65 4.28 -8.16
N THR A 106 -7.12 5.00 -9.15
CA THR A 106 -5.76 4.76 -9.62
C THR A 106 -4.75 5.62 -8.87
N ILE A 107 -3.63 5.02 -8.48
CA ILE A 107 -2.59 5.73 -7.76
C ILE A 107 -1.21 5.43 -8.34
N LYS A 108 -0.24 6.27 -7.99
CA LYS A 108 1.13 6.08 -8.48
C LYS A 108 2.08 5.79 -7.33
N ILE A 109 2.99 4.85 -7.53
CA ILE A 109 3.95 4.47 -6.51
C ILE A 109 5.37 4.91 -6.91
N THR A 110 6.01 5.66 -6.03
CA THR A 110 7.36 6.15 -6.28
C THR A 110 8.35 5.58 -5.26
N TYR A 111 9.27 4.75 -5.73
CA TYR A 111 10.28 4.14 -4.86
C TYR A 111 11.68 4.57 -5.26
N TYR A 112 12.66 4.16 -4.47
CA TYR A 112 14.06 4.50 -4.74
C TYR A 112 14.95 3.28 -4.64
N ARG A 113 15.88 3.15 -5.59
CA ARG A 113 16.79 2.01 -5.61
C ARG A 113 18.22 2.48 -5.89
N ASN A 114 19.10 2.32 -4.89
CA ASN A 114 20.49 2.71 -5.03
C ASN A 114 20.60 4.21 -5.32
N GLY A 115 19.59 4.97 -4.90
CA GLY A 115 19.59 6.40 -5.13
C GLY A 115 18.94 6.77 -6.45
N LYS A 116 18.23 5.83 -7.05
CA LYS A 116 17.56 6.06 -8.33
C LYS A 116 16.05 6.11 -8.15
N GLU A 117 15.46 7.26 -8.42
CA GLU A 117 14.02 7.44 -8.29
C GLU A 117 13.28 6.75 -9.44
N GLU A 118 12.22 6.03 -9.10
CA GLU A 118 11.43 5.31 -10.10
C GLU A 118 9.95 5.36 -9.76
N THR A 119 9.15 5.90 -10.66
CA THR A 119 7.70 6.01 -10.44
C THR A 119 6.94 5.10 -11.40
N THR A 120 5.82 4.56 -10.93
CA THR A 120 5.00 3.67 -11.73
C THR A 120 3.51 3.91 -11.47
N SER A 121 2.69 3.69 -12.50
CA SER A 121 1.26 3.88 -12.38
C SER A 121 0.55 2.54 -12.19
N ILE A 122 -0.23 2.44 -11.11
CA ILE A 122 -0.96 1.22 -10.81
C ILE A 122 -2.38 1.53 -10.35
N LYS A 123 -3.33 0.73 -10.82
CA LYS A 123 -4.73 0.92 -10.46
C LYS A 123 -5.18 -0.13 -9.45
N LEU A 124 -5.81 0.32 -8.37
CA LEU A 124 -6.29 -0.59 -7.33
C LEU A 124 -7.61 -1.24 -7.74
N ASN A 125 -7.77 -2.51 -7.40
CA ASN A 125 -8.98 -3.25 -7.73
C ASN A 125 -10.05 -3.03 -6.66
N LYS A 126 -11.27 -2.71 -7.10
CA LYS A 126 -12.38 -2.48 -6.20
C LYS A 126 -13.18 -3.76 -5.98
N LEU A 127 -13.82 -3.86 -4.82
CA LEU A 127 -14.63 -5.03 -4.49
C LEU A 127 -15.54 -4.76 -3.30
N MET A 1 -50.76 30.59 -8.77
CA MET A 1 -49.31 30.59 -9.00
C MET A 1 -48.58 29.89 -7.86
N GLU A 2 -48.22 28.63 -8.08
CA GLU A 2 -47.51 27.85 -7.08
C GLU A 2 -47.10 26.49 -7.63
N GLY A 3 -46.47 25.69 -6.77
CA GLY A 3 -46.03 24.36 -7.20
C GLY A 3 -45.17 23.68 -6.15
N LEU A 4 -44.93 22.39 -6.34
CA LEU A 4 -44.11 21.62 -5.41
C LEU A 4 -43.78 20.24 -5.98
N GLY A 5 -42.65 19.68 -5.55
CA GLY A 5 -42.26 18.38 -6.04
C GLY A 5 -40.74 18.20 -6.05
N PHE A 6 -40.28 17.02 -5.69
CA PHE A 6 -38.85 16.73 -5.66
C PHE A 6 -38.59 15.22 -5.79
N ALA A 7 -38.98 14.47 -4.77
CA ALA A 7 -38.80 13.03 -4.77
C ALA A 7 -37.32 12.66 -4.83
N ILE A 8 -36.73 12.41 -3.67
CA ILE A 8 -35.32 12.04 -3.59
C ILE A 8 -35.12 10.79 -2.76
N PRO A 9 -34.32 9.84 -3.29
CA PRO A 9 -34.03 8.58 -2.61
C PRO A 9 -33.15 8.77 -1.37
N ALA A 10 -32.74 7.66 -0.77
CA ALA A 10 -31.89 7.71 0.41
C ALA A 10 -30.80 6.65 0.35
N ASN A 11 -30.43 6.25 -0.86
CA ASN A 11 -29.40 5.24 -1.05
C ASN A 11 -29.77 3.94 -0.35
N ASP A 12 -28.85 2.97 -0.38
CA ASP A 12 -29.08 1.68 0.26
C ASP A 12 -30.41 1.07 -0.20
N ALA A 13 -30.38 0.42 -1.36
CA ALA A 13 -31.58 -0.21 -1.90
C ALA A 13 -31.93 -1.47 -1.13
N ILE A 14 -30.92 -2.26 -0.77
CA ILE A 14 -31.12 -3.49 -0.03
C ILE A 14 -30.50 -3.41 1.36
N ASN A 15 -29.38 -2.70 1.47
CA ASN A 15 -28.70 -2.53 2.74
C ASN A 15 -28.09 -3.85 3.20
N ILE A 16 -27.07 -4.30 2.49
CA ILE A 16 -26.39 -5.55 2.83
C ILE A 16 -26.02 -5.59 4.30
N ILE A 17 -26.51 -6.62 5.01
CA ILE A 17 -26.22 -6.77 6.42
C ILE A 17 -25.18 -7.86 6.66
N GLU A 18 -24.25 -8.00 5.72
CA GLU A 18 -23.20 -9.01 5.83
C GLU A 18 -21.91 -8.38 6.34
N GLN A 19 -21.65 -8.54 7.63
CA GLN A 19 -20.45 -7.99 8.26
C GLN A 19 -19.27 -8.95 8.07
N LEU A 20 -19.54 -10.24 8.18
CA LEU A 20 -18.51 -11.26 8.03
C LEU A 20 -17.34 -11.00 8.99
N GLU A 21 -17.47 -11.49 10.21
CA GLU A 21 -16.43 -11.31 11.22
C GLU A 21 -16.50 -12.41 12.28
N LYS A 22 -15.34 -12.90 12.69
CA LYS A 22 -15.25 -13.95 13.70
C LYS A 22 -13.80 -14.24 14.07
N ASN A 23 -13.56 -14.47 15.36
CA ASN A 23 -12.23 -14.77 15.85
C ASN A 23 -11.29 -13.59 15.58
N GLY A 24 -10.08 -13.67 16.15
CA GLY A 24 -9.11 -12.61 15.97
C GLY A 24 -8.05 -12.61 17.05
N LYS A 25 -6.90 -13.19 16.74
CA LYS A 25 -5.79 -13.25 17.69
C LYS A 25 -4.49 -13.66 16.99
N VAL A 26 -3.38 -13.59 17.73
CA VAL A 26 -2.09 -13.96 17.17
C VAL A 26 -1.69 -13.02 16.04
N THR A 27 -0.39 -13.01 15.72
CA THR A 27 0.12 -12.16 14.66
C THR A 27 -0.01 -12.83 13.30
N ARG A 28 -0.78 -12.21 12.41
CA ARG A 28 -0.99 -12.76 11.07
C ARG A 28 -0.47 -11.80 10.01
N PRO A 29 -0.22 -12.33 8.79
CA PRO A 29 0.28 -11.54 7.67
C PRO A 29 -0.75 -10.56 7.14
N ALA A 30 -0.28 -9.46 6.55
CA ALA A 30 -1.16 -8.44 6.00
C ALA A 30 -0.52 -7.77 4.79
N LEU A 31 -1.37 -7.30 3.88
CA LEU A 31 -0.90 -6.63 2.67
C LEU A 31 -1.85 -5.52 2.25
N GLY A 32 -2.63 -5.02 3.21
CA GLY A 32 -3.57 -3.96 2.92
C GLY A 32 -2.95 -2.58 3.06
N ILE A 33 -2.30 -2.12 2.01
CA ILE A 33 -1.65 -0.80 2.02
C ILE A 33 -1.83 -0.09 0.69
N GLN A 34 -1.87 1.23 0.74
CA GLN A 34 -2.03 2.04 -0.47
C GLN A 34 -0.72 2.70 -0.87
N MET A 35 -0.33 2.51 -2.14
CA MET A 35 0.90 3.09 -2.65
C MET A 35 0.71 3.63 -4.06
N VAL A 36 1.67 4.43 -4.52
CA VAL A 36 1.60 5.01 -5.86
C VAL A 36 2.99 5.31 -6.40
N ASN A 37 3.15 5.21 -7.71
CA ASN A 37 4.42 5.47 -8.36
C ASN A 37 4.89 6.90 -8.11
N LEU A 38 6.20 7.11 -8.15
CA LEU A 38 6.77 8.43 -7.93
C LEU A 38 6.08 9.48 -8.80
N SER A 39 5.76 9.09 -10.03
CA SER A 39 5.11 9.99 -10.98
C SER A 39 4.91 9.32 -12.33
N ASN A 40 4.39 8.10 -12.30
CA ASN A 40 4.15 7.35 -13.52
C ASN A 40 5.40 7.30 -14.40
N VAL A 41 6.57 7.26 -13.74
CA VAL A 41 7.84 7.22 -14.46
C VAL A 41 8.04 8.47 -15.30
N SER A 42 8.26 9.60 -14.63
CA SER A 42 8.47 10.87 -15.32
C SER A 42 9.77 11.53 -14.87
N THR A 43 10.29 12.43 -15.70
CA THR A 43 11.53 13.13 -15.39
C THR A 43 11.35 14.06 -14.20
N SER A 44 10.12 14.45 -13.93
CA SER A 44 9.82 15.35 -12.82
C SER A 44 10.07 14.64 -11.49
N ASP A 45 9.83 13.34 -11.46
CA ASP A 45 10.03 12.55 -10.24
C ASP A 45 11.51 12.28 -10.01
N ILE A 46 12.27 12.20 -11.09
CA ILE A 46 13.70 11.94 -11.01
C ILE A 46 14.40 13.00 -10.19
N ARG A 47 14.14 14.27 -10.51
CA ARG A 47 14.76 15.38 -9.81
C ARG A 47 14.22 15.48 -8.38
N ARG A 48 13.01 14.97 -8.17
CA ARG A 48 12.38 15.01 -6.86
C ARG A 48 13.00 13.97 -5.93
N LEU A 49 13.65 12.97 -6.52
CA LEU A 49 14.29 11.91 -5.75
C LEU A 49 15.73 12.29 -5.39
N ASN A 50 16.62 12.24 -6.38
CA ASN A 50 18.01 12.58 -6.16
C ASN A 50 18.79 12.55 -7.48
N ILE A 51 19.08 11.34 -7.96
CA ILE A 51 19.81 11.16 -9.20
C ILE A 51 19.97 9.69 -9.54
N PRO A 52 18.85 9.02 -9.83
CA PRO A 52 18.84 7.59 -10.17
C PRO A 52 19.46 7.32 -11.54
N SER A 53 19.26 6.11 -12.04
CA SER A 53 19.82 5.72 -13.34
C SER A 53 19.45 4.28 -13.68
N ASN A 54 19.63 3.38 -12.71
CA ASN A 54 19.32 1.98 -12.91
C ASN A 54 17.96 1.63 -12.28
N VAL A 55 17.49 2.49 -11.39
CA VAL A 55 16.21 2.28 -10.72
C VAL A 55 15.07 2.91 -11.50
N THR A 56 15.08 4.24 -11.57
CA THR A 56 14.05 4.98 -12.29
C THR A 56 12.69 4.80 -11.63
N SER A 57 12.05 5.91 -11.28
CA SER A 57 10.74 5.88 -10.63
C SER A 57 10.83 5.19 -9.27
N GLY A 58 9.67 4.91 -8.68
CA GLY A 58 9.64 4.27 -7.38
C GLY A 58 8.24 4.20 -6.81
N VAL A 59 8.09 3.51 -5.69
CA VAL A 59 6.80 3.36 -5.03
C VAL A 59 6.77 4.07 -3.69
N ILE A 60 5.66 4.74 -3.39
CA ILE A 60 5.52 5.46 -2.13
C ILE A 60 4.21 5.09 -1.44
N VAL A 61 4.30 4.77 -0.14
CA VAL A 61 3.14 4.39 0.65
C VAL A 61 2.48 5.62 1.26
N ARG A 62 1.20 5.81 0.99
CA ARG A 62 0.46 6.94 1.54
C ARG A 62 0.27 6.80 3.04
N SER A 63 -0.01 5.58 3.48
CA SER A 63 -0.23 5.31 4.90
C SER A 63 -0.53 3.83 5.13
N VAL A 64 0.17 3.23 6.09
CA VAL A 64 -0.02 1.82 6.41
C VAL A 64 -1.14 1.64 7.43
N GLN A 65 -1.87 0.53 7.31
CA GLN A 65 -2.97 0.25 8.22
C GLN A 65 -2.48 -0.55 9.43
N SER A 66 -2.96 -0.18 10.61
CA SER A 66 -2.56 -0.86 11.84
C SER A 66 -1.09 -0.62 12.15
N ASN A 67 -0.48 0.31 11.42
CA ASN A 67 0.92 0.64 11.61
C ASN A 67 1.74 -0.61 11.90
N MET A 68 1.60 -1.62 11.05
CA MET A 68 2.32 -2.87 11.21
C MET A 68 3.83 -2.65 11.10
N PRO A 69 4.26 -2.16 9.92
CA PRO A 69 5.68 -1.90 9.66
C PRO A 69 6.20 -0.70 10.46
N ALA A 70 5.30 0.19 10.84
CA ALA A 70 5.68 1.38 11.61
C ALA A 70 6.38 0.98 12.91
N ASN A 71 6.11 -0.23 13.38
CA ASN A 71 6.72 -0.73 14.61
C ASN A 71 8.24 -0.70 14.51
N GLY A 72 8.74 -0.72 13.28
CA GLY A 72 10.19 -0.71 13.07
C GLY A 72 10.73 0.70 12.91
N HIS A 73 10.65 1.23 11.71
CA HIS A 73 11.14 2.58 11.42
C HIS A 73 10.87 2.96 9.97
N LEU A 74 9.72 3.59 9.74
CA LEU A 74 9.34 4.01 8.40
C LEU A 74 8.68 5.39 8.42
N GLU A 75 8.87 6.15 7.34
CA GLU A 75 8.29 7.49 7.25
C GLU A 75 6.89 7.43 6.64
N LYS A 76 6.10 8.45 6.90
CA LYS A 76 4.74 8.54 6.36
C LYS A 76 4.73 8.28 4.86
N TYR A 77 5.68 8.88 4.16
CA TYR A 77 5.78 8.73 2.71
C TYR A 77 6.27 7.33 2.35
N ASP A 78 7.32 6.88 3.02
CA ASP A 78 7.88 5.56 2.76
C ASP A 78 8.10 5.34 1.27
N VAL A 79 9.25 5.76 0.77
CA VAL A 79 9.58 5.61 -0.64
C VAL A 79 10.30 4.29 -0.90
N ILE A 80 9.52 3.22 -1.07
CA ILE A 80 10.07 1.90 -1.33
C ILE A 80 10.39 1.72 -2.81
N THR A 81 11.63 1.33 -3.09
CA THR A 81 12.07 1.12 -4.47
C THR A 81 12.50 -0.33 -4.69
N LYS A 82 12.70 -1.06 -3.60
CA LYS A 82 13.11 -2.45 -3.68
C LYS A 82 12.14 -3.35 -2.90
N VAL A 83 11.92 -4.56 -3.41
CA VAL A 83 11.03 -5.51 -2.76
C VAL A 83 11.51 -6.94 -2.94
N ASP A 84 11.69 -7.64 -1.83
CA ASP A 84 12.15 -9.03 -1.86
C ASP A 84 13.26 -9.20 -2.89
N ASP A 85 14.20 -8.25 -2.90
CA ASP A 85 15.32 -8.30 -3.83
C ASP A 85 14.83 -8.20 -5.28
N LYS A 86 14.01 -7.19 -5.55
CA LYS A 86 13.47 -6.99 -6.89
C LYS A 86 13.24 -5.51 -7.16
N GLU A 87 13.35 -5.11 -8.42
CA GLU A 87 13.15 -3.72 -8.81
C GLU A 87 11.69 -3.44 -9.09
N ILE A 88 11.17 -2.35 -8.51
CA ILE A 88 9.78 -1.97 -8.71
C ILE A 88 9.66 -0.53 -9.20
N ALA A 89 8.43 -0.06 -9.36
CA ALA A 89 8.19 1.30 -9.82
C ALA A 89 6.74 1.71 -9.57
N SER A 90 5.80 0.91 -10.06
CA SER A 90 4.39 1.19 -9.89
C SER A 90 3.80 0.37 -8.75
N SER A 91 2.94 1.00 -7.95
CA SER A 91 2.31 0.32 -6.82
C SER A 91 1.35 -0.77 -7.30
N THR A 92 0.63 -0.48 -8.39
CA THR A 92 -0.32 -1.43 -8.95
C THR A 92 0.40 -2.60 -9.61
N ASP A 93 1.56 -2.32 -10.21
CA ASP A 93 2.34 -3.35 -10.87
C ASP A 93 2.95 -4.32 -9.86
N LEU A 94 3.57 -3.77 -8.82
CA LEU A 94 4.19 -4.58 -7.79
C LEU A 94 3.14 -5.32 -6.96
N GLN A 95 2.00 -4.66 -6.74
CA GLN A 95 0.92 -5.25 -5.97
C GLN A 95 0.30 -6.43 -6.73
N SER A 96 0.07 -6.25 -8.02
CA SER A 96 -0.52 -7.29 -8.85
C SER A 96 0.43 -8.48 -8.98
N ALA A 97 1.70 -8.19 -9.24
CA ALA A 97 2.71 -9.22 -9.39
C ALA A 97 2.84 -10.05 -8.10
N LEU A 98 2.90 -9.36 -6.97
CA LEU A 98 3.03 -10.02 -5.68
C LEU A 98 1.81 -10.89 -5.39
N TYR A 99 0.62 -10.34 -5.61
CA TYR A 99 -0.61 -11.06 -5.38
C TYR A 99 -0.81 -12.16 -6.41
N ASN A 100 0.02 -12.15 -7.44
CA ASN A 100 -0.05 -13.15 -8.50
C ASN A 100 0.84 -14.35 -8.18
N HIS A 101 2.12 -14.09 -7.94
CA HIS A 101 3.07 -15.14 -7.62
C HIS A 101 3.52 -15.05 -6.16
N SER A 102 3.83 -16.20 -5.58
CA SER A 102 4.28 -16.25 -4.19
C SER A 102 3.17 -15.78 -3.25
N ILE A 103 2.21 -16.66 -2.99
CA ILE A 103 1.10 -16.34 -2.11
C ILE A 103 1.46 -16.58 -0.65
N GLY A 104 1.08 -15.65 0.22
CA GLY A 104 1.37 -15.78 1.63
C GLY A 104 2.86 -15.85 1.91
N ASP A 105 3.66 -15.43 0.94
CA ASP A 105 5.11 -15.45 1.09
C ASP A 105 5.61 -14.17 1.77
N THR A 106 6.73 -14.27 2.45
CA THR A 106 7.31 -13.13 3.14
C THR A 106 8.28 -12.37 2.25
N ILE A 107 8.13 -11.05 2.21
CA ILE A 107 9.00 -10.20 1.39
C ILE A 107 9.62 -9.08 2.22
N LYS A 108 10.67 -8.48 1.69
CA LYS A 108 11.35 -7.39 2.36
C LYS A 108 11.21 -6.08 1.59
N ILE A 109 10.77 -5.03 2.28
CA ILE A 109 10.59 -3.73 1.65
C ILE A 109 11.76 -2.80 1.97
N THR A 110 12.33 -2.21 0.93
CA THR A 110 13.46 -1.30 1.09
C THR A 110 13.11 0.10 0.57
N TYR A 111 13.07 1.07 1.48
CA TYR A 111 12.75 2.44 1.11
C TYR A 111 13.85 3.39 1.57
N TYR A 112 13.71 4.66 1.20
CA TYR A 112 14.70 5.67 1.57
C TYR A 112 14.02 6.97 2.03
N ARG A 113 14.56 7.56 3.08
CA ARG A 113 14.00 8.79 3.63
C ARG A 113 15.10 9.83 3.85
N ASN A 114 15.04 10.92 3.09
CA ASN A 114 16.02 11.99 3.19
C ASN A 114 17.43 11.43 3.07
N GLY A 115 17.64 10.54 2.10
CA GLY A 115 18.94 9.94 1.90
C GLY A 115 19.31 8.94 2.98
N LYS A 116 18.31 8.52 3.74
CA LYS A 116 18.52 7.56 4.82
C LYS A 116 17.89 6.21 4.46
N GLU A 117 18.74 5.25 4.10
CA GLU A 117 18.27 3.91 3.75
C GLU A 117 17.57 3.25 4.94
N GLU A 118 16.44 2.61 4.67
CA GLU A 118 15.68 1.94 5.71
C GLU A 118 15.00 0.68 5.17
N THR A 119 15.25 -0.45 5.81
CA THR A 119 14.66 -1.71 5.39
C THR A 119 13.74 -2.28 6.45
N THR A 120 12.70 -2.98 6.02
CA THR A 120 11.74 -3.57 6.94
C THR A 120 11.18 -4.88 6.39
N SER A 121 10.85 -5.80 7.30
CA SER A 121 10.32 -7.10 6.90
C SER A 121 8.80 -7.09 6.95
N ILE A 122 8.18 -7.54 5.86
CA ILE A 122 6.72 -7.59 5.78
C ILE A 122 6.24 -8.89 5.15
N LYS A 123 5.32 -9.57 5.83
CA LYS A 123 4.79 -10.83 5.33
C LYS A 123 3.44 -10.62 4.66
N LEU A 124 3.28 -11.17 3.45
CA LEU A 124 2.04 -11.04 2.70
C LEU A 124 0.99 -12.02 3.21
N ASN A 125 -0.26 -11.58 3.25
CA ASN A 125 -1.36 -12.41 3.72
C ASN A 125 -1.96 -13.21 2.57
N LYS A 126 -2.18 -14.49 2.80
CA LYS A 126 -2.75 -15.37 1.77
C LYS A 126 -4.27 -15.44 1.91
N LEU A 127 -4.96 -15.69 0.80
CA LEU A 127 -6.41 -15.79 0.79
C LEU A 127 -7.04 -14.51 1.36
N MET A 1 -70.84 -26.78 28.63
CA MET A 1 -70.69 -26.66 27.19
C MET A 1 -70.40 -25.22 26.80
N GLU A 2 -69.20 -24.98 26.28
CA GLU A 2 -68.79 -23.65 25.85
C GLU A 2 -67.41 -23.68 25.21
N GLY A 3 -66.97 -22.52 24.72
CA GLY A 3 -65.67 -22.43 24.08
C GLY A 3 -64.83 -21.30 24.62
N LEU A 4 -63.71 -21.02 23.96
CA LEU A 4 -62.81 -19.96 24.37
C LEU A 4 -61.70 -19.73 23.35
N GLY A 5 -61.24 -18.49 23.25
CA GLY A 5 -60.20 -18.17 22.30
C GLY A 5 -60.15 -16.69 21.97
N PHE A 6 -59.01 -16.24 21.43
CA PHE A 6 -58.85 -14.84 21.07
C PHE A 6 -58.35 -14.70 19.63
N ALA A 7 -57.37 -15.52 19.28
CA ALA A 7 -56.80 -15.50 17.93
C ALA A 7 -56.27 -14.12 17.58
N ILE A 8 -55.21 -13.71 18.28
CA ILE A 8 -54.60 -12.40 18.05
C ILE A 8 -53.54 -12.48 16.96
N PRO A 9 -53.58 -11.53 16.01
CA PRO A 9 -52.62 -11.47 14.90
C PRO A 9 -51.23 -11.08 15.36
N ALA A 10 -50.30 -10.96 14.42
CA ALA A 10 -48.93 -10.59 14.73
C ALA A 10 -48.71 -9.09 14.56
N ASN A 11 -47.47 -8.65 14.68
CA ASN A 11 -47.13 -7.23 14.55
C ASN A 11 -45.85 -7.06 13.73
N ASP A 12 -45.72 -5.90 13.10
CA ASP A 12 -44.54 -5.60 12.29
C ASP A 12 -44.53 -4.14 11.86
N ALA A 13 -43.48 -3.42 12.25
CA ALA A 13 -43.34 -2.01 11.90
C ALA A 13 -42.79 -1.84 10.50
N ILE A 14 -41.75 -2.61 10.17
CA ILE A 14 -41.14 -2.54 8.86
C ILE A 14 -40.68 -1.12 8.54
N ASN A 15 -39.45 -0.80 8.93
CA ASN A 15 -38.88 0.52 8.68
C ASN A 15 -37.36 0.48 8.72
N ILE A 16 -36.74 1.20 7.78
CA ILE A 16 -35.29 1.24 7.70
C ILE A 16 -34.79 2.67 7.53
N ILE A 17 -33.64 2.98 8.12
CA ILE A 17 -33.05 4.31 8.04
C ILE A 17 -32.26 4.47 6.74
N GLU A 18 -32.58 5.52 5.99
CA GLU A 18 -31.90 5.79 4.74
C GLU A 18 -30.43 6.11 4.98
N GLN A 19 -29.58 5.70 4.03
CA GLN A 19 -28.15 5.95 4.14
C GLN A 19 -27.77 7.28 3.52
N LEU A 20 -28.34 7.57 2.35
CA LEU A 20 -28.06 8.82 1.66
C LEU A 20 -26.60 8.91 1.27
N GLU A 21 -26.27 9.89 0.41
CA GLU A 21 -24.90 10.08 -0.05
C GLU A 21 -24.57 11.56 -0.16
N LYS A 22 -23.31 11.87 -0.44
CA LYS A 22 -22.86 13.24 -0.59
C LYS A 22 -21.83 13.37 -1.69
N ASN A 23 -21.25 14.56 -1.82
CA ASN A 23 -20.24 14.81 -2.84
C ASN A 23 -18.89 14.23 -2.43
N GLY A 24 -18.15 13.71 -3.41
CA GLY A 24 -16.85 13.13 -3.12
C GLY A 24 -16.91 12.10 -2.02
N LYS A 25 -15.74 11.65 -1.57
CA LYS A 25 -15.65 10.65 -0.51
C LYS A 25 -14.28 10.68 0.14
N VAL A 26 -13.62 11.82 0.09
CA VAL A 26 -12.29 11.98 0.69
C VAL A 26 -11.27 11.08 -0.01
N THR A 27 -9.99 11.39 0.18
CA THR A 27 -8.93 10.61 -0.43
C THR A 27 -8.56 9.41 0.44
N ARG A 28 -8.55 8.23 -0.17
CA ARG A 28 -8.22 7.01 0.55
C ARG A 28 -6.79 6.57 0.24
N PRO A 29 -6.23 5.72 1.12
CA PRO A 29 -4.86 5.21 0.96
C PRO A 29 -4.72 4.24 -0.21
N ALA A 30 -3.50 4.05 -0.67
CA ALA A 30 -3.24 3.14 -1.78
C ALA A 30 -1.87 2.48 -1.65
N LEU A 31 -1.61 1.49 -2.49
CA LEU A 31 -0.34 0.78 -2.47
C LEU A 31 -0.27 -0.25 -3.59
N GLY A 32 -0.85 0.09 -4.73
CA GLY A 32 -0.85 -0.83 -5.87
C GLY A 32 0.34 -0.61 -6.78
N ILE A 33 1.46 -1.25 -6.45
CA ILE A 33 2.67 -1.12 -7.26
C ILE A 33 3.45 -2.43 -7.28
N GLN A 34 3.92 -2.80 -8.47
CA GLN A 34 4.67 -4.04 -8.64
C GLN A 34 6.17 -3.74 -8.73
N MET A 35 6.96 -4.46 -7.95
CA MET A 35 8.41 -4.27 -7.95
C MET A 35 9.13 -5.61 -7.90
N VAL A 36 10.45 -5.58 -8.02
CA VAL A 36 11.26 -6.79 -7.99
C VAL A 36 12.67 -6.51 -7.48
N ASN A 37 13.24 -7.48 -6.79
CA ASN A 37 14.59 -7.33 -6.25
C ASN A 37 15.60 -7.13 -7.37
N LEU A 38 16.68 -6.41 -7.06
CA LEU A 38 17.73 -6.14 -8.04
C LEU A 38 18.17 -7.43 -8.73
N SER A 39 18.39 -8.47 -7.94
CA SER A 39 18.82 -9.77 -8.47
C SER A 39 19.00 -10.78 -7.35
N ASN A 40 18.01 -10.86 -6.47
CA ASN A 40 18.06 -11.79 -5.34
C ASN A 40 19.19 -11.43 -4.39
N VAL A 41 19.47 -10.14 -4.26
CA VAL A 41 20.53 -9.66 -3.38
C VAL A 41 21.85 -10.34 -3.70
N SER A 42 22.50 -9.90 -4.77
CA SER A 42 23.78 -10.45 -5.19
C SER A 42 24.83 -9.36 -5.36
N THR A 43 26.04 -9.77 -5.70
CA THR A 43 27.13 -8.82 -5.90
C THR A 43 26.85 -7.89 -7.08
N SER A 44 26.08 -8.38 -8.04
CA SER A 44 25.74 -7.60 -9.22
C SER A 44 24.94 -6.35 -8.84
N ASP A 45 24.05 -6.50 -7.87
CA ASP A 45 23.23 -5.39 -7.42
C ASP A 45 24.09 -4.26 -6.87
N ILE A 46 25.17 -4.63 -6.19
CA ILE A 46 26.09 -3.65 -5.61
C ILE A 46 26.68 -2.74 -6.70
N ARG A 47 27.25 -3.37 -7.73
CA ARG A 47 27.86 -2.62 -8.82
C ARG A 47 26.78 -1.95 -9.67
N ARG A 48 25.58 -2.51 -9.66
CA ARG A 48 24.47 -1.97 -10.43
C ARG A 48 24.00 -0.64 -9.86
N LEU A 49 24.00 -0.55 -8.52
CA LEU A 49 23.58 0.67 -7.85
C LEU A 49 24.66 1.74 -7.92
N ASN A 50 25.64 1.65 -7.02
CA ASN A 50 26.74 2.60 -6.98
C ASN A 50 27.70 2.29 -5.83
N ILE A 51 27.88 1.00 -5.56
CA ILE A 51 28.77 0.58 -4.49
C ILE A 51 28.33 1.16 -3.14
N PRO A 52 27.14 0.75 -2.68
CA PRO A 52 26.60 1.22 -1.40
C PRO A 52 27.37 0.68 -0.20
N SER A 53 26.81 0.86 0.99
CA SER A 53 27.44 0.40 2.22
C SER A 53 26.59 -0.67 2.90
N ASN A 54 25.51 -0.23 3.53
CA ASN A 54 24.61 -1.14 4.23
C ASN A 54 23.39 -1.48 3.36
N VAL A 55 23.16 -0.66 2.34
CA VAL A 55 22.03 -0.86 1.44
C VAL A 55 22.04 -2.27 0.87
N THR A 56 23.01 -2.54 -0.02
CA THR A 56 23.13 -3.85 -0.64
C THR A 56 21.85 -4.22 -1.39
N SER A 57 21.84 -3.98 -2.70
CA SER A 57 20.69 -4.28 -3.53
C SER A 57 19.42 -3.65 -2.95
N GLY A 58 18.27 -4.00 -3.53
CA GLY A 58 17.01 -3.45 -3.06
C GLY A 58 15.85 -3.83 -3.96
N VAL A 59 14.81 -3.00 -3.96
CA VAL A 59 13.63 -3.25 -4.78
C VAL A 59 13.45 -2.15 -5.82
N ILE A 60 13.05 -2.54 -7.03
CA ILE A 60 12.83 -1.59 -8.10
C ILE A 60 11.44 -1.77 -8.73
N VAL A 61 10.72 -0.67 -8.90
CA VAL A 61 9.39 -0.70 -9.48
C VAL A 61 9.46 -0.97 -10.99
N ARG A 62 8.59 -1.85 -11.47
CA ARG A 62 8.55 -2.19 -12.89
C ARG A 62 7.54 -1.31 -13.63
N SER A 63 6.50 -0.88 -12.91
CA SER A 63 5.47 -0.04 -13.51
C SER A 63 4.55 0.53 -12.43
N VAL A 64 3.66 1.42 -12.84
CA VAL A 64 2.72 2.04 -11.91
C VAL A 64 1.28 1.94 -12.42
N GLN A 65 0.35 1.71 -11.51
CA GLN A 65 -1.06 1.59 -11.87
C GLN A 65 -1.79 2.91 -11.66
N SER A 66 -2.56 3.33 -12.65
CA SER A 66 -3.30 4.58 -12.57
C SER A 66 -2.36 5.78 -12.58
N ASN A 67 -1.09 5.51 -12.82
CA ASN A 67 -0.08 6.57 -12.86
C ASN A 67 -0.33 7.59 -11.75
N MET A 68 -0.67 7.10 -10.57
CA MET A 68 -0.93 7.98 -9.43
C MET A 68 0.37 8.51 -8.85
N PRO A 69 1.21 7.59 -8.32
CA PRO A 69 2.49 7.96 -7.72
C PRO A 69 3.51 8.42 -8.76
N ALA A 70 3.40 7.89 -9.97
CA ALA A 70 4.31 8.25 -11.05
C ALA A 70 4.18 9.73 -11.40
N ASN A 71 3.01 10.30 -11.10
CA ASN A 71 2.75 11.70 -11.39
C ASN A 71 3.33 12.60 -10.30
N GLY A 72 3.61 12.01 -9.14
CA GLY A 72 4.17 12.75 -8.04
C GLY A 72 5.57 13.26 -8.33
N HIS A 73 6.55 12.36 -8.19
CA HIS A 73 7.95 12.71 -8.44
C HIS A 73 8.84 11.49 -8.30
N LEU A 74 8.63 10.50 -9.15
CA LEU A 74 9.42 9.28 -9.13
C LEU A 74 9.74 8.80 -10.54
N GLU A 75 10.83 8.06 -10.68
CA GLU A 75 11.25 7.54 -11.98
C GLU A 75 10.58 6.20 -12.27
N LYS A 76 10.50 5.84 -13.55
CA LYS A 76 9.90 4.59 -13.96
C LYS A 76 10.47 3.42 -13.18
N TYR A 77 11.79 3.25 -13.26
CA TYR A 77 12.47 2.17 -12.55
C TYR A 77 12.23 2.27 -11.05
N ASP A 78 12.41 3.47 -10.51
CA ASP A 78 12.22 3.70 -9.08
C ASP A 78 12.94 2.63 -8.26
N VAL A 79 14.22 2.86 -8.00
CA VAL A 79 15.03 1.93 -7.22
C VAL A 79 14.98 2.26 -5.74
N ILE A 80 14.00 1.69 -5.05
CA ILE A 80 13.85 1.92 -3.62
C ILE A 80 14.77 1.01 -2.80
N THR A 81 15.43 1.60 -1.81
CA THR A 81 16.35 0.84 -0.96
C THR A 81 15.94 0.95 0.50
N LYS A 82 15.18 1.98 0.84
CA LYS A 82 14.72 2.20 2.20
C LYS A 82 13.21 2.32 2.26
N VAL A 83 12.62 1.86 3.36
CA VAL A 83 11.17 1.92 3.53
C VAL A 83 10.81 2.15 4.99
N ASP A 84 10.26 3.32 5.28
CA ASP A 84 9.86 3.66 6.65
C ASP A 84 11.08 3.91 7.52
N ASP A 85 11.81 2.85 7.81
CA ASP A 85 13.02 2.95 8.64
C ASP A 85 13.71 1.61 8.76
N LYS A 86 13.63 0.80 7.71
CA LYS A 86 14.25 -0.51 7.69
C LYS A 86 14.86 -0.82 6.32
N GLU A 87 15.82 -1.74 6.30
CA GLU A 87 16.47 -2.13 5.06
C GLU A 87 15.70 -3.24 4.36
N ILE A 88 15.50 -3.08 3.05
CA ILE A 88 14.77 -4.08 2.28
C ILE A 88 15.66 -4.67 1.18
N ALA A 89 15.12 -5.64 0.44
CA ALA A 89 15.86 -6.27 -0.64
C ALA A 89 14.91 -6.81 -1.72
N SER A 90 13.80 -7.39 -1.28
CA SER A 90 12.82 -7.94 -2.20
C SER A 90 11.45 -7.30 -1.99
N SER A 91 10.75 -7.05 -3.10
CA SER A 91 9.43 -6.43 -3.04
C SER A 91 8.47 -7.29 -2.21
N THR A 92 8.64 -8.61 -2.30
CA THR A 92 7.78 -9.53 -1.57
C THR A 92 8.09 -9.50 -0.07
N ASP A 93 9.35 -9.27 0.26
CA ASP A 93 9.78 -9.22 1.65
C ASP A 93 9.25 -7.96 2.34
N LEU A 94 9.42 -6.82 1.67
CA LEU A 94 8.96 -5.55 2.21
C LEU A 94 7.44 -5.48 2.23
N GLN A 95 6.81 -6.06 1.20
CA GLN A 95 5.36 -6.07 1.10
C GLN A 95 4.74 -6.92 2.20
N SER A 96 5.32 -8.10 2.43
CA SER A 96 4.82 -9.01 3.45
C SER A 96 5.02 -8.42 4.85
N ALA A 97 6.21 -7.88 5.08
CA ALA A 97 6.54 -7.28 6.36
C ALA A 97 5.60 -6.12 6.69
N LEU A 98 5.38 -5.26 5.71
CA LEU A 98 4.51 -4.10 5.88
C LEU A 98 3.08 -4.54 6.17
N TYR A 99 2.57 -5.44 5.35
CA TYR A 99 1.21 -5.95 5.52
C TYR A 99 1.10 -6.84 6.76
N ASN A 100 2.25 -7.23 7.30
CA ASN A 100 2.29 -8.08 8.47
C ASN A 100 2.18 -7.24 9.75
N HIS A 101 3.03 -6.24 9.87
CA HIS A 101 3.02 -5.36 11.04
C HIS A 101 2.53 -3.97 10.66
N SER A 102 1.72 -3.37 11.54
CA SER A 102 1.18 -2.04 11.30
C SER A 102 0.27 -2.03 10.07
N ILE A 103 -1.02 -2.20 10.31
CA ILE A 103 -2.00 -2.21 9.22
C ILE A 103 -2.43 -0.79 8.86
N GLY A 104 -2.50 -0.51 7.56
CA GLY A 104 -2.91 0.80 7.11
C GLY A 104 -1.98 1.89 7.60
N ASP A 105 -0.79 1.51 8.04
CA ASP A 105 0.19 2.47 8.54
C ASP A 105 0.87 3.20 7.39
N THR A 106 1.30 4.43 7.66
CA THR A 106 1.96 5.24 6.64
C THR A 106 3.48 5.03 6.68
N ILE A 107 4.08 4.88 5.50
CA ILE A 107 5.52 4.67 5.40
C ILE A 107 6.12 5.55 4.32
N LYS A 108 7.44 5.72 4.36
CA LYS A 108 8.15 6.53 3.37
C LYS A 108 9.06 5.68 2.52
N ILE A 109 9.08 5.95 1.22
CA ILE A 109 9.92 5.21 0.29
C ILE A 109 11.03 6.09 -0.27
N THR A 110 12.28 5.65 -0.10
CA THR A 110 13.43 6.40 -0.59
C THR A 110 14.18 5.61 -1.66
N TYR A 111 14.17 6.12 -2.89
CA TYR A 111 14.85 5.46 -4.00
C TYR A 111 15.98 6.34 -4.54
N TYR A 112 16.72 5.80 -5.50
CA TYR A 112 17.83 6.52 -6.10
C TYR A 112 17.70 6.58 -7.62
N ARG A 113 17.75 7.78 -8.18
CA ARG A 113 17.63 7.96 -9.61
C ARG A 113 18.81 8.76 -10.15
N ASN A 114 19.63 8.12 -10.98
CA ASN A 114 20.79 8.77 -11.57
C ASN A 114 21.79 9.18 -10.49
N GLY A 115 21.70 8.53 -9.33
CA GLY A 115 22.60 8.85 -8.24
C GLY A 115 22.06 9.93 -7.33
N LYS A 116 20.77 10.23 -7.47
CA LYS A 116 20.13 11.26 -6.67
C LYS A 116 19.14 10.64 -5.68
N GLU A 117 19.12 11.17 -4.46
CA GLU A 117 18.21 10.67 -3.42
C GLU A 117 16.83 11.27 -3.58
N GLU A 118 15.82 10.41 -3.65
CA GLU A 118 14.44 10.85 -3.80
C GLU A 118 13.52 10.13 -2.82
N THR A 119 13.02 10.87 -1.83
CA THR A 119 12.13 10.29 -0.83
C THR A 119 10.71 10.79 -1.02
N THR A 120 9.74 9.93 -0.72
CA THR A 120 8.33 10.27 -0.86
C THR A 120 7.49 9.61 0.24
N SER A 121 6.42 10.29 0.65
CA SER A 121 5.54 9.77 1.68
C SER A 121 4.32 9.09 1.07
N ILE A 122 4.09 7.84 1.46
CA ILE A 122 2.96 7.08 0.94
C ILE A 122 2.26 6.30 2.06
N LYS A 123 0.94 6.35 2.08
CA LYS A 123 0.16 5.64 3.08
C LYS A 123 -0.47 4.38 2.50
N LEU A 124 -0.20 3.25 3.14
CA LEU A 124 -0.75 1.97 2.69
C LEU A 124 -2.19 1.81 3.13
N ASN A 125 -3.01 1.23 2.26
CA ASN A 125 -4.42 1.01 2.56
C ASN A 125 -4.63 -0.30 3.32
N LYS A 126 -5.47 -0.26 4.34
CA LYS A 126 -5.76 -1.44 5.15
C LYS A 126 -6.98 -2.18 4.61
N LEU A 127 -7.08 -3.47 4.93
CA LEU A 127 -8.19 -4.28 4.48
C LEU A 127 -9.39 -4.14 5.42
N MET A 1 -67.25 -2.84 -18.13
CA MET A 1 -66.42 -1.85 -18.80
C MET A 1 -65.88 -0.83 -17.80
N GLU A 2 -65.25 -1.33 -16.74
CA GLU A 2 -64.68 -0.47 -15.71
C GLU A 2 -63.41 -1.08 -15.13
N GLY A 3 -62.64 -0.26 -14.42
CA GLY A 3 -61.40 -0.74 -13.83
C GLY A 3 -60.89 0.18 -12.73
N LEU A 4 -60.12 -0.37 -11.81
CA LEU A 4 -59.56 0.41 -10.71
C LEU A 4 -58.13 -0.03 -10.39
N GLY A 5 -57.49 0.68 -9.47
CA GLY A 5 -56.13 0.35 -9.10
C GLY A 5 -55.41 1.50 -8.43
N PHE A 6 -54.45 1.19 -7.57
CA PHE A 6 -53.70 2.21 -6.86
C PHE A 6 -52.25 1.79 -6.68
N ALA A 7 -52.04 0.66 -5.99
CA ALA A 7 -50.70 0.15 -5.75
C ALA A 7 -49.82 1.20 -5.08
N ILE A 8 -50.02 1.39 -3.78
CA ILE A 8 -49.24 2.36 -3.02
C ILE A 8 -48.01 1.72 -2.40
N PRO A 9 -46.84 2.38 -2.55
CA PRO A 9 -45.58 1.89 -2.00
C PRO A 9 -45.53 1.96 -0.48
N ALA A 10 -44.37 1.67 0.08
CA ALA A 10 -44.20 1.71 1.54
C ALA A 10 -42.72 1.65 1.91
N ASN A 11 -42.40 2.17 3.09
CA ASN A 11 -41.02 2.18 3.57
C ASN A 11 -40.91 1.52 4.94
N ASP A 12 -39.71 1.07 5.28
CA ASP A 12 -39.48 0.42 6.56
C ASP A 12 -40.40 -0.78 6.75
N ALA A 13 -40.42 -1.66 5.76
CA ALA A 13 -41.27 -2.85 5.81
C ALA A 13 -40.68 -3.90 6.73
N ILE A 14 -39.37 -3.83 6.94
CA ILE A 14 -38.68 -4.79 7.81
C ILE A 14 -37.20 -4.46 7.91
N ASN A 15 -36.81 -3.84 9.02
CA ASN A 15 -35.42 -3.47 9.24
C ASN A 15 -35.18 -3.11 10.70
N ILE A 16 -35.12 -4.12 11.56
CA ILE A 16 -34.90 -3.90 12.98
C ILE A 16 -34.09 -5.03 13.59
N ILE A 17 -33.26 -5.67 12.77
CA ILE A 17 -32.42 -6.77 13.22
C ILE A 17 -30.99 -6.61 12.73
N GLU A 18 -30.18 -7.65 12.93
CA GLU A 18 -28.79 -7.63 12.49
C GLU A 18 -28.03 -6.49 13.17
N GLN A 19 -27.73 -6.68 14.45
CA GLN A 19 -27.01 -5.67 15.22
C GLN A 19 -25.50 -5.76 14.97
N LEU A 20 -25.05 -6.95 14.62
CA LEU A 20 -23.62 -7.18 14.35
C LEU A 20 -22.79 -6.92 15.59
N GLU A 21 -21.52 -7.32 15.54
CA GLU A 21 -20.61 -7.12 16.66
C GLU A 21 -19.27 -6.58 16.18
N LYS A 22 -18.31 -6.49 17.11
CA LYS A 22 -16.98 -5.99 16.79
C LYS A 22 -15.92 -6.67 17.65
N ASN A 23 -14.67 -6.30 17.43
CA ASN A 23 -13.56 -6.87 18.18
C ASN A 23 -12.31 -6.00 18.06
N GLY A 24 -11.20 -6.48 18.62
CA GLY A 24 -9.95 -5.74 18.57
C GLY A 24 -8.76 -6.57 18.96
N LYS A 25 -7.59 -5.94 19.06
CA LYS A 25 -6.37 -6.64 19.43
C LYS A 25 -5.45 -5.72 20.23
N VAL A 26 -4.26 -6.22 20.55
CA VAL A 26 -3.29 -5.45 21.32
C VAL A 26 -2.36 -4.67 20.39
N THR A 27 -1.46 -5.38 19.72
CA THR A 27 -0.51 -4.76 18.81
C THR A 27 -0.67 -5.31 17.40
N ARG A 28 -1.01 -4.43 16.46
CA ARG A 28 -1.19 -4.82 15.06
C ARG A 28 -0.19 -4.12 14.16
N PRO A 29 0.02 -4.67 12.96
CA PRO A 29 0.96 -4.12 11.98
C PRO A 29 0.46 -2.80 11.38
N ALA A 30 1.40 -1.94 11.00
CA ALA A 30 1.05 -0.65 10.41
C ALA A 30 2.10 -0.21 9.38
N LEU A 31 1.72 0.70 8.51
CA LEU A 31 2.62 1.20 7.48
C LEU A 31 2.07 2.49 6.86
N GLY A 32 0.91 2.39 6.23
CA GLY A 32 0.30 3.55 5.61
C GLY A 32 1.28 4.33 4.74
N ILE A 33 1.65 3.74 3.60
CA ILE A 33 2.57 4.38 2.69
C ILE A 33 2.10 4.27 1.24
N GLN A 34 2.26 5.35 0.49
CA GLN A 34 1.84 5.37 -0.90
C GLN A 34 3.04 5.58 -1.84
N MET A 35 3.21 4.67 -2.79
CA MET A 35 4.31 4.75 -3.73
C MET A 35 3.81 4.70 -5.17
N VAL A 36 4.70 4.97 -6.12
CA VAL A 36 4.34 4.95 -7.53
C VAL A 36 5.53 4.55 -8.39
N ASN A 37 5.25 3.86 -9.49
CA ASN A 37 6.30 3.42 -10.41
C ASN A 37 7.04 4.61 -11.00
N LEU A 38 8.34 4.43 -11.26
CA LEU A 38 9.16 5.49 -11.82
C LEU A 38 8.50 6.09 -13.06
N SER A 39 7.97 5.22 -13.92
CA SER A 39 7.32 5.66 -15.15
C SER A 39 6.73 4.48 -15.91
N ASN A 40 6.01 3.62 -15.19
CA ASN A 40 5.40 2.45 -15.81
C ASN A 40 6.46 1.50 -16.37
N VAL A 41 7.66 1.56 -15.78
CA VAL A 41 8.76 0.72 -16.22
C VAL A 41 9.14 1.02 -17.66
N SER A 42 9.83 2.15 -17.87
CA SER A 42 10.26 2.55 -19.20
C SER A 42 11.76 2.79 -19.24
N THR A 43 12.34 2.77 -20.43
CA THR A 43 13.77 2.98 -20.61
C THR A 43 14.15 4.40 -20.24
N SER A 44 13.19 5.31 -20.29
CA SER A 44 13.42 6.71 -19.96
C SER A 44 13.76 6.88 -18.49
N ASP A 45 13.02 6.16 -17.64
CA ASP A 45 13.24 6.23 -16.20
C ASP A 45 14.58 5.61 -15.81
N ILE A 46 15.03 4.66 -16.62
CA ILE A 46 16.31 3.98 -16.37
C ILE A 46 17.46 4.98 -16.37
N ARG A 47 17.54 5.78 -17.42
CA ARG A 47 18.60 6.78 -17.55
C ARG A 47 18.41 7.90 -16.53
N ARG A 48 17.15 8.19 -16.21
CA ARG A 48 16.84 9.24 -15.25
C ARG A 48 17.12 8.79 -13.83
N LEU A 49 17.18 7.47 -13.64
CA LEU A 49 17.45 6.90 -12.32
C LEU A 49 18.93 6.96 -11.98
N ASN A 50 19.70 6.03 -12.54
CA ASN A 50 21.14 5.98 -12.31
C ASN A 50 21.77 4.82 -13.08
N ILE A 51 21.36 4.65 -14.32
CA ILE A 51 21.90 3.58 -15.16
C ILE A 51 22.17 2.32 -14.34
N PRO A 52 21.10 1.69 -13.86
CA PRO A 52 21.19 0.46 -13.05
C PRO A 52 21.66 -0.73 -13.86
N SER A 53 21.57 -1.92 -13.27
CA SER A 53 21.98 -3.14 -13.95
C SER A 53 20.86 -4.17 -13.94
N ASN A 54 20.59 -4.73 -12.76
CA ASN A 54 19.54 -5.73 -12.61
C ASN A 54 18.26 -5.11 -12.06
N VAL A 55 18.40 -3.92 -11.48
CA VAL A 55 17.26 -3.22 -10.91
C VAL A 55 16.21 -2.91 -11.99
N THR A 56 16.52 -1.94 -12.84
CA THR A 56 15.61 -1.55 -13.91
C THR A 56 14.30 -0.99 -13.35
N SER A 57 14.21 0.34 -13.29
CA SER A 57 13.03 1.00 -12.78
C SER A 57 12.74 0.56 -11.34
N GLY A 58 11.62 1.04 -10.80
CA GLY A 58 11.25 0.68 -9.44
C GLY A 58 10.07 1.48 -8.93
N VAL A 59 10.01 1.67 -7.61
CA VAL A 59 8.92 2.42 -7.01
C VAL A 59 9.45 3.50 -6.07
N ILE A 60 8.74 4.61 -5.98
CA ILE A 60 9.14 5.72 -5.12
C ILE A 60 8.00 6.15 -4.21
N VAL A 61 8.30 6.33 -2.93
CA VAL A 61 7.30 6.74 -1.96
C VAL A 61 7.09 8.26 -1.99
N ARG A 62 5.84 8.66 -2.12
CA ARG A 62 5.49 10.08 -2.17
C ARG A 62 5.50 10.69 -0.76
N SER A 63 5.09 9.90 0.22
CA SER A 63 5.04 10.36 1.60
C SER A 63 4.52 9.26 2.53
N VAL A 64 4.81 9.39 3.82
CA VAL A 64 4.38 8.41 4.80
C VAL A 64 3.50 9.05 5.87
N GLN A 65 2.54 8.30 6.37
CA GLN A 65 1.63 8.80 7.39
C GLN A 65 2.16 8.48 8.79
N SER A 66 2.05 9.45 9.68
CA SER A 66 2.54 9.29 11.06
C SER A 66 4.05 9.17 11.09
N ASN A 67 4.69 9.45 9.96
CA ASN A 67 6.14 9.38 9.86
C ASN A 67 6.68 8.17 10.63
N MET A 68 6.11 7.01 10.37
CA MET A 68 6.52 5.78 11.03
C MET A 68 7.99 5.47 10.73
N PRO A 69 8.28 5.26 9.43
CA PRO A 69 9.64 4.95 8.98
C PRO A 69 10.58 6.14 9.11
N ALA A 70 10.02 7.34 9.04
CA ALA A 70 10.82 8.56 9.16
C ALA A 70 11.60 8.59 10.45
N ASN A 71 11.11 7.84 11.44
CA ASN A 71 11.77 7.79 12.75
C ASN A 71 13.22 7.35 12.62
N GLY A 72 13.52 6.63 11.53
CA GLY A 72 14.87 6.16 11.31
C GLY A 72 15.66 7.10 10.41
N HIS A 73 15.47 6.97 9.10
CA HIS A 73 16.16 7.81 8.13
C HIS A 73 15.75 7.45 6.70
N LEU A 74 14.74 8.15 6.19
CA LEU A 74 14.25 7.91 4.85
C LEU A 74 14.10 9.21 4.08
N GLU A 75 14.32 9.16 2.77
CA GLU A 75 14.19 10.35 1.92
C GLU A 75 12.74 10.56 1.49
N LYS A 76 12.39 11.81 1.24
CA LYS A 76 11.04 12.15 0.82
C LYS A 76 10.59 11.28 -0.36
N TYR A 77 11.45 11.21 -1.38
CA TYR A 77 11.15 10.40 -2.57
C TYR A 77 11.25 8.92 -2.25
N ASP A 78 12.33 8.53 -1.58
CA ASP A 78 12.54 7.13 -1.22
C ASP A 78 12.32 6.22 -2.42
N VAL A 79 13.36 6.03 -3.22
CA VAL A 79 13.28 5.18 -4.40
C VAL A 79 13.59 3.73 -4.06
N ILE A 80 12.57 2.97 -3.70
CA ILE A 80 12.74 1.57 -3.35
C ILE A 80 12.76 0.68 -4.60
N THR A 81 13.75 -0.19 -4.67
CA THR A 81 13.89 -1.09 -5.81
C THR A 81 13.76 -2.55 -5.38
N LYS A 82 14.03 -2.81 -4.10
CA LYS A 82 13.94 -4.16 -3.56
C LYS A 82 13.00 -4.20 -2.36
N VAL A 83 12.34 -5.34 -2.18
CA VAL A 83 11.41 -5.51 -1.05
C VAL A 83 11.43 -6.94 -0.55
N ASP A 84 11.67 -7.12 0.75
CA ASP A 84 11.71 -8.44 1.35
C ASP A 84 12.43 -9.43 0.45
N ASP A 85 13.55 -8.99 -0.12
CA ASP A 85 14.33 -9.84 -1.02
C ASP A 85 13.54 -10.21 -2.26
N LYS A 86 13.01 -9.20 -2.93
CA LYS A 86 12.22 -9.41 -4.15
C LYS A 86 12.30 -8.20 -5.07
N GLU A 87 12.22 -8.45 -6.38
CA GLU A 87 12.29 -7.37 -7.36
C GLU A 87 10.90 -6.79 -7.62
N ILE A 88 10.80 -5.47 -7.58
CA ILE A 88 9.53 -4.80 -7.82
C ILE A 88 9.65 -3.80 -8.98
N ALA A 89 8.54 -3.11 -9.26
CA ALA A 89 8.52 -2.13 -10.34
C ALA A 89 7.38 -1.13 -10.15
N SER A 90 6.22 -1.64 -9.72
CA SER A 90 5.05 -0.80 -9.50
C SER A 90 4.54 -0.93 -8.07
N SER A 91 4.12 0.19 -7.48
CA SER A 91 3.61 0.19 -6.12
C SER A 91 2.41 -0.75 -5.98
N THR A 92 1.62 -0.84 -7.05
CA THR A 92 0.44 -1.69 -7.05
C THR A 92 0.83 -3.17 -7.13
N ASP A 93 1.92 -3.44 -7.84
CA ASP A 93 2.41 -4.82 -8.00
C ASP A 93 2.95 -5.36 -6.67
N LEU A 94 3.81 -4.57 -6.04
CA LEU A 94 4.41 -4.96 -4.77
C LEU A 94 3.37 -4.97 -3.66
N GLN A 95 2.47 -3.99 -3.68
CA GLN A 95 1.41 -3.89 -2.67
C GLN A 95 0.43 -5.05 -2.79
N SER A 96 0.05 -5.38 -4.03
CA SER A 96 -0.89 -6.46 -4.28
C SER A 96 -0.27 -7.80 -3.90
N ALA A 97 0.97 -8.02 -4.31
CA ALA A 97 1.68 -9.26 -4.01
C ALA A 97 1.82 -9.46 -2.50
N LEU A 98 2.21 -8.41 -1.81
CA LEU A 98 2.39 -8.48 -0.36
C LEU A 98 1.06 -8.78 0.34
N TYR A 99 0.03 -8.03 -0.02
CA TYR A 99 -1.29 -8.21 0.57
C TYR A 99 -1.93 -9.52 0.08
N ASN A 100 -1.35 -10.09 -0.97
CA ASN A 100 -1.85 -11.34 -1.53
C ASN A 100 -1.34 -12.54 -0.73
N HIS A 101 -0.03 -12.63 -0.58
CA HIS A 101 0.59 -13.72 0.16
C HIS A 101 1.18 -13.23 1.47
N SER A 102 1.02 -14.01 2.54
CA SER A 102 1.54 -13.65 3.85
C SER A 102 0.86 -12.39 4.38
N ILE A 103 -0.16 -12.57 5.21
CA ILE A 103 -0.89 -11.45 5.77
C ILE A 103 -0.20 -10.92 7.02
N GLY A 104 -0.11 -9.60 7.14
CA GLY A 104 0.53 -9.00 8.30
C GLY A 104 1.98 -9.40 8.44
N ASP A 105 2.55 -9.93 7.36
CA ASP A 105 3.94 -10.36 7.38
C ASP A 105 4.88 -9.15 7.36
N THR A 106 6.08 -9.33 7.91
CA THR A 106 7.07 -8.26 7.96
C THR A 106 7.97 -8.29 6.73
N ILE A 107 8.17 -7.13 6.12
CA ILE A 107 9.02 -7.02 4.94
C ILE A 107 10.07 -5.92 5.12
N LYS A 108 11.09 -5.96 4.28
CA LYS A 108 12.17 -4.97 4.33
C LYS A 108 12.22 -4.16 3.05
N ILE A 109 12.16 -2.84 3.19
CA ILE A 109 12.20 -1.95 2.03
C ILE A 109 13.60 -1.37 1.83
N THR A 110 14.19 -1.64 0.67
CA THR A 110 15.53 -1.14 0.36
C THR A 110 15.48 -0.11 -0.76
N TYR A 111 15.82 1.13 -0.43
CA TYR A 111 15.83 2.21 -1.42
C TYR A 111 17.19 2.88 -1.49
N TYR A 112 17.34 3.81 -2.42
CA TYR A 112 18.59 4.53 -2.60
C TYR A 112 18.36 6.04 -2.63
N ARG A 113 19.22 6.78 -1.94
CA ARG A 113 19.11 8.23 -1.89
C ARG A 113 20.46 8.90 -2.19
N ASN A 114 20.53 9.60 -3.31
CA ASN A 114 21.76 10.28 -3.70
C ASN A 114 22.94 9.31 -3.71
N GLY A 115 22.72 8.11 -4.25
CA GLY A 115 23.78 7.12 -4.29
C GLY A 115 24.08 6.53 -2.93
N LYS A 116 23.19 6.76 -1.97
CA LYS A 116 23.37 6.25 -0.62
C LYS A 116 22.32 5.18 -0.30
N GLU A 117 22.76 3.93 -0.26
CA GLU A 117 21.87 2.82 0.03
C GLU A 117 21.28 2.94 1.44
N GLU A 118 19.99 2.68 1.57
CA GLU A 118 19.32 2.76 2.85
C GLU A 118 18.13 1.81 2.91
N THR A 119 18.13 0.92 3.90
CA THR A 119 17.06 -0.04 4.08
C THR A 119 16.36 0.13 5.42
N THR A 120 15.10 -0.28 5.49
CA THR A 120 14.33 -0.16 6.71
C THR A 120 13.34 -1.33 6.85
N SER A 121 13.08 -1.72 8.09
CA SER A 121 12.16 -2.83 8.37
C SER A 121 10.76 -2.31 8.66
N ILE A 122 9.80 -2.73 7.86
CA ILE A 122 8.40 -2.31 8.04
C ILE A 122 7.45 -3.49 7.87
N LYS A 123 6.41 -3.52 8.70
CA LYS A 123 5.42 -4.59 8.65
C LYS A 123 4.24 -4.18 7.78
N LEU A 124 3.86 -5.07 6.86
CA LEU A 124 2.74 -4.80 5.96
C LEU A 124 1.41 -5.18 6.62
N ASN A 125 0.71 -4.17 7.13
CA ASN A 125 -0.58 -4.39 7.79
C ASN A 125 -1.63 -4.86 6.78
N LYS A 126 -2.42 -5.85 7.17
CA LYS A 126 -3.47 -6.39 6.31
C LYS A 126 -4.84 -6.19 6.94
N LEU A 127 -5.79 -5.74 6.13
CA LEU A 127 -7.15 -5.51 6.59
C LEU A 127 -8.17 -6.21 5.70
N MET A 1 -34.13 23.37 30.71
CA MET A 1 -34.56 22.55 31.83
C MET A 1 -33.52 21.46 32.13
N GLU A 2 -33.16 21.34 33.41
CA GLU A 2 -32.18 20.35 33.83
C GLU A 2 -32.80 18.95 33.84
N GLY A 3 -32.24 18.06 33.04
CA GLY A 3 -32.74 16.70 32.96
C GLY A 3 -31.78 15.75 32.28
N LEU A 4 -31.89 14.46 32.60
CA LEU A 4 -31.01 13.45 32.02
C LEU A 4 -31.69 12.08 32.01
N GLY A 5 -31.08 11.14 31.31
CA GLY A 5 -31.63 9.79 31.23
C GLY A 5 -30.59 8.75 30.94
N PHE A 6 -30.99 7.70 30.21
CA PHE A 6 -30.07 6.62 29.85
C PHE A 6 -30.69 5.70 28.81
N ALA A 7 -31.89 5.21 29.10
CA ALA A 7 -32.59 4.31 28.19
C ALA A 7 -31.79 3.04 27.94
N ILE A 8 -32.41 2.09 27.26
CA ILE A 8 -31.75 0.82 26.95
C ILE A 8 -31.03 0.90 25.61
N PRO A 9 -29.75 0.45 25.59
CA PRO A 9 -28.93 0.45 24.39
C PRO A 9 -29.41 -0.57 23.36
N ALA A 10 -28.62 -0.75 22.30
CA ALA A 10 -28.95 -1.71 21.25
C ALA A 10 -28.63 -3.13 21.68
N ASN A 11 -29.67 -3.93 21.91
CA ASN A 11 -29.49 -5.32 22.32
C ASN A 11 -29.96 -6.28 21.23
N ASP A 12 -29.71 -5.90 19.98
CA ASP A 12 -30.10 -6.73 18.85
C ASP A 12 -29.45 -6.23 17.56
N ALA A 13 -28.66 -7.08 16.93
CA ALA A 13 -27.99 -6.74 15.69
C ALA A 13 -28.97 -6.66 14.52
N ILE A 14 -29.90 -7.61 14.48
CA ILE A 14 -30.90 -7.65 13.42
C ILE A 14 -30.25 -7.59 12.05
N ASN A 15 -29.86 -8.76 11.53
CA ASN A 15 -29.23 -8.84 10.23
C ASN A 15 -29.67 -10.10 9.49
N ILE A 16 -29.83 -9.99 8.17
CA ILE A 16 -30.25 -11.11 7.35
C ILE A 16 -29.08 -11.71 6.59
N ILE A 17 -29.00 -13.04 6.56
CA ILE A 17 -27.93 -13.73 5.87
C ILE A 17 -28.15 -13.71 4.36
N GLU A 18 -27.98 -12.54 3.76
CA GLU A 18 -28.16 -12.38 2.32
C GLU A 18 -27.76 -10.98 1.87
N GLN A 19 -26.59 -10.54 2.33
CA GLN A 19 -26.08 -9.21 1.97
C GLN A 19 -25.75 -9.14 0.47
N LEU A 20 -24.93 -10.08 0.02
CA LEU A 20 -24.53 -10.12 -1.39
C LEU A 20 -23.83 -8.83 -1.80
N GLU A 21 -23.44 -8.75 -3.06
CA GLU A 21 -22.76 -7.57 -3.58
C GLU A 21 -23.06 -7.37 -5.06
N LYS A 22 -22.87 -6.14 -5.54
CA LYS A 22 -23.11 -5.83 -6.94
C LYS A 22 -22.41 -4.53 -7.33
N ASN A 23 -21.75 -4.55 -8.49
CA ASN A 23 -21.04 -3.37 -8.97
C ASN A 23 -20.54 -3.58 -10.40
N GLY A 24 -20.50 -2.50 -11.17
CA GLY A 24 -20.05 -2.59 -12.55
C GLY A 24 -18.59 -2.98 -12.65
N LYS A 25 -18.06 -2.98 -13.87
CA LYS A 25 -16.66 -3.34 -14.11
C LYS A 25 -16.05 -2.45 -15.18
N VAL A 26 -14.92 -1.82 -14.83
CA VAL A 26 -14.23 -0.94 -15.77
C VAL A 26 -12.73 -0.97 -15.54
N THR A 27 -12.31 -0.90 -14.27
CA THR A 27 -10.90 -0.93 -13.92
C THR A 27 -10.57 -2.14 -13.05
N ARG A 28 -9.52 -2.86 -13.43
CA ARG A 28 -9.10 -4.04 -12.69
C ARG A 28 -7.78 -3.78 -11.98
N PRO A 29 -7.49 -4.61 -10.96
CA PRO A 29 -6.26 -4.50 -10.17
C PRO A 29 -5.02 -4.90 -10.98
N ALA A 30 -3.87 -4.38 -10.57
CA ALA A 30 -2.61 -4.68 -11.25
C ALA A 30 -1.45 -4.70 -10.27
N LEU A 31 -0.43 -5.49 -10.59
CA LEU A 31 0.75 -5.59 -9.73
C LEU A 31 1.98 -5.98 -10.55
N GLY A 32 1.94 -5.70 -11.84
CA GLY A 32 3.06 -6.03 -12.71
C GLY A 32 4.13 -4.95 -12.70
N ILE A 33 4.65 -4.65 -11.52
CA ILE A 33 5.68 -3.63 -11.39
C ILE A 33 7.01 -4.25 -10.97
N GLN A 34 8.11 -3.63 -11.39
CA GLN A 34 9.44 -4.12 -11.05
C GLN A 34 10.14 -3.17 -10.08
N MET A 35 10.71 -3.73 -9.02
CA MET A 35 11.41 -2.94 -8.01
C MET A 35 12.64 -3.69 -7.49
N VAL A 36 13.51 -2.96 -6.80
CA VAL A 36 14.73 -3.55 -6.25
C VAL A 36 15.22 -2.77 -5.03
N ASN A 37 15.85 -3.48 -4.10
CA ASN A 37 16.36 -2.84 -2.90
C ASN A 37 17.40 -1.78 -3.24
N LEU A 38 17.49 -0.75 -2.39
CA LEU A 38 18.43 0.33 -2.60
C LEU A 38 19.83 -0.21 -2.88
N SER A 39 20.25 -1.18 -2.08
CA SER A 39 21.57 -1.79 -2.22
C SER A 39 21.80 -2.86 -1.17
N ASN A 40 20.84 -3.75 -1.02
CA ASN A 40 20.93 -4.83 -0.04
C ASN A 40 20.97 -4.28 1.38
N VAL A 41 20.09 -3.33 1.67
CA VAL A 41 20.02 -2.73 2.99
C VAL A 41 21.42 -2.55 3.58
N SER A 42 22.10 -1.49 3.15
CA SER A 42 23.45 -1.21 3.64
C SER A 42 23.54 0.21 4.19
N THR A 43 24.65 0.50 4.86
CA THR A 43 24.86 1.82 5.44
C THR A 43 25.01 2.88 4.36
N SER A 44 25.47 2.47 3.18
CA SER A 44 25.66 3.38 2.06
C SER A 44 24.32 3.94 1.59
N ASP A 45 23.27 3.15 1.73
CA ASP A 45 21.94 3.56 1.32
C ASP A 45 21.34 4.54 2.33
N ILE A 46 21.74 4.40 3.59
CA ILE A 46 21.24 5.28 4.64
C ILE A 46 21.59 6.74 4.35
N ARG A 47 22.87 6.99 4.06
CA ARG A 47 23.33 8.33 3.77
C ARG A 47 22.78 8.83 2.43
N ARG A 48 22.48 7.89 1.54
CA ARG A 48 21.94 8.22 0.23
C ARG A 48 20.49 8.69 0.34
N LEU A 49 19.81 8.23 1.38
CA LEU A 49 18.41 8.60 1.60
C LEU A 49 18.31 9.97 2.25
N ASN A 50 18.60 10.03 3.55
CA ASN A 50 18.54 11.28 4.30
C ASN A 50 19.03 11.08 5.73
N ILE A 51 18.23 10.39 6.53
CA ILE A 51 18.58 10.12 7.92
C ILE A 51 17.50 9.30 8.61
N PRO A 52 17.33 8.04 8.16
CA PRO A 52 16.33 7.13 8.72
C PRO A 52 16.69 6.67 10.13
N SER A 53 16.00 5.65 10.62
CA SER A 53 16.24 5.12 11.95
C SER A 53 15.48 3.81 12.16
N ASN A 54 14.18 3.84 11.88
CA ASN A 54 13.34 2.65 12.05
C ASN A 54 13.10 1.97 10.71
N VAL A 55 13.36 2.69 9.62
CA VAL A 55 13.18 2.16 8.28
C VAL A 55 14.45 1.50 7.77
N THR A 56 15.46 2.33 7.49
CA THR A 56 16.74 1.83 6.99
C THR A 56 16.58 1.19 5.63
N SER A 57 17.06 1.87 4.59
CA SER A 57 16.97 1.35 3.23
C SER A 57 15.51 1.22 2.79
N GLY A 58 15.30 0.63 1.62
CA GLY A 58 13.96 0.45 1.11
C GLY A 58 13.94 -0.11 -0.29
N VAL A 59 12.79 -0.04 -0.96
CA VAL A 59 12.65 -0.54 -2.31
C VAL A 59 12.38 0.60 -3.29
N ILE A 60 12.86 0.44 -4.52
CA ILE A 60 12.67 1.44 -5.55
C ILE A 60 12.14 0.83 -6.84
N VAL A 61 11.12 1.46 -7.41
CA VAL A 61 10.52 0.98 -8.65
C VAL A 61 11.30 1.45 -9.86
N ARG A 62 11.70 0.52 -10.71
CA ARG A 62 12.46 0.84 -11.91
C ARG A 62 11.58 1.54 -12.94
N SER A 63 10.32 1.12 -13.00
CA SER A 63 9.37 1.70 -13.95
C SER A 63 8.00 1.05 -13.82
N VAL A 64 6.95 1.87 -13.78
CA VAL A 64 5.59 1.38 -13.65
C VAL A 64 5.00 1.03 -15.02
N GLN A 65 4.17 0.00 -15.05
CA GLN A 65 3.54 -0.43 -16.30
C GLN A 65 2.20 0.27 -16.50
N SER A 66 2.01 0.83 -17.69
CA SER A 66 0.77 1.54 -18.02
C SER A 66 0.65 2.81 -17.20
N ASN A 67 1.72 3.18 -16.50
CA ASN A 67 1.74 4.38 -15.68
C ASN A 67 0.40 4.58 -14.98
N MET A 68 0.04 3.64 -14.11
CA MET A 68 -1.21 3.70 -13.37
C MET A 68 -1.16 4.80 -12.31
N PRO A 69 -0.24 4.64 -11.35
CA PRO A 69 -0.06 5.61 -10.27
C PRO A 69 0.52 6.93 -10.75
N ALA A 70 1.19 6.90 -11.89
CA ALA A 70 1.79 8.10 -12.47
C ALA A 70 0.74 9.17 -12.72
N ASN A 71 -0.52 8.74 -12.79
CA ASN A 71 -1.62 9.68 -13.03
C ASN A 71 -1.72 10.71 -11.91
N GLY A 72 -1.09 10.41 -10.79
CA GLY A 72 -1.11 11.33 -9.65
C GLY A 72 0.22 12.03 -9.45
N HIS A 73 1.12 11.38 -8.71
CA HIS A 73 2.43 11.97 -8.44
C HIS A 73 3.47 10.87 -8.22
N LEU A 74 3.68 10.05 -9.24
CA LEU A 74 4.64 8.95 -9.16
C LEU A 74 5.98 9.36 -9.78
N GLU A 75 7.08 9.01 -9.10
CA GLU A 75 8.41 9.34 -9.59
C GLU A 75 9.03 8.14 -10.31
N LYS A 76 9.94 8.43 -11.24
CA LYS A 76 10.61 7.39 -12.00
C LYS A 76 11.20 6.33 -11.07
N TYR A 77 12.01 6.77 -10.12
CA TYR A 77 12.62 5.86 -9.16
C TYR A 77 11.60 5.34 -8.16
N ASP A 78 10.80 6.24 -7.62
CA ASP A 78 9.77 5.86 -6.65
C ASP A 78 10.37 5.01 -5.53
N VAL A 79 10.84 5.66 -4.49
CA VAL A 79 11.44 4.97 -3.35
C VAL A 79 10.37 4.59 -2.32
N ILE A 80 9.79 3.41 -2.48
CA ILE A 80 8.77 2.93 -1.56
C ILE A 80 9.39 2.30 -0.33
N THR A 81 8.92 2.72 0.85
CA THR A 81 9.42 2.20 2.11
C THR A 81 8.29 1.72 3.00
N LYS A 82 7.06 1.80 2.49
CA LYS A 82 5.89 1.36 3.24
C LYS A 82 4.84 0.76 2.31
N VAL A 83 4.15 -0.26 2.80
CA VAL A 83 3.11 -0.93 2.01
C VAL A 83 1.99 -1.43 2.90
N ASP A 84 0.79 -0.88 2.70
CA ASP A 84 -0.38 -1.28 3.49
C ASP A 84 -0.26 -0.76 4.92
N ASP A 85 0.66 -1.32 5.68
CA ASP A 85 0.87 -0.92 7.07
C ASP A 85 2.17 -1.49 7.61
N LYS A 86 3.14 -1.69 6.73
CA LYS A 86 4.44 -2.24 7.13
C LYS A 86 5.53 -1.81 6.15
N GLU A 87 6.70 -1.49 6.70
CA GLU A 87 7.83 -1.05 5.88
C GLU A 87 8.65 -2.25 5.39
N ILE A 88 9.22 -2.12 4.20
CA ILE A 88 10.02 -3.20 3.63
C ILE A 88 11.41 -2.69 3.23
N ALA A 89 12.24 -3.60 2.73
CA ALA A 89 13.59 -3.24 2.31
C ALA A 89 13.92 -3.86 0.96
N SER A 90 13.47 -5.09 0.75
CA SER A 90 13.73 -5.81 -0.49
C SER A 90 12.46 -5.89 -1.34
N SER A 91 12.62 -5.70 -2.65
CA SER A 91 11.49 -5.76 -3.57
C SER A 91 10.90 -7.17 -3.62
N THR A 92 11.76 -8.17 -3.57
CA THR A 92 11.32 -9.56 -3.61
C THR A 92 10.59 -9.94 -2.32
N ASP A 93 11.02 -9.35 -1.21
CA ASP A 93 10.41 -9.63 0.09
C ASP A 93 9.01 -9.04 0.16
N LEU A 94 8.88 -7.78 -0.25
CA LEU A 94 7.58 -7.10 -0.23
C LEU A 94 6.63 -7.71 -1.25
N GLN A 95 7.17 -8.13 -2.38
CA GLN A 95 6.37 -8.74 -3.44
C GLN A 95 5.81 -10.09 -2.99
N SER A 96 6.67 -10.92 -2.42
CA SER A 96 6.27 -12.24 -1.95
C SER A 96 5.25 -12.12 -0.81
N ALA A 97 5.54 -11.23 0.13
CA ALA A 97 4.66 -11.02 1.28
C ALA A 97 3.28 -10.56 0.83
N LEU A 98 3.25 -9.60 -0.10
CA LEU A 98 2.00 -9.07 -0.61
C LEU A 98 1.19 -10.16 -1.33
N TYR A 99 1.87 -10.90 -2.20
CA TYR A 99 1.22 -11.97 -2.94
C TYR A 99 0.98 -13.18 -2.06
N ASN A 100 1.50 -13.14 -0.84
CA ASN A 100 1.33 -14.23 0.10
C ASN A 100 0.07 -14.03 0.96
N HIS A 101 0.01 -12.91 1.65
CA HIS A 101 -1.13 -12.60 2.50
C HIS A 101 -1.98 -11.49 1.89
N SER A 102 -3.28 -11.53 2.15
CA SER A 102 -4.20 -10.53 1.62
C SER A 102 -4.25 -10.59 0.09
N ILE A 103 -5.02 -11.53 -0.43
CA ILE A 103 -5.15 -11.70 -1.88
C ILE A 103 -6.23 -10.78 -2.44
N GLY A 104 -5.91 -10.11 -3.54
CA GLY A 104 -6.85 -9.19 -4.16
C GLY A 104 -7.27 -8.07 -3.23
N ASP A 105 -6.49 -7.86 -2.18
CA ASP A 105 -6.77 -6.80 -1.22
C ASP A 105 -6.12 -5.49 -1.63
N THR A 106 -6.71 -4.37 -1.21
CA THR A 106 -6.18 -3.05 -1.55
C THR A 106 -5.19 -2.58 -0.49
N ILE A 107 -4.05 -2.07 -0.94
CA ILE A 107 -3.03 -1.57 -0.03
C ILE A 107 -2.53 -0.19 -0.45
N LYS A 108 -1.87 0.50 0.47
CA LYS A 108 -1.34 1.83 0.19
C LYS A 108 0.18 1.82 0.21
N ILE A 109 0.79 2.30 -0.88
CA ILE A 109 2.24 2.36 -0.97
C ILE A 109 2.77 3.76 -0.69
N THR A 110 3.61 3.88 0.32
CA THR A 110 4.18 5.18 0.68
C THR A 110 5.66 5.24 0.32
N TYR A 111 5.99 6.12 -0.63
CA TYR A 111 7.36 6.29 -1.08
C TYR A 111 7.86 7.71 -0.81
N TYR A 112 9.12 7.96 -1.10
CA TYR A 112 9.72 9.27 -0.90
C TYR A 112 10.35 9.80 -2.18
N ARG A 113 9.94 10.99 -2.59
CA ARG A 113 10.47 11.61 -3.80
C ARG A 113 11.13 12.95 -3.49
N ASN A 114 12.44 13.02 -3.67
CA ASN A 114 13.19 14.25 -3.42
C ASN A 114 12.91 14.77 -2.01
N GLY A 115 12.85 13.84 -1.05
CA GLY A 115 12.60 14.22 0.32
C GLY A 115 11.16 14.64 0.56
N LYS A 116 10.28 14.32 -0.40
CA LYS A 116 8.87 14.66 -0.30
C LYS A 116 8.02 13.40 -0.15
N GLU A 117 7.37 13.28 1.00
CA GLU A 117 6.51 12.12 1.26
C GLU A 117 5.36 12.05 0.26
N GLU A 118 5.27 10.93 -0.45
CA GLU A 118 4.22 10.75 -1.44
C GLU A 118 3.52 9.40 -1.25
N THR A 119 2.22 9.45 -1.01
CA THR A 119 1.44 8.23 -0.80
C THR A 119 0.51 7.97 -1.99
N THR A 120 0.44 6.71 -2.40
CA THR A 120 -0.42 6.33 -3.52
C THR A 120 -1.21 5.07 -3.20
N SER A 121 -2.42 4.97 -3.76
CA SER A 121 -3.28 3.82 -3.53
C SER A 121 -3.13 2.80 -4.65
N ILE A 122 -2.87 1.55 -4.27
CA ILE A 122 -2.70 0.48 -5.24
C ILE A 122 -3.43 -0.79 -4.80
N LYS A 123 -4.23 -1.35 -5.70
CA LYS A 123 -4.99 -2.57 -5.40
C LYS A 123 -4.27 -3.80 -5.94
N LEU A 124 -4.12 -4.81 -5.09
CA LEU A 124 -3.45 -6.05 -5.48
C LEU A 124 -4.34 -6.87 -6.41
N ASN A 125 -3.74 -7.47 -7.43
CA ASN A 125 -4.47 -8.30 -8.38
C ASN A 125 -4.48 -9.76 -7.95
N LYS A 126 -5.66 -10.35 -7.88
CA LYS A 126 -5.80 -11.74 -7.48
C LYS A 126 -5.89 -12.66 -8.71
N LEU A 127 -5.42 -13.89 -8.56
CA LEU A 127 -5.45 -14.85 -9.65
C LEU A 127 -6.89 -15.21 -10.02
N MET A 1 -39.68 10.89 31.97
CA MET A 1 -39.38 10.14 33.18
C MET A 1 -39.50 8.64 32.95
N GLU A 2 -38.35 7.97 32.86
CA GLU A 2 -38.32 6.53 32.63
C GLU A 2 -36.94 5.96 32.91
N GLY A 3 -36.83 4.64 32.87
CA GLY A 3 -35.55 3.98 33.11
C GLY A 3 -35.27 2.87 32.12
N LEU A 4 -35.44 3.17 30.84
CA LEU A 4 -35.20 2.19 29.79
C LEU A 4 -33.92 2.53 29.02
N GLY A 5 -33.67 1.79 27.94
CA GLY A 5 -32.48 2.02 27.14
C GLY A 5 -32.59 1.39 25.76
N PHE A 6 -32.21 0.12 25.67
CA PHE A 6 -32.25 -0.60 24.40
C PHE A 6 -33.08 -1.88 24.53
N ALA A 7 -32.67 -2.75 25.45
CA ALA A 7 -33.38 -4.01 25.66
C ALA A 7 -33.55 -4.77 24.36
N ILE A 8 -32.42 -5.12 23.73
CA ILE A 8 -32.45 -5.86 22.47
C ILE A 8 -32.82 -7.33 22.71
N PRO A 9 -33.77 -7.83 21.90
CA PRO A 9 -34.23 -9.22 22.00
C PRO A 9 -33.16 -10.22 21.54
N ALA A 10 -33.55 -11.48 21.47
CA ALA A 10 -32.63 -12.53 21.05
C ALA A 10 -32.23 -12.36 19.58
N ASN A 11 -30.92 -12.39 19.32
CA ASN A 11 -30.41 -12.24 17.97
C ASN A 11 -30.29 -13.58 17.27
N ASP A 12 -30.89 -13.69 16.09
CA ASP A 12 -30.84 -14.93 15.33
C ASP A 12 -30.91 -14.64 13.83
N ALA A 13 -29.77 -14.32 13.24
CA ALA A 13 -29.69 -14.03 11.81
C ALA A 13 -29.73 -15.31 10.99
N ILE A 14 -29.19 -16.39 11.54
CA ILE A 14 -29.17 -17.67 10.85
C ILE A 14 -28.14 -17.67 9.73
N ASN A 15 -28.33 -16.77 8.77
CA ASN A 15 -27.41 -16.66 7.63
C ASN A 15 -27.27 -15.21 7.18
N ILE A 16 -26.55 -15.00 6.08
CA ILE A 16 -26.34 -13.66 5.55
C ILE A 16 -26.55 -13.64 4.04
N ILE A 17 -27.55 -12.89 3.60
CA ILE A 17 -27.85 -12.77 2.17
C ILE A 17 -26.62 -12.32 1.39
N GLU A 18 -26.34 -13.02 0.29
CA GLU A 18 -25.20 -12.70 -0.55
C GLU A 18 -25.27 -11.25 -1.04
N GLN A 19 -24.22 -10.48 -0.77
CA GLN A 19 -24.17 -9.08 -1.19
C GLN A 19 -23.63 -8.96 -2.61
N LEU A 20 -22.69 -9.83 -2.96
CA LEU A 20 -22.09 -9.81 -4.29
C LEU A 20 -21.35 -8.50 -4.54
N GLU A 21 -20.71 -8.39 -5.70
CA GLU A 21 -19.96 -7.19 -6.06
C GLU A 21 -20.90 -5.99 -6.17
N LYS A 22 -20.36 -4.81 -5.88
CA LYS A 22 -21.14 -3.58 -5.94
C LYS A 22 -20.43 -2.54 -6.81
N ASN A 23 -21.21 -1.69 -7.46
CA ASN A 23 -20.67 -0.65 -8.32
C ASN A 23 -21.39 0.68 -8.09
N GLY A 24 -20.69 1.78 -8.32
CA GLY A 24 -21.28 3.09 -8.15
C GLY A 24 -20.31 4.08 -7.53
N LYS A 25 -19.41 4.61 -8.34
CA LYS A 25 -18.42 5.57 -7.86
C LYS A 25 -17.63 6.16 -9.02
N VAL A 26 -17.26 7.43 -8.89
CA VAL A 26 -16.49 8.12 -9.94
C VAL A 26 -15.08 7.55 -10.04
N THR A 27 -14.27 7.82 -9.02
CA THR A 27 -12.89 7.34 -9.00
C THR A 27 -12.71 6.22 -7.98
N ARG A 28 -12.03 5.16 -8.39
CA ARG A 28 -11.79 4.02 -7.50
C ARG A 28 -10.29 3.82 -7.27
N PRO A 29 -9.96 3.09 -6.19
CA PRO A 29 -8.57 2.82 -5.83
C PRO A 29 -7.89 1.86 -6.81
N ALA A 30 -6.57 1.88 -6.83
CA ALA A 30 -5.81 1.01 -7.72
C ALA A 30 -4.47 0.62 -7.09
N LEU A 31 -3.95 -0.54 -7.50
CA LEU A 31 -2.68 -1.03 -6.98
C LEU A 31 -1.95 -1.87 -8.01
N GLY A 32 -2.26 -1.63 -9.28
CA GLY A 32 -1.63 -2.37 -10.36
C GLY A 32 -0.26 -1.83 -10.71
N ILE A 33 0.75 -2.20 -9.94
CA ILE A 33 2.12 -1.74 -10.19
C ILE A 33 3.12 -2.87 -9.96
N GLN A 34 4.25 -2.79 -10.67
CA GLN A 34 5.29 -3.80 -10.55
C GLN A 34 6.54 -3.22 -9.91
N MET A 35 7.10 -3.93 -8.93
CA MET A 35 8.31 -3.48 -8.24
C MET A 35 9.24 -4.65 -7.97
N VAL A 36 10.47 -4.34 -7.56
CA VAL A 36 11.46 -5.35 -7.26
C VAL A 36 12.46 -4.85 -6.22
N ASN A 37 12.96 -5.77 -5.41
CA ASN A 37 13.94 -5.43 -4.37
C ASN A 37 15.20 -4.86 -4.99
N LEU A 38 15.86 -3.96 -4.25
CA LEU A 38 17.09 -3.33 -4.73
C LEU A 38 18.08 -4.38 -5.22
N SER A 39 18.22 -5.46 -4.46
CA SER A 39 19.14 -6.54 -4.81
C SER A 39 19.10 -7.66 -3.77
N ASN A 40 17.89 -8.06 -3.40
CA ASN A 40 17.72 -9.12 -2.41
C ASN A 40 18.28 -8.70 -1.06
N VAL A 41 18.20 -7.39 -0.76
CA VAL A 41 18.70 -6.86 0.50
C VAL A 41 20.18 -7.22 0.70
N SER A 42 21.05 -6.55 -0.03
CA SER A 42 22.48 -6.79 0.08
C SER A 42 23.24 -5.51 0.36
N THR A 43 24.54 -5.63 0.62
CA THR A 43 25.38 -4.48 0.91
C THR A 43 25.32 -3.45 -0.22
N SER A 44 25.04 -3.94 -1.44
CA SER A 44 24.96 -3.07 -2.60
C SER A 44 23.83 -2.05 -2.45
N ASP A 45 22.70 -2.51 -1.90
CA ASP A 45 21.56 -1.64 -1.69
C ASP A 45 21.89 -0.50 -0.74
N ILE A 46 22.70 -0.80 0.27
CA ILE A 46 23.11 0.20 1.25
C ILE A 46 23.84 1.36 0.58
N ARG A 47 24.87 1.03 -0.20
CA ARG A 47 25.65 2.05 -0.89
C ARG A 47 24.84 2.68 -2.02
N ARG A 48 23.87 1.94 -2.54
CA ARG A 48 23.03 2.42 -3.62
C ARG A 48 22.26 3.67 -3.20
N LEU A 49 21.86 3.71 -1.92
CA LEU A 49 21.12 4.83 -1.39
C LEU A 49 22.05 5.81 -0.67
N ASN A 50 22.52 5.42 0.51
CA ASN A 50 23.41 6.26 1.29
C ASN A 50 23.76 5.59 2.62
N ILE A 51 22.89 5.76 3.60
CA ILE A 51 23.10 5.17 4.92
C ILE A 51 21.99 5.57 5.89
N PRO A 52 20.84 4.89 5.79
CA PRO A 52 19.69 5.15 6.65
C PRO A 52 19.93 4.73 8.09
N SER A 53 19.58 3.48 8.40
CA SER A 53 19.77 2.94 9.74
C SER A 53 19.13 1.57 9.87
N ASN A 54 17.81 1.54 9.98
CA ASN A 54 17.08 0.28 10.10
C ASN A 54 16.47 -0.14 8.76
N VAL A 55 16.39 0.81 7.83
CA VAL A 55 15.83 0.55 6.51
C VAL A 55 16.54 -0.63 5.85
N THR A 56 17.80 -0.40 5.44
CA THR A 56 18.58 -1.44 4.79
C THR A 56 17.87 -1.97 3.55
N SER A 57 18.26 -1.44 2.39
CA SER A 57 17.66 -1.85 1.12
C SER A 57 16.17 -1.50 1.08
N GLY A 58 15.50 -1.91 0.01
CA GLY A 58 14.08 -1.64 -0.13
C GLY A 58 13.53 -2.11 -1.45
N VAL A 59 12.41 -1.53 -1.87
CA VAL A 59 11.78 -1.90 -3.13
C VAL A 59 11.77 -0.72 -4.10
N ILE A 60 11.78 -1.03 -5.39
CA ILE A 60 11.78 0.00 -6.43
C ILE A 60 10.69 -0.27 -7.47
N VAL A 61 9.93 0.77 -7.80
CA VAL A 61 8.86 0.65 -8.78
C VAL A 61 9.40 0.78 -10.20
N ARG A 62 9.13 -0.22 -11.03
CA ARG A 62 9.59 -0.21 -12.42
C ARG A 62 8.81 0.81 -13.25
N SER A 63 7.49 0.84 -13.04
CA SER A 63 6.63 1.76 -13.78
C SER A 63 5.17 1.59 -13.35
N VAL A 64 4.52 2.71 -13.03
CA VAL A 64 3.12 2.69 -12.62
C VAL A 64 2.19 2.75 -13.83
N GLN A 65 1.05 2.08 -13.71
CA GLN A 65 0.07 2.04 -14.79
C GLN A 65 -0.87 3.25 -14.71
N SER A 66 -1.14 3.86 -15.86
CA SER A 66 -2.01 5.02 -15.92
C SER A 66 -1.37 6.22 -15.23
N ASN A 67 -0.08 6.09 -14.90
CA ASN A 67 0.65 7.16 -14.24
C ASN A 67 -0.22 7.86 -13.20
N MET A 68 -0.85 7.07 -12.34
CA MET A 68 -1.72 7.60 -11.30
C MET A 68 -0.93 8.51 -10.35
N PRO A 69 0.08 7.93 -9.68
CA PRO A 69 0.93 8.66 -8.74
C PRO A 69 1.84 9.66 -9.43
N ALA A 70 2.17 9.37 -10.69
CA ALA A 70 3.03 10.26 -11.46
C ALA A 70 2.46 11.67 -11.54
N ASN A 71 1.15 11.77 -11.38
CA ASN A 71 0.47 13.07 -11.43
C ASN A 71 1.03 14.02 -10.38
N GLY A 72 1.64 13.45 -9.34
CA GLY A 72 2.21 14.27 -8.28
C GLY A 72 3.69 14.58 -8.52
N HIS A 73 4.55 13.63 -8.17
CA HIS A 73 5.98 13.80 -8.36
C HIS A 73 6.75 12.57 -7.89
N LEU A 74 7.01 11.65 -8.81
CA LEU A 74 7.73 10.43 -8.48
C LEU A 74 8.72 10.07 -9.60
N GLU A 75 9.83 9.45 -9.21
CA GLU A 75 10.86 9.06 -10.17
C GLU A 75 10.52 7.70 -10.79
N LYS A 76 11.02 7.48 -12.00
CA LYS A 76 10.78 6.23 -12.71
C LYS A 76 11.12 5.02 -11.82
N TYR A 77 12.28 5.10 -11.16
CA TYR A 77 12.72 4.02 -10.28
C TYR A 77 11.88 3.99 -9.00
N ASP A 78 11.70 5.15 -8.40
CA ASP A 78 10.92 5.25 -7.16
C ASP A 78 11.36 4.19 -6.15
N VAL A 79 12.38 4.53 -5.36
CA VAL A 79 12.89 3.61 -4.35
C VAL A 79 12.15 3.76 -3.03
N ILE A 80 11.10 2.94 -2.86
CA ILE A 80 10.30 2.99 -1.64
C ILE A 80 10.95 2.17 -0.53
N THR A 81 11.04 2.76 0.66
CA THR A 81 11.64 2.09 1.81
C THR A 81 10.62 1.90 2.92
N LYS A 82 9.60 2.75 2.93
CA LYS A 82 8.55 2.68 3.95
C LYS A 82 7.17 2.67 3.31
N VAL A 83 6.23 1.96 3.92
CA VAL A 83 4.87 1.88 3.41
C VAL A 83 3.87 1.77 4.55
N ASP A 84 2.99 2.77 4.65
CA ASP A 84 1.97 2.79 5.70
C ASP A 84 2.60 3.07 7.06
N ASP A 85 3.36 2.10 7.57
CA ASP A 85 4.02 2.23 8.86
C ASP A 85 4.87 1.00 9.18
N LYS A 86 5.44 0.42 8.13
CA LYS A 86 6.28 -0.77 8.30
C LYS A 86 7.45 -0.75 7.31
N GLU A 87 8.52 -1.45 7.65
CA GLU A 87 9.69 -1.52 6.78
C GLU A 87 9.55 -2.64 5.76
N ILE A 88 9.93 -2.36 4.52
CA ILE A 88 9.85 -3.34 3.45
C ILE A 88 11.23 -3.64 2.87
N ALA A 89 11.28 -4.55 1.91
CA ALA A 89 12.53 -4.92 1.27
C ALA A 89 12.29 -5.53 -0.11
N SER A 90 11.26 -6.37 -0.21
CA SER A 90 10.93 -7.02 -1.46
C SER A 90 9.51 -6.69 -1.88
N SER A 91 9.30 -6.48 -3.18
CA SER A 91 7.98 -6.16 -3.71
C SER A 91 6.99 -7.26 -3.41
N THR A 92 7.47 -8.50 -3.39
CA THR A 92 6.62 -9.65 -3.11
C THR A 92 6.23 -9.71 -1.64
N ASP A 93 7.13 -9.26 -0.77
CA ASP A 93 6.88 -9.25 0.66
C ASP A 93 5.84 -8.19 1.03
N LEU A 94 6.04 -6.98 0.52
CA LEU A 94 5.13 -5.87 0.79
C LEU A 94 3.77 -6.11 0.11
N GLN A 95 3.81 -6.70 -1.08
CA GLN A 95 2.59 -6.97 -1.83
C GLN A 95 1.75 -8.03 -1.12
N SER A 96 2.40 -9.09 -0.67
CA SER A 96 1.70 -10.18 0.02
C SER A 96 1.15 -9.70 1.36
N ALA A 97 1.97 -8.95 2.10
CA ALA A 97 1.56 -8.44 3.40
C ALA A 97 0.36 -7.51 3.27
N LEU A 98 0.41 -6.62 2.29
CA LEU A 98 -0.68 -5.67 2.05
C LEU A 98 -1.96 -6.40 1.66
N TYR A 99 -1.85 -7.31 0.70
CA TYR A 99 -2.99 -8.08 0.23
C TYR A 99 -3.48 -9.05 1.30
N ASN A 100 -2.65 -9.23 2.33
CA ASN A 100 -2.99 -10.13 3.43
C ASN A 100 -3.78 -9.39 4.51
N HIS A 101 -3.17 -8.34 5.05
CA HIS A 101 -3.82 -7.55 6.09
C HIS A 101 -4.21 -6.17 5.57
N SER A 102 -5.32 -5.63 6.10
CA SER A 102 -5.79 -4.33 5.68
C SER A 102 -6.20 -4.33 4.22
N ILE A 103 -7.42 -4.81 3.94
CA ILE A 103 -7.91 -4.88 2.58
C ILE A 103 -8.55 -3.55 2.16
N GLY A 104 -8.24 -3.12 0.94
CA GLY A 104 -8.79 -1.87 0.45
C GLY A 104 -8.44 -0.69 1.34
N ASP A 105 -7.41 -0.85 2.16
CA ASP A 105 -6.98 0.21 3.06
C ASP A 105 -5.99 1.14 2.37
N THR A 106 -5.96 2.40 2.81
CA THR A 106 -5.05 3.39 2.24
C THR A 106 -3.73 3.42 2.99
N ILE A 107 -2.63 3.49 2.25
CA ILE A 107 -1.30 3.53 2.85
C ILE A 107 -0.45 4.62 2.21
N LYS A 108 0.63 4.99 2.90
CA LYS A 108 1.54 6.02 2.39
C LYS A 108 2.89 5.42 2.02
N ILE A 109 3.30 5.63 0.78
CA ILE A 109 4.58 5.11 0.29
C ILE A 109 5.65 6.20 0.28
N THR A 110 6.70 5.98 1.06
CA THR A 110 7.80 6.94 1.15
C THR A 110 9.05 6.41 0.46
N TYR A 111 9.45 7.07 -0.62
CA TYR A 111 10.63 6.66 -1.37
C TYR A 111 11.69 7.77 -1.37
N TYR A 112 12.84 7.47 -1.93
CA TYR A 112 13.93 8.42 -2.00
C TYR A 112 14.50 8.53 -3.41
N ARG A 113 14.76 9.76 -3.85
CA ARG A 113 15.29 10.00 -5.18
C ARG A 113 16.43 11.01 -5.14
N ASN A 114 17.63 10.55 -5.47
CA ASN A 114 18.81 11.40 -5.46
C ASN A 114 18.96 12.12 -4.12
N GLY A 115 18.77 11.37 -3.04
CA GLY A 115 18.89 11.95 -1.71
C GLY A 115 17.76 12.90 -1.39
N LYS A 116 16.70 12.86 -2.20
CA LYS A 116 15.54 13.72 -1.99
C LYS A 116 14.33 12.91 -1.54
N GLU A 117 13.91 13.11 -0.30
CA GLU A 117 12.75 12.40 0.24
C GLU A 117 11.49 12.77 -0.51
N GLU A 118 10.72 11.74 -0.89
CA GLU A 118 9.47 11.96 -1.62
C GLU A 118 8.41 10.95 -1.20
N THR A 119 7.38 11.44 -0.51
CA THR A 119 6.30 10.58 -0.04
C THR A 119 5.01 10.84 -0.81
N THR A 120 4.21 9.80 -0.99
CA THR A 120 2.94 9.93 -1.71
C THR A 120 1.88 9.02 -1.10
N SER A 121 0.63 9.46 -1.18
CA SER A 121 -0.49 8.70 -0.64
C SER A 121 -1.14 7.84 -1.72
N ILE A 122 -1.25 6.55 -1.46
CA ILE A 122 -1.86 5.63 -2.41
C ILE A 122 -2.80 4.64 -1.71
N LYS A 123 -3.95 4.39 -2.33
CA LYS A 123 -4.93 3.46 -1.78
C LYS A 123 -5.01 2.18 -2.60
N LEU A 124 -4.94 1.05 -1.91
CA LEU A 124 -5.00 -0.25 -2.58
C LEU A 124 -6.44 -0.61 -2.94
N ASN A 125 -6.61 -1.22 -4.10
CA ASN A 125 -7.94 -1.62 -4.57
C ASN A 125 -8.26 -3.05 -4.15
N LYS A 126 -9.45 -3.25 -3.59
CA LYS A 126 -9.87 -4.58 -3.16
C LYS A 126 -11.26 -4.92 -3.71
N LEU A 127 -11.40 -6.15 -4.20
CA LEU A 127 -12.67 -6.60 -4.76
C LEU A 127 -13.38 -7.54 -3.80
N MET A 1 -20.81 14.05 8.74
CA MET A 1 -20.60 13.59 10.12
C MET A 1 -21.23 12.23 10.34
N GLU A 2 -20.55 11.39 11.12
CA GLU A 2 -21.04 10.05 11.42
C GLU A 2 -20.16 9.36 12.45
N GLY A 3 -20.81 8.65 13.38
CA GLY A 3 -20.07 7.96 14.42
C GLY A 3 -19.22 6.83 13.88
N LEU A 4 -17.91 6.92 14.09
CA LEU A 4 -16.98 5.91 13.62
C LEU A 4 -16.24 5.26 14.78
N GLY A 5 -16.68 4.07 15.17
CA GLY A 5 -16.04 3.36 16.27
C GLY A 5 -16.14 1.86 16.12
N PHE A 6 -15.06 1.16 16.45
CA PHE A 6 -15.03 -0.30 16.35
C PHE A 6 -14.20 -0.91 17.48
N ALA A 7 -12.88 -0.77 17.36
CA ALA A 7 -11.97 -1.31 18.37
C ALA A 7 -12.17 -2.81 18.56
N ILE A 8 -12.08 -3.55 17.46
CA ILE A 8 -12.26 -5.00 17.51
C ILE A 8 -10.99 -5.68 18.01
N PRO A 9 -11.16 -6.63 18.96
CA PRO A 9 -10.05 -7.38 19.53
C PRO A 9 -9.42 -8.36 18.53
N ALA A 10 -8.49 -9.17 19.01
CA ALA A 10 -7.82 -10.14 18.16
C ALA A 10 -8.50 -11.51 18.26
N ASN A 11 -8.81 -12.09 17.11
CA ASN A 11 -9.46 -13.39 17.06
C ASN A 11 -9.00 -14.19 15.84
N ASP A 12 -9.40 -15.46 15.79
CA ASP A 12 -9.02 -16.33 14.68
C ASP A 12 -10.23 -17.11 14.18
N ALA A 13 -11.15 -16.41 13.51
CA ALA A 13 -12.35 -17.05 12.98
C ALA A 13 -12.04 -17.83 11.71
N ILE A 14 -11.07 -17.36 10.94
CA ILE A 14 -10.68 -18.01 9.70
C ILE A 14 -11.88 -18.27 8.81
N ASN A 15 -12.23 -17.27 8.00
CA ASN A 15 -13.37 -17.38 7.09
C ASN A 15 -13.48 -16.15 6.21
N ILE A 16 -14.52 -16.11 5.39
CA ILE A 16 -14.74 -14.98 4.48
C ILE A 16 -16.22 -14.58 4.46
N ILE A 17 -16.53 -13.46 5.10
CA ILE A 17 -17.90 -12.96 5.16
C ILE A 17 -18.46 -12.78 3.75
N GLU A 18 -19.67 -13.31 3.53
CA GLU A 18 -20.33 -13.21 2.24
C GLU A 18 -21.70 -12.55 2.37
N GLN A 19 -21.71 -11.35 2.93
CA GLN A 19 -22.96 -10.61 3.13
C GLN A 19 -23.52 -10.15 1.79
N LEU A 20 -22.66 -9.60 0.94
CA LEU A 20 -23.07 -9.12 -0.37
C LEU A 20 -24.17 -8.06 -0.24
N GLU A 21 -23.90 -7.05 0.58
CA GLU A 21 -24.87 -5.97 0.79
C GLU A 21 -24.42 -4.69 0.10
N LYS A 22 -25.39 -3.90 -0.36
CA LYS A 22 -25.08 -2.65 -1.05
C LYS A 22 -26.15 -1.60 -0.75
N ASN A 23 -25.78 -0.33 -0.87
CA ASN A 23 -26.70 0.77 -0.62
C ASN A 23 -26.24 2.05 -1.31
N GLY A 24 -25.92 1.94 -2.60
CA GLY A 24 -25.48 3.09 -3.35
C GLY A 24 -23.99 3.34 -3.19
N LYS A 25 -23.38 3.96 -4.20
CA LYS A 25 -21.95 4.26 -4.16
C LYS A 25 -21.56 5.18 -5.32
N VAL A 26 -20.30 5.62 -5.32
CA VAL A 26 -19.80 6.51 -6.36
C VAL A 26 -18.43 6.06 -6.85
N THR A 27 -17.45 6.10 -5.95
CA THR A 27 -16.08 5.72 -6.30
C THR A 27 -15.79 4.30 -5.80
N ARG A 28 -14.98 3.57 -6.57
CA ARG A 28 -14.61 2.21 -6.21
C ARG A 28 -13.11 2.10 -5.96
N PRO A 29 -12.70 1.04 -5.25
CA PRO A 29 -11.29 0.79 -4.93
C PRO A 29 -10.48 0.40 -6.17
N ALA A 30 -9.17 0.61 -6.09
CA ALA A 30 -8.28 0.28 -7.21
C ALA A 30 -6.90 -0.13 -6.70
N LEU A 31 -6.12 -0.76 -7.58
CA LEU A 31 -4.78 -1.21 -7.22
C LEU A 31 -3.93 -1.45 -8.46
N GLY A 32 -4.29 -0.77 -9.55
CA GLY A 32 -3.56 -0.93 -10.79
C GLY A 32 -2.25 -0.17 -10.79
N ILE A 33 -1.31 -0.60 -9.94
CA ILE A 33 -0.02 0.04 -9.84
C ILE A 33 1.11 -0.99 -9.90
N GLN A 34 2.25 -0.58 -10.46
CA GLN A 34 3.40 -1.47 -10.57
C GLN A 34 4.57 -0.94 -9.76
N MET A 35 5.22 -1.83 -9.02
CA MET A 35 6.37 -1.46 -8.19
C MET A 35 7.46 -2.51 -8.27
N VAL A 36 8.64 -2.18 -7.75
CA VAL A 36 9.77 -3.10 -7.75
C VAL A 36 10.72 -2.82 -6.59
N ASN A 37 11.35 -3.86 -6.09
CA ASN A 37 12.30 -3.73 -4.98
C ASN A 37 13.46 -2.84 -5.37
N LEU A 38 14.01 -2.12 -4.39
CA LEU A 38 15.14 -1.23 -4.64
C LEU A 38 16.26 -1.95 -5.37
N SER A 39 16.55 -3.17 -4.95
CA SER A 39 17.60 -3.97 -5.56
C SER A 39 17.70 -5.35 -4.91
N ASN A 40 16.55 -6.01 -4.77
CA ASN A 40 16.51 -7.34 -4.16
C ASN A 40 16.95 -7.28 -2.71
N VAL A 41 16.78 -6.12 -2.08
CA VAL A 41 17.17 -5.94 -0.68
C VAL A 41 18.66 -6.18 -0.49
N SER A 42 19.48 -5.30 -1.06
CA SER A 42 20.93 -5.41 -0.95
C SER A 42 21.54 -4.14 -0.38
N THR A 43 22.76 -4.26 0.15
CA THR A 43 23.46 -3.12 0.72
C THR A 43 23.78 -2.07 -0.33
N SER A 44 23.84 -2.50 -1.59
CA SER A 44 24.15 -1.60 -2.69
C SER A 44 23.07 -0.53 -2.83
N ASP A 45 21.81 -0.93 -2.71
CA ASP A 45 20.70 0.01 -2.82
C ASP A 45 20.63 0.92 -1.60
N ILE A 46 21.09 0.41 -0.45
CA ILE A 46 21.08 1.17 0.79
C ILE A 46 21.93 2.44 0.65
N ARG A 47 23.17 2.28 0.20
CA ARG A 47 24.08 3.40 0.03
C ARG A 47 23.63 4.27 -1.15
N ARG A 48 23.16 3.64 -2.21
CA ARG A 48 22.71 4.36 -3.39
C ARG A 48 21.55 5.29 -3.06
N LEU A 49 20.78 4.93 -2.03
CA LEU A 49 19.64 5.73 -1.60
C LEU A 49 20.10 6.91 -0.76
N ASN A 50 20.53 6.62 0.47
CA ASN A 50 21.00 7.66 1.38
C ASN A 50 21.39 7.06 2.74
N ILE A 51 21.99 5.87 2.69
CA ILE A 51 22.42 5.20 3.90
C ILE A 51 21.44 5.45 5.06
N PRO A 52 20.20 4.98 4.88
CA PRO A 52 19.15 5.14 5.90
C PRO A 52 19.41 4.30 7.14
N SER A 53 18.39 4.18 7.99
CA SER A 53 18.51 3.39 9.22
C SER A 53 17.31 2.48 9.40
N ASN A 54 16.11 3.05 9.28
CA ASN A 54 14.88 2.29 9.42
C ASN A 54 14.30 1.91 8.06
N VAL A 55 14.76 2.59 7.02
CA VAL A 55 14.29 2.33 5.67
C VAL A 55 14.73 0.96 5.19
N THR A 56 16.04 0.70 5.27
CA THR A 56 16.59 -0.58 4.85
C THR A 56 15.86 -1.13 3.62
N SER A 57 16.20 -0.61 2.45
CA SER A 57 15.57 -1.04 1.21
C SER A 57 14.06 -0.82 1.27
N GLY A 58 13.37 -1.23 0.20
CA GLY A 58 11.93 -1.06 0.15
C GLY A 58 11.37 -1.26 -1.25
N VAL A 59 10.20 -0.69 -1.51
CA VAL A 59 9.57 -0.81 -2.81
C VAL A 59 9.39 0.56 -3.47
N ILE A 60 9.50 0.59 -4.80
CA ILE A 60 9.36 1.83 -5.54
C ILE A 60 8.31 1.69 -6.65
N VAL A 61 7.43 2.67 -6.75
CA VAL A 61 6.38 2.66 -7.76
C VAL A 61 6.87 3.28 -9.07
N ARG A 62 6.75 2.52 -10.14
CA ARG A 62 7.18 3.00 -11.46
C ARG A 62 6.27 4.11 -11.96
N SER A 63 4.95 3.88 -11.86
CA SER A 63 3.98 4.86 -12.32
C SER A 63 2.56 4.35 -12.08
N VAL A 64 1.71 5.20 -11.51
CA VAL A 64 0.33 4.85 -11.23
C VAL A 64 -0.58 5.16 -12.43
N GLN A 65 -1.59 4.33 -12.63
CA GLN A 65 -2.52 4.52 -13.73
C GLN A 65 -3.61 5.51 -13.35
N SER A 66 -3.94 6.41 -14.28
CA SER A 66 -4.97 7.41 -14.04
C SER A 66 -4.54 8.40 -12.96
N ASN A 67 -3.26 8.34 -12.60
CA ASN A 67 -2.71 9.22 -11.58
C ASN A 67 -3.70 9.41 -10.44
N MET A 68 -4.05 8.31 -9.78
CA MET A 68 -4.99 8.36 -8.67
C MET A 68 -4.37 9.05 -7.45
N PRO A 69 -3.28 8.47 -6.94
CA PRO A 69 -2.57 9.01 -5.78
C PRO A 69 -1.85 10.32 -6.10
N ALA A 70 -1.52 10.51 -7.37
CA ALA A 70 -0.83 11.72 -7.81
C ALA A 70 -1.62 12.98 -7.43
N ASN A 71 -2.92 12.80 -7.26
CA ASN A 71 -3.79 13.93 -6.90
C ASN A 71 -3.33 14.57 -5.60
N GLY A 72 -2.61 13.81 -4.79
CA GLY A 72 -2.12 14.33 -3.53
C GLY A 72 -0.73 14.93 -3.64
N HIS A 73 0.29 14.08 -3.59
CA HIS A 73 1.66 14.53 -3.70
C HIS A 73 2.63 13.34 -3.63
N LEU A 74 2.99 12.81 -4.79
CA LEU A 74 3.90 11.67 -4.87
C LEU A 74 4.88 11.83 -6.02
N GLU A 75 6.09 11.28 -5.86
CA GLU A 75 7.11 11.36 -6.89
C GLU A 75 6.99 10.20 -7.86
N LYS A 76 7.56 10.37 -9.05
CA LYS A 76 7.52 9.33 -10.07
C LYS A 76 8.00 8.00 -9.51
N TYR A 77 9.13 8.04 -8.82
CA TYR A 77 9.71 6.84 -8.23
C TYR A 77 8.88 6.36 -7.04
N ASP A 78 8.54 7.29 -6.16
CA ASP A 78 7.75 6.97 -4.97
C ASP A 78 8.31 5.76 -4.25
N VAL A 79 9.29 5.98 -3.37
CA VAL A 79 9.92 4.90 -2.62
C VAL A 79 9.15 4.62 -1.34
N ILE A 80 8.22 3.68 -1.41
CA ILE A 80 7.41 3.30 -0.26
C ILE A 80 8.15 2.30 0.62
N THR A 81 8.12 2.54 1.93
CA THR A 81 8.79 1.66 2.89
C THR A 81 7.80 1.06 3.87
N LYS A 82 6.66 1.73 4.03
CA LYS A 82 5.62 1.26 4.94
C LYS A 82 4.28 1.11 4.22
N VAL A 83 3.52 0.09 4.61
CA VAL A 83 2.22 -0.16 3.99
C VAL A 83 1.24 -0.76 5.00
N ASP A 84 0.17 -0.04 5.28
CA ASP A 84 -0.83 -0.49 6.23
C ASP A 84 -0.30 -0.46 7.66
N ASP A 85 0.63 -1.35 7.96
CA ASP A 85 1.23 -1.42 9.29
C ASP A 85 2.28 -2.52 9.36
N LYS A 86 2.99 -2.72 8.25
CA LYS A 86 4.03 -3.74 8.18
C LYS A 86 5.17 -3.30 7.27
N GLU A 87 6.37 -3.79 7.53
CA GLU A 87 7.54 -3.46 6.74
C GLU A 87 7.68 -4.39 5.54
N ILE A 88 7.88 -3.81 4.36
CA ILE A 88 8.03 -4.60 3.14
C ILE A 88 9.38 -4.34 2.49
N ALA A 89 9.59 -4.96 1.32
CA ALA A 89 10.84 -4.79 0.59
C ALA A 89 10.65 -5.08 -0.89
N SER A 90 9.87 -6.12 -1.19
CA SER A 90 9.60 -6.50 -2.57
C SER A 90 8.15 -6.21 -2.95
N SER A 91 7.95 -5.73 -4.17
CA SER A 91 6.61 -5.41 -4.65
C SER A 91 5.78 -6.67 -4.80
N THR A 92 6.42 -7.75 -5.26
CA THR A 92 5.73 -9.01 -5.45
C THR A 92 5.37 -9.65 -4.12
N ASP A 93 6.22 -9.46 -3.13
CA ASP A 93 6.00 -10.01 -1.80
C ASP A 93 4.83 -9.32 -1.10
N LEU A 94 4.84 -7.99 -1.14
CA LEU A 94 3.79 -7.21 -0.51
C LEU A 94 2.47 -7.38 -1.25
N GLN A 95 2.54 -7.52 -2.57
CA GLN A 95 1.35 -7.70 -3.39
C GLN A 95 0.70 -9.05 -3.11
N SER A 96 1.51 -10.10 -3.10
CA SER A 96 1.02 -11.45 -2.85
C SER A 96 0.50 -11.58 -1.42
N ALA A 97 1.14 -10.87 -0.50
CA ALA A 97 0.74 -10.90 0.91
C ALA A 97 -0.61 -10.23 1.11
N LEU A 98 -0.77 -9.05 0.54
CA LEU A 98 -2.02 -8.29 0.66
C LEU A 98 -3.14 -9.00 -0.08
N TYR A 99 -2.80 -9.68 -1.16
CA TYR A 99 -3.79 -10.40 -1.96
C TYR A 99 -4.24 -11.69 -1.25
N ASN A 100 -3.56 -12.00 -0.15
CA ASN A 100 -3.90 -13.20 0.62
C ASN A 100 -4.83 -12.87 1.78
N HIS A 101 -4.39 -11.99 2.67
CA HIS A 101 -5.18 -11.59 3.82
C HIS A 101 -5.64 -10.13 3.69
N SER A 102 -6.71 -9.79 4.39
CA SER A 102 -7.23 -8.43 4.34
C SER A 102 -7.72 -8.08 2.95
N ILE A 103 -8.81 -8.71 2.53
CA ILE A 103 -9.38 -8.47 1.21
C ILE A 103 -10.26 -7.22 1.21
N GLY A 104 -10.10 -6.39 0.19
CA GLY A 104 -10.90 -5.18 0.09
C GLY A 104 -10.70 -4.26 1.28
N ASP A 105 -9.60 -4.43 1.99
CA ASP A 105 -9.29 -3.62 3.16
C ASP A 105 -8.54 -2.35 2.75
N THR A 106 -8.70 -1.29 3.54
CA THR A 106 -8.05 -0.02 3.26
C THR A 106 -6.70 0.06 3.96
N ILE A 107 -5.67 0.46 3.21
CA ILE A 107 -4.33 0.59 3.76
C ILE A 107 -3.68 1.89 3.33
N LYS A 108 -2.61 2.27 4.02
CA LYS A 108 -1.89 3.50 3.71
C LYS A 108 -0.44 3.21 3.35
N ILE A 109 0.06 3.88 2.32
CA ILE A 109 1.43 3.70 1.87
C ILE A 109 2.28 4.94 2.14
N THR A 110 3.39 4.76 2.83
CA THR A 110 4.28 5.87 3.15
C THR A 110 5.59 5.76 2.38
N TYR A 111 5.91 6.81 1.62
CA TYR A 111 7.13 6.84 0.83
C TYR A 111 7.98 8.06 1.17
N TYR A 112 9.21 8.07 0.69
CA TYR A 112 10.13 9.18 0.94
C TYR A 112 10.81 9.63 -0.35
N ARG A 113 10.79 10.93 -0.60
CA ARG A 113 11.40 11.49 -1.79
C ARG A 113 12.36 12.63 -1.43
N ASN A 114 13.65 12.41 -1.68
CA ASN A 114 14.66 13.41 -1.38
C ASN A 114 14.62 13.80 0.10
N GLY A 115 14.32 12.83 0.95
CA GLY A 115 14.26 13.09 2.38
C GLY A 115 12.93 13.68 2.80
N LYS A 116 11.94 13.61 1.92
CA LYS A 116 10.62 14.15 2.20
C LYS A 116 9.61 13.02 2.48
N GLU A 117 9.18 12.91 3.72
CA GLU A 117 8.22 11.88 4.11
C GLU A 117 6.80 12.27 3.70
N GLU A 118 6.13 11.36 2.99
CA GLU A 118 4.77 11.61 2.53
C GLU A 118 3.93 10.33 2.62
N THR A 119 2.75 10.46 3.21
CA THR A 119 1.84 9.32 3.36
C THR A 119 0.64 9.44 2.42
N THR A 120 0.10 8.31 2.01
CA THR A 120 -1.05 8.28 1.12
C THR A 120 -2.05 7.21 1.53
N SER A 121 -3.33 7.47 1.27
CA SER A 121 -4.39 6.53 1.63
C SER A 121 -4.97 5.87 0.38
N ILE A 122 -4.91 4.54 0.35
CA ILE A 122 -5.43 3.79 -0.78
C ILE A 122 -6.22 2.57 -0.32
N LYS A 123 -7.39 2.36 -0.92
CA LYS A 123 -8.24 1.23 -0.57
C LYS A 123 -8.06 0.09 -1.57
N LEU A 124 -7.86 -1.12 -1.05
CA LEU A 124 -7.68 -2.29 -1.89
C LEU A 124 -9.00 -2.72 -2.52
N ASN A 125 -8.94 -3.13 -3.79
CA ASN A 125 -10.14 -3.56 -4.50
C ASN A 125 -10.31 -5.08 -4.39
N LYS A 126 -11.52 -5.50 -4.04
CA LYS A 126 -11.82 -6.93 -3.91
C LYS A 126 -12.54 -7.45 -5.15
N LEU A 127 -12.23 -8.69 -5.54
CA LEU A 127 -12.85 -9.30 -6.70
C LEU A 127 -12.62 -8.46 -7.95
N MET A 1 -52.16 -13.76 45.67
CA MET A 1 -52.15 -13.09 44.37
C MET A 1 -51.33 -13.90 43.37
N GLU A 2 -51.89 -14.09 42.17
CA GLU A 2 -51.22 -14.84 41.13
C GLU A 2 -51.70 -14.41 39.75
N GLY A 3 -50.93 -14.75 38.71
CA GLY A 3 -51.31 -14.39 37.37
C GLY A 3 -50.38 -13.37 36.76
N LEU A 4 -49.96 -13.60 35.51
CA LEU A 4 -49.07 -12.67 34.82
C LEU A 4 -49.43 -12.56 33.34
N GLY A 5 -48.85 -11.58 32.67
CA GLY A 5 -49.12 -11.38 31.25
C GLY A 5 -47.91 -11.65 30.39
N PHE A 6 -48.01 -12.66 29.51
CA PHE A 6 -46.92 -13.00 28.62
C PHE A 6 -46.48 -11.80 27.79
N ALA A 7 -47.41 -10.87 27.59
CA ALA A 7 -47.11 -9.67 26.81
C ALA A 7 -46.79 -10.02 25.36
N ILE A 8 -46.49 -8.99 24.56
CA ILE A 8 -46.17 -9.19 23.16
C ILE A 8 -44.87 -8.49 22.79
N PRO A 9 -43.98 -9.21 22.09
CA PRO A 9 -42.69 -8.67 21.65
C PRO A 9 -42.83 -7.61 20.57
N ALA A 10 -41.70 -7.16 20.05
CA ALA A 10 -41.69 -6.14 19.00
C ALA A 10 -40.30 -5.98 18.39
N ASN A 11 -40.14 -4.94 17.58
CA ASN A 11 -38.85 -4.69 16.93
C ASN A 11 -37.75 -4.46 17.96
N ASP A 12 -36.60 -4.01 17.50
CA ASP A 12 -35.46 -3.76 18.39
C ASP A 12 -34.79 -2.43 18.03
N ALA A 13 -33.57 -2.24 18.54
CA ALA A 13 -32.82 -1.02 18.28
C ALA A 13 -32.42 -0.92 16.81
N ILE A 14 -32.35 -2.06 16.14
CA ILE A 14 -31.98 -2.11 14.74
C ILE A 14 -32.01 -3.53 14.20
N ASN A 15 -33.08 -3.87 13.50
CA ASN A 15 -33.23 -5.20 12.92
C ASN A 15 -33.21 -5.16 11.40
N ILE A 16 -32.55 -4.13 10.86
CA ILE A 16 -32.45 -3.97 9.41
C ILE A 16 -31.02 -4.17 8.93
N ILE A 17 -30.88 -4.70 7.72
CA ILE A 17 -29.57 -4.95 7.14
C ILE A 17 -29.40 -4.19 5.83
N GLU A 18 -28.84 -2.98 5.93
CA GLU A 18 -28.62 -2.15 4.74
C GLU A 18 -27.16 -1.70 4.66
N GLN A 19 -26.26 -2.66 4.55
CA GLN A 19 -24.84 -2.36 4.46
C GLN A 19 -24.41 -2.15 3.01
N LEU A 20 -25.15 -2.75 2.10
CA LEU A 20 -24.86 -2.62 0.67
C LEU A 20 -24.72 -1.16 0.27
N GLU A 21 -23.97 -0.91 -0.80
CA GLU A 21 -23.75 0.44 -1.29
C GLU A 21 -23.38 0.45 -2.77
N LYS A 22 -22.95 1.60 -3.27
CA LYS A 22 -22.56 1.73 -4.67
C LYS A 22 -21.54 2.85 -4.84
N ASN A 23 -21.03 3.00 -6.06
CA ASN A 23 -20.05 4.03 -6.36
C ASN A 23 -19.65 4.00 -7.83
N GLY A 24 -18.79 4.93 -8.22
CA GLY A 24 -18.34 4.99 -9.61
C GLY A 24 -17.64 6.29 -9.93
N LYS A 25 -16.90 6.30 -11.03
CA LYS A 25 -16.18 7.50 -11.46
C LYS A 25 -15.42 7.24 -12.76
N VAL A 26 -14.75 8.27 -13.26
CA VAL A 26 -14.00 8.15 -14.50
C VAL A 26 -12.67 7.46 -14.27
N THR A 27 -11.76 8.13 -13.55
CA THR A 27 -10.45 7.58 -13.26
C THR A 27 -10.50 6.68 -12.02
N ARG A 28 -9.79 5.56 -12.09
CA ARG A 28 -9.75 4.62 -10.97
C ARG A 28 -8.33 4.50 -10.40
N PRO A 29 -8.23 4.01 -9.17
CA PRO A 29 -6.94 3.84 -8.49
C PRO A 29 -6.10 2.72 -9.11
N ALA A 30 -4.80 2.76 -8.86
CA ALA A 30 -3.89 1.76 -9.40
C ALA A 30 -2.72 1.52 -8.45
N LEU A 31 -2.17 0.31 -8.50
CA LEU A 31 -1.04 -0.04 -7.64
C LEU A 31 -0.50 -1.43 -7.99
N GLY A 32 -0.60 -1.80 -9.26
CA GLY A 32 -0.13 -3.09 -9.71
C GLY A 32 1.31 -3.05 -10.16
N ILE A 33 2.24 -3.20 -9.22
CA ILE A 33 3.67 -3.17 -9.53
C ILE A 33 4.42 -4.23 -8.73
N GLN A 34 5.55 -4.69 -9.27
CA GLN A 34 6.36 -5.69 -8.61
C GLN A 34 7.70 -5.10 -8.15
N MET A 35 8.15 -5.52 -6.98
CA MET A 35 9.40 -5.03 -6.43
C MET A 35 10.16 -6.15 -5.72
N VAL A 36 11.37 -5.84 -5.25
CA VAL A 36 12.19 -6.82 -4.55
C VAL A 36 13.15 -6.14 -3.58
N ASN A 37 13.45 -6.82 -2.49
CA ASN A 37 14.37 -6.27 -1.48
C ASN A 37 15.75 -6.03 -2.08
N LEU A 38 16.47 -5.06 -1.53
CA LEU A 38 17.80 -4.73 -2.02
C LEU A 38 18.68 -5.97 -2.10
N SER A 39 18.62 -6.79 -1.06
CA SER A 39 19.42 -8.01 -1.01
C SER A 39 19.16 -8.78 0.29
N ASN A 40 17.89 -8.95 0.63
CA ASN A 40 17.50 -9.67 1.83
C ASN A 40 18.09 -8.98 3.07
N VAL A 41 17.97 -7.66 3.11
CA VAL A 41 18.49 -6.89 4.24
C VAL A 41 19.83 -7.44 4.72
N SER A 42 20.67 -7.84 3.77
CA SER A 42 21.98 -8.39 4.09
C SER A 42 23.08 -7.39 3.73
N THR A 43 24.32 -7.77 4.02
CA THR A 43 25.47 -6.91 3.74
C THR A 43 25.52 -6.54 2.27
N SER A 44 25.15 -7.48 1.41
CA SER A 44 25.15 -7.26 -0.03
C SER A 44 24.18 -6.14 -0.41
N ASP A 45 23.10 -6.02 0.36
CA ASP A 45 22.09 -5.00 0.10
C ASP A 45 22.64 -3.61 0.41
N ILE A 46 23.44 -3.52 1.47
CA ILE A 46 24.03 -2.25 1.88
C ILE A 46 24.90 -1.67 0.77
N ARG A 47 25.82 -2.48 0.26
CA ARG A 47 26.72 -2.04 -0.81
C ARG A 47 25.95 -1.83 -2.10
N ARG A 48 24.82 -2.53 -2.25
CA ARG A 48 24.00 -2.41 -3.45
C ARG A 48 23.34 -1.04 -3.53
N LEU A 49 23.24 -0.38 -2.38
CA LEU A 49 22.63 0.96 -2.32
C LEU A 49 23.70 2.05 -2.37
N ASN A 50 24.37 2.26 -1.24
CA ASN A 50 25.42 3.27 -1.15
C ASN A 50 26.05 3.28 0.23
N ILE A 51 25.36 3.91 1.18
CA ILE A 51 25.85 3.99 2.55
C ILE A 51 24.74 4.43 3.51
N PRO A 52 23.75 3.56 3.70
CA PRO A 52 22.61 3.82 4.58
C PRO A 52 23.01 3.82 6.05
N SER A 53 22.03 4.03 6.93
CA SER A 53 22.30 4.06 8.37
C SER A 53 21.01 4.34 9.14
N ASN A 54 20.13 5.13 8.55
CA ASN A 54 18.86 5.48 9.19
C ASN A 54 17.73 4.62 8.63
N VAL A 55 17.97 4.00 7.48
CA VAL A 55 16.97 3.15 6.84
C VAL A 55 17.38 1.68 6.91
N THR A 56 18.51 1.36 6.27
CA THR A 56 19.00 -0.01 6.26
C THR A 56 18.05 -0.94 5.51
N SER A 57 18.48 -1.41 4.35
CA SER A 57 17.65 -2.30 3.54
C SER A 57 16.41 -1.59 3.02
N GLY A 58 16.04 -1.88 1.79
CA GLY A 58 14.87 -1.25 1.20
C GLY A 58 14.28 -2.08 0.06
N VAL A 59 13.38 -1.47 -0.70
CA VAL A 59 12.73 -2.15 -1.82
C VAL A 59 12.98 -1.43 -3.13
N ILE A 60 13.05 -2.19 -4.22
CA ILE A 60 13.27 -1.60 -5.54
C ILE A 60 12.24 -2.09 -6.54
N VAL A 61 11.69 -1.17 -7.32
CA VAL A 61 10.69 -1.50 -8.32
C VAL A 61 11.34 -2.10 -9.57
N ARG A 62 10.84 -3.25 -9.99
CA ARG A 62 11.38 -3.94 -11.16
C ARG A 62 10.87 -3.28 -12.45
N SER A 63 9.57 -3.01 -12.49
CA SER A 63 8.96 -2.38 -13.67
C SER A 63 7.46 -2.19 -13.46
N VAL A 64 6.99 -0.98 -13.71
CA VAL A 64 5.58 -0.66 -13.55
C VAL A 64 4.80 -0.98 -14.82
N GLN A 65 3.55 -1.40 -14.66
CA GLN A 65 2.70 -1.74 -15.80
C GLN A 65 1.93 -0.52 -16.28
N SER A 66 1.85 -0.37 -17.60
CA SER A 66 1.15 0.76 -18.19
C SER A 66 1.86 2.07 -17.89
N ASN A 67 3.08 1.97 -17.36
CA ASN A 67 3.86 3.14 -17.02
C ASN A 67 2.98 4.24 -16.42
N MET A 68 2.31 3.91 -15.32
CA MET A 68 1.43 4.87 -14.65
C MET A 68 2.24 6.00 -14.02
N PRO A 69 3.12 5.63 -13.07
CA PRO A 69 3.97 6.60 -12.37
C PRO A 69 5.03 7.20 -13.28
N ALA A 70 5.40 6.47 -14.33
CA ALA A 70 6.40 6.93 -15.28
C ALA A 70 6.02 8.27 -15.88
N ASN A 71 4.72 8.56 -15.88
CA ASN A 71 4.20 9.80 -16.44
C ASN A 71 4.88 11.01 -15.76
N GLY A 72 5.35 10.81 -14.54
CA GLY A 72 6.00 11.88 -13.81
C GLY A 72 7.51 11.88 -14.00
N HIS A 73 8.19 11.05 -13.22
CA HIS A 73 9.65 10.94 -13.30
C HIS A 73 10.17 9.91 -12.31
N LEU A 74 10.33 8.68 -12.78
CA LEU A 74 10.82 7.60 -11.94
C LEU A 74 11.88 6.78 -12.68
N GLU A 75 12.75 6.12 -11.91
CA GLU A 75 13.82 5.31 -12.49
C GLU A 75 13.38 3.85 -12.59
N LYS A 76 13.96 3.14 -13.56
CA LYS A 76 13.63 1.73 -13.76
C LYS A 76 13.77 0.95 -12.46
N TYR A 77 14.88 1.15 -11.76
CA TYR A 77 15.13 0.46 -10.50
C TYR A 77 14.24 1.01 -9.39
N ASP A 78 14.18 2.34 -9.29
CA ASP A 78 13.37 2.99 -8.28
C ASP A 78 13.60 2.36 -6.91
N VAL A 79 14.64 2.82 -6.21
CA VAL A 79 14.96 2.31 -4.90
C VAL A 79 14.16 3.02 -3.81
N ILE A 80 12.96 2.50 -3.54
CA ILE A 80 12.10 3.08 -2.52
C ILE A 80 12.48 2.59 -1.13
N THR A 81 12.64 3.53 -0.20
CA THR A 81 13.00 3.19 1.17
C THR A 81 11.98 3.74 2.16
N LYS A 82 11.04 4.54 1.66
CA LYS A 82 10.00 5.13 2.49
C LYS A 82 8.62 4.91 1.88
N VAL A 83 7.62 4.73 2.74
CA VAL A 83 6.25 4.51 2.28
C VAL A 83 5.25 5.12 3.25
N ASP A 84 4.56 6.16 2.78
CA ASP A 84 3.56 6.84 3.61
C ASP A 84 4.22 7.50 4.82
N ASP A 85 4.48 6.70 5.86
CA ASP A 85 5.09 7.21 7.07
C ASP A 85 5.86 6.11 7.80
N LYS A 86 6.25 5.08 7.06
CA LYS A 86 6.99 3.96 7.62
C LYS A 86 8.04 3.44 6.64
N GLU A 87 9.12 2.90 7.19
CA GLU A 87 10.20 2.36 6.36
C GLU A 87 9.93 0.91 5.99
N ILE A 88 10.42 0.50 4.82
CA ILE A 88 10.23 -0.86 4.34
C ILE A 88 11.58 -1.54 4.09
N ALA A 89 11.52 -2.82 3.71
CA ALA A 89 12.73 -3.58 3.44
C ALA A 89 12.49 -4.64 2.36
N SER A 90 11.34 -5.31 2.46
CA SER A 90 10.98 -6.35 1.50
C SER A 90 9.72 -5.98 0.74
N SER A 91 9.71 -6.27 -0.55
CA SER A 91 8.55 -5.97 -1.40
C SER A 91 7.34 -6.79 -0.98
N THR A 92 7.58 -8.05 -0.61
CA THR A 92 6.51 -8.94 -0.19
C THR A 92 5.97 -8.55 1.19
N ASP A 93 6.86 -8.05 2.04
CA ASP A 93 6.48 -7.64 3.39
C ASP A 93 5.62 -6.38 3.35
N LEU A 94 6.06 -5.38 2.59
CA LEU A 94 5.32 -4.14 2.47
C LEU A 94 4.03 -4.34 1.69
N GLN A 95 4.07 -5.22 0.70
CA GLN A 95 2.89 -5.50 -0.12
C GLN A 95 1.81 -6.18 0.71
N SER A 96 2.21 -7.18 1.49
CA SER A 96 1.28 -7.92 2.32
C SER A 96 0.71 -7.02 3.42
N ALA A 97 1.58 -6.23 4.05
CA ALA A 97 1.16 -5.33 5.11
C ALA A 97 0.15 -4.32 4.60
N LEU A 98 0.42 -3.74 3.44
CA LEU A 98 -0.46 -2.74 2.85
C LEU A 98 -1.81 -3.38 2.47
N TYR A 99 -1.75 -4.55 1.87
CA TYR A 99 -2.96 -5.27 1.45
C TYR A 99 -3.77 -5.70 2.66
N ASN A 100 -3.15 -5.64 3.84
CA ASN A 100 -3.82 -6.04 5.08
C ASN A 100 -4.45 -4.83 5.77
N HIS A 101 -3.62 -3.85 6.13
CA HIS A 101 -4.10 -2.65 6.78
C HIS A 101 -4.13 -1.47 5.81
N SER A 102 -5.04 -0.54 6.06
CA SER A 102 -5.18 0.64 5.20
C SER A 102 -5.61 0.23 3.80
N ILE A 103 -6.88 -0.12 3.65
CA ILE A 103 -7.42 -0.53 2.36
C ILE A 103 -7.87 0.67 1.55
N GLY A 104 -7.53 0.67 0.26
CA GLY A 104 -7.90 1.77 -0.61
C GLY A 104 -7.39 3.10 -0.11
N ASP A 105 -6.36 3.06 0.74
CA ASP A 105 -5.78 4.27 1.28
C ASP A 105 -4.66 4.79 0.39
N THR A 106 -4.44 6.11 0.42
CA THR A 106 -3.41 6.74 -0.40
C THR A 106 -2.10 6.83 0.37
N ILE A 107 -1.00 6.48 -0.30
CA ILE A 107 0.32 6.52 0.32
C ILE A 107 1.34 7.18 -0.60
N LYS A 108 2.47 7.59 -0.04
CA LYS A 108 3.52 8.23 -0.81
C LYS A 108 4.78 7.37 -0.85
N ILE A 109 5.40 7.28 -2.02
CA ILE A 109 6.60 6.48 -2.19
C ILE A 109 7.81 7.37 -2.47
N THR A 110 8.85 7.22 -1.65
CA THR A 110 10.06 8.01 -1.81
C THR A 110 11.27 7.11 -2.09
N TYR A 111 11.82 7.24 -3.28
CA TYR A 111 12.98 6.44 -3.68
C TYR A 111 14.16 7.34 -4.05
N TYR A 112 15.32 6.72 -4.21
CA TYR A 112 16.53 7.46 -4.56
C TYR A 112 17.18 6.87 -5.82
N ARG A 113 17.41 7.72 -6.81
CA ARG A 113 18.03 7.28 -8.06
C ARG A 113 19.34 8.02 -8.31
N ASN A 114 20.45 7.30 -8.27
CA ASN A 114 21.76 7.89 -8.50
C ASN A 114 21.99 9.07 -7.55
N GLY A 115 21.53 8.93 -6.32
CA GLY A 115 21.68 9.99 -5.34
C GLY A 115 20.71 11.13 -5.55
N LYS A 116 19.69 10.88 -6.36
CA LYS A 116 18.67 11.90 -6.65
C LYS A 116 17.35 11.55 -5.96
N GLU A 117 16.95 12.39 -5.01
CA GLU A 117 15.71 12.17 -4.29
C GLU A 117 14.50 12.33 -5.21
N GLU A 118 13.64 11.32 -5.22
CA GLU A 118 12.44 11.34 -6.07
C GLU A 118 11.23 10.82 -5.31
N THR A 119 10.21 11.67 -5.20
CA THR A 119 8.98 11.30 -4.50
C THR A 119 7.78 11.28 -5.45
N THR A 120 6.87 10.35 -5.22
CA THR A 120 5.67 10.22 -6.05
C THR A 120 4.47 9.77 -5.23
N SER A 121 3.29 10.21 -5.63
CA SER A 121 2.06 9.85 -4.93
C SER A 121 1.39 8.65 -5.59
N ILE A 122 1.06 7.65 -4.78
CA ILE A 122 0.42 6.44 -5.28
C ILE A 122 -0.72 6.01 -4.37
N LYS A 123 -1.90 5.80 -4.96
CA LYS A 123 -3.08 5.38 -4.20
C LYS A 123 -3.38 3.91 -4.45
N LEU A 124 -3.59 3.16 -3.36
CA LEU A 124 -3.89 1.74 -3.46
C LEU A 124 -5.32 1.53 -3.94
N ASN A 125 -5.48 0.64 -4.92
CA ASN A 125 -6.80 0.34 -5.48
C ASN A 125 -7.41 -0.86 -4.77
N LYS A 126 -8.63 -0.67 -4.25
CA LYS A 126 -9.33 -1.75 -3.55
C LYS A 126 -10.38 -2.38 -4.45
N LEU A 127 -10.72 -3.63 -4.16
CA LEU A 127 -11.72 -4.35 -4.95
C LEU A 127 -12.60 -5.22 -4.05
N MET A 1 -37.74 13.52 2.75
CA MET A 1 -38.30 13.37 1.42
C MET A 1 -37.35 12.58 0.51
N GLU A 2 -37.45 11.25 0.58
CA GLU A 2 -36.58 10.39 -0.23
C GLU A 2 -37.39 9.25 -0.85
N GLY A 3 -38.39 9.62 -1.65
CA GLY A 3 -39.23 8.62 -2.30
C GLY A 3 -40.13 7.90 -1.31
N LEU A 4 -39.82 6.63 -1.06
CA LEU A 4 -40.61 5.82 -0.13
C LEU A 4 -39.80 4.63 0.38
N GLY A 5 -40.17 4.14 1.56
CA GLY A 5 -39.47 3.01 2.14
C GLY A 5 -39.22 3.19 3.63
N PHE A 6 -40.20 2.80 4.43
CA PHE A 6 -40.09 2.91 5.89
C PHE A 6 -39.15 1.86 6.45
N ALA A 7 -39.39 0.60 6.08
CA ALA A 7 -38.57 -0.51 6.54
C ALA A 7 -38.59 -0.61 8.06
N ILE A 8 -39.49 -1.42 8.59
CA ILE A 8 -39.61 -1.61 10.04
C ILE A 8 -38.87 -2.86 10.49
N PRO A 9 -38.08 -2.72 11.56
CA PRO A 9 -37.31 -3.84 12.12
C PRO A 9 -38.20 -4.87 12.80
N ALA A 10 -37.57 -5.83 13.46
CA ALA A 10 -38.30 -6.89 14.15
C ALA A 10 -37.36 -7.82 14.89
N ASN A 11 -36.42 -7.23 15.63
CA ASN A 11 -35.45 -8.02 16.39
C ASN A 11 -34.62 -8.91 15.46
N ASP A 12 -33.68 -9.64 16.05
CA ASP A 12 -32.82 -10.54 15.29
C ASP A 12 -32.18 -9.81 14.11
N ALA A 13 -31.06 -9.15 14.37
CA ALA A 13 -30.34 -8.41 13.34
C ALA A 13 -29.53 -9.35 12.46
N ILE A 14 -28.94 -10.37 13.08
CA ILE A 14 -28.13 -11.34 12.35
C ILE A 14 -27.07 -10.65 11.52
N ASN A 15 -25.90 -10.43 12.12
CA ASN A 15 -24.79 -9.77 11.44
C ASN A 15 -23.58 -9.67 12.35
N ILE A 16 -22.58 -10.52 12.10
CA ILE A 16 -21.36 -10.52 12.89
C ILE A 16 -20.14 -10.82 12.03
N ILE A 17 -19.05 -10.10 12.28
CA ILE A 17 -17.82 -10.29 11.52
C ILE A 17 -17.40 -11.76 11.51
N GLU A 18 -16.97 -12.25 10.35
CA GLU A 18 -16.54 -13.63 10.22
C GLU A 18 -15.95 -13.89 8.84
N GLN A 19 -15.40 -15.08 8.64
CA GLN A 19 -14.79 -15.45 7.37
C GLN A 19 -15.83 -15.45 6.26
N LEU A 20 -17.09 -15.68 6.62
CA LEU A 20 -18.17 -15.72 5.66
C LEU A 20 -19.29 -14.77 6.06
N GLU A 21 -19.03 -13.47 5.96
CA GLU A 21 -20.02 -12.46 6.31
C GLU A 21 -19.46 -11.05 6.08
N LYS A 22 -20.30 -10.17 5.57
CA LYS A 22 -19.90 -8.79 5.30
C LYS A 22 -21.09 -7.84 5.43
N ASN A 23 -20.82 -6.63 5.90
CA ASN A 23 -21.87 -5.64 6.07
C ASN A 23 -21.30 -4.33 6.62
N GLY A 24 -22.09 -3.27 6.54
CA GLY A 24 -21.64 -1.97 7.04
C GLY A 24 -20.39 -1.48 6.34
N LYS A 25 -19.35 -1.20 7.12
CA LYS A 25 -18.09 -0.73 6.57
C LYS A 25 -18.27 0.62 5.88
N VAL A 26 -17.98 1.70 6.61
CA VAL A 26 -18.11 3.04 6.06
C VAL A 26 -16.95 3.37 5.12
N THR A 27 -15.74 3.42 5.68
CA THR A 27 -14.55 3.72 4.90
C THR A 27 -13.86 2.44 4.43
N ARG A 28 -13.29 2.50 3.23
CA ARG A 28 -12.60 1.34 2.66
C ARG A 28 -11.13 1.65 2.43
N PRO A 29 -10.31 0.60 2.30
CA PRO A 29 -8.87 0.73 2.08
C PRO A 29 -8.55 1.26 0.69
N ALA A 30 -7.54 2.13 0.61
CA ALA A 30 -7.13 2.72 -0.66
C ALA A 30 -5.64 3.00 -0.67
N LEU A 31 -5.04 2.96 -1.86
CA LEU A 31 -3.61 3.21 -2.01
C LEU A 31 -3.31 3.89 -3.35
N GLY A 32 -3.66 3.21 -4.44
CA GLY A 32 -3.43 3.75 -5.77
C GLY A 32 -2.02 4.27 -5.94
N ILE A 33 -1.07 3.36 -6.12
CA ILE A 33 0.33 3.74 -6.30
C ILE A 33 1.04 2.79 -7.25
N GLN A 34 1.81 3.35 -8.16
CA GLN A 34 2.56 2.54 -9.13
C GLN A 34 4.06 2.68 -8.93
N MET A 35 4.74 1.55 -8.75
CA MET A 35 6.18 1.56 -8.54
C MET A 35 6.88 0.66 -9.56
N VAL A 36 8.21 0.76 -9.62
CA VAL A 36 8.99 -0.05 -10.55
C VAL A 36 10.40 -0.28 -10.02
N ASN A 37 10.97 -1.44 -10.35
CA ASN A 37 12.31 -1.79 -9.91
C ASN A 37 13.33 -0.76 -10.42
N LEU A 38 14.34 -0.48 -9.60
CA LEU A 38 15.38 0.47 -9.97
C LEU A 38 15.95 0.14 -11.34
N SER A 39 16.16 -1.14 -11.60
CA SER A 39 16.71 -1.59 -12.87
C SER A 39 16.80 -3.11 -12.92
N ASN A 40 15.71 -3.78 -12.55
CA ASN A 40 15.67 -5.24 -12.55
C ASN A 40 16.72 -5.81 -11.61
N VAL A 41 17.07 -5.04 -10.59
CA VAL A 41 18.07 -5.48 -9.61
C VAL A 41 19.42 -5.70 -10.27
N SER A 42 20.06 -4.63 -10.71
CA SER A 42 21.35 -4.71 -11.36
C SER A 42 22.39 -3.83 -10.65
N THR A 43 23.66 -4.12 -10.89
CA THR A 43 24.74 -3.36 -10.28
C THR A 43 24.76 -1.92 -10.80
N SER A 44 24.19 -1.72 -11.98
CA SER A 44 24.14 -0.39 -12.59
C SER A 44 23.26 0.54 -11.79
N ASP A 45 22.11 0.03 -11.35
CA ASP A 45 21.17 0.83 -10.57
C ASP A 45 21.74 1.17 -9.20
N ILE A 46 22.61 0.29 -8.70
CA ILE A 46 23.24 0.50 -7.39
C ILE A 46 24.04 1.80 -7.37
N ARG A 47 24.91 1.97 -8.36
CA ARG A 47 25.73 3.17 -8.46
C ARG A 47 24.88 4.39 -8.80
N ARG A 48 23.75 4.16 -9.44
CA ARG A 48 22.85 5.24 -9.84
C ARG A 48 22.07 5.76 -8.63
N LEU A 49 21.84 4.87 -7.65
CA LEU A 49 21.11 5.24 -6.45
C LEU A 49 22.02 5.95 -5.45
N ASN A 50 22.83 5.18 -4.74
CA ASN A 50 23.76 5.75 -3.76
C ASN A 50 24.54 4.64 -3.07
N ILE A 51 24.87 3.59 -3.81
CA ILE A 51 25.63 2.47 -3.26
C ILE A 51 25.24 2.20 -1.82
N PRO A 52 24.12 1.50 -1.63
CA PRO A 52 23.61 1.16 -0.28
C PRO A 52 24.48 0.13 0.42
N SER A 53 23.99 -0.40 1.53
CA SER A 53 24.73 -1.40 2.29
C SER A 53 24.07 -2.77 2.18
N ASN A 54 22.97 -2.95 2.90
CA ASN A 54 22.24 -4.21 2.89
C ASN A 54 21.03 -4.14 1.97
N VAL A 55 20.62 -2.91 1.64
CA VAL A 55 19.48 -2.69 0.76
C VAL A 55 19.69 -3.36 -0.60
N THR A 56 20.55 -2.77 -1.42
CA THR A 56 20.84 -3.31 -2.73
C THR A 56 19.59 -3.35 -3.61
N SER A 57 19.45 -2.38 -4.49
CA SER A 57 18.30 -2.31 -5.38
C SER A 57 17.01 -2.13 -4.58
N GLY A 58 15.92 -1.84 -5.28
CA GLY A 58 14.64 -1.65 -4.62
C GLY A 58 13.56 -1.18 -5.57
N VAL A 59 12.48 -0.63 -5.03
CA VAL A 59 11.37 -0.14 -5.84
C VAL A 59 11.18 1.35 -5.67
N ILE A 60 10.79 2.02 -6.75
CA ILE A 60 10.56 3.46 -6.72
C ILE A 60 9.21 3.82 -7.32
N VAL A 61 8.46 4.67 -6.63
CA VAL A 61 7.15 5.10 -7.11
C VAL A 61 7.29 6.15 -8.21
N ARG A 62 6.57 5.94 -9.31
CA ARG A 62 6.61 6.87 -10.44
C ARG A 62 5.76 8.10 -10.15
N SER A 63 4.51 7.87 -9.74
CA SER A 63 3.59 8.96 -9.44
C SER A 63 2.50 8.51 -8.47
N VAL A 64 1.52 9.37 -8.26
CA VAL A 64 0.42 9.06 -7.35
C VAL A 64 -0.92 9.38 -8.00
N GLN A 65 -1.90 8.49 -7.80
CA GLN A 65 -3.23 8.68 -8.36
C GLN A 65 -4.18 9.28 -7.33
N SER A 66 -4.94 10.29 -7.74
CA SER A 66 -5.88 10.94 -6.85
C SER A 66 -5.16 11.71 -5.75
N ASN A 67 -3.83 11.81 -5.88
CA ASN A 67 -3.02 12.51 -4.90
C ASN A 67 -3.51 12.24 -3.48
N MET A 68 -3.85 10.98 -3.21
CA MET A 68 -4.34 10.59 -1.89
C MET A 68 -3.20 10.56 -0.89
N PRO A 69 -2.22 9.67 -1.13
CA PRO A 69 -1.05 9.53 -0.24
C PRO A 69 -0.12 10.72 -0.30
N ALA A 70 -0.06 11.36 -1.47
CA ALA A 70 0.80 12.53 -1.67
C ALA A 70 0.46 13.62 -0.65
N ASN A 71 -0.77 13.61 -0.17
CA ASN A 71 -1.22 14.62 0.80
C ASN A 71 -0.50 14.43 2.14
N GLY A 72 -0.03 13.21 2.38
CA GLY A 72 0.67 12.93 3.62
C GLY A 72 2.09 13.47 3.63
N HIS A 73 3.02 12.70 3.06
CA HIS A 73 4.41 13.10 3.01
C HIS A 73 5.25 12.08 2.23
N LEU A 74 5.23 12.19 0.91
CA LEU A 74 5.97 11.29 0.05
C LEU A 74 6.61 12.03 -1.11
N GLU A 75 7.80 11.59 -1.51
CA GLU A 75 8.52 12.22 -2.61
C GLU A 75 8.05 11.66 -3.96
N LYS A 76 8.28 12.42 -5.02
CA LYS A 76 7.89 12.00 -6.36
C LYS A 76 8.46 10.62 -6.69
N TYR A 77 9.77 10.48 -6.55
CA TYR A 77 10.44 9.22 -6.84
C TYR A 77 10.08 8.17 -5.79
N ASP A 78 10.16 8.56 -4.52
CA ASP A 78 9.84 7.65 -3.42
C ASP A 78 10.54 6.30 -3.60
N VAL A 79 11.79 6.23 -3.16
CA VAL A 79 12.57 5.01 -3.27
C VAL A 79 12.31 4.08 -2.09
N ILE A 80 11.27 3.25 -2.21
CA ILE A 80 10.92 2.31 -1.16
C ILE A 80 11.75 1.04 -1.25
N THR A 81 12.27 0.59 -0.11
CA THR A 81 13.09 -0.61 -0.06
C THR A 81 12.46 -1.66 0.84
N LYS A 82 11.65 -1.22 1.79
CA LYS A 82 10.99 -2.12 2.72
C LYS A 82 9.51 -1.74 2.89
N VAL A 83 8.67 -2.74 3.09
CA VAL A 83 7.24 -2.52 3.26
C VAL A 83 6.63 -3.54 4.22
N ASP A 84 5.89 -3.05 5.21
CA ASP A 84 5.26 -3.93 6.19
C ASP A 84 6.30 -4.54 7.13
N ASP A 85 7.12 -5.43 6.59
CA ASP A 85 8.15 -6.09 7.38
C ASP A 85 9.03 -6.98 6.50
N LYS A 86 9.25 -6.54 5.26
CA LYS A 86 10.06 -7.29 4.32
C LYS A 86 10.58 -6.39 3.20
N GLU A 87 11.82 -6.62 2.78
CA GLU A 87 12.42 -5.82 1.71
C GLU A 87 12.09 -6.42 0.34
N ILE A 88 11.95 -5.55 -0.65
CA ILE A 88 11.65 -5.99 -2.01
C ILE A 88 12.56 -5.30 -3.03
N ALA A 89 12.50 -5.77 -4.27
CA ALA A 89 13.32 -5.21 -5.34
C ALA A 89 12.46 -4.77 -6.51
N SER A 90 11.38 -5.51 -6.76
CA SER A 90 10.48 -5.19 -7.86
C SER A 90 9.08 -4.86 -7.33
N SER A 91 8.45 -3.87 -7.95
CA SER A 91 7.11 -3.46 -7.55
C SER A 91 6.11 -4.59 -7.71
N THR A 92 6.31 -5.40 -8.75
CA THR A 92 5.43 -6.53 -9.02
C THR A 92 5.59 -7.62 -7.96
N ASP A 93 6.80 -7.77 -7.44
CA ASP A 93 7.07 -8.76 -6.42
C ASP A 93 6.43 -8.38 -5.10
N LEU A 94 6.60 -7.12 -4.69
CA LEU A 94 6.04 -6.64 -3.45
C LEU A 94 4.51 -6.59 -3.53
N GLN A 95 3.99 -6.26 -4.70
CA GLN A 95 2.55 -6.18 -4.91
C GLN A 95 1.91 -7.57 -4.79
N SER A 96 2.52 -8.55 -5.43
CA SER A 96 2.02 -9.91 -5.41
C SER A 96 2.09 -10.50 -4.00
N ALA A 97 3.23 -10.29 -3.35
CA ALA A 97 3.44 -10.79 -1.99
C ALA A 97 2.41 -10.21 -1.03
N LEU A 98 2.20 -8.90 -1.14
CA LEU A 98 1.24 -8.22 -0.27
C LEU A 98 -0.17 -8.72 -0.51
N TYR A 99 -0.58 -8.78 -1.78
CA TYR A 99 -1.90 -9.24 -2.15
C TYR A 99 -2.03 -10.75 -1.96
N ASN A 100 -0.90 -11.40 -1.71
CA ASN A 100 -0.87 -12.84 -1.51
C ASN A 100 -1.25 -13.20 -0.08
N HIS A 101 -0.54 -12.61 0.88
CA HIS A 101 -0.81 -12.86 2.30
C HIS A 101 -1.42 -11.64 2.97
N SER A 102 -2.40 -11.87 3.83
CA SER A 102 -3.07 -10.78 4.54
C SER A 102 -3.80 -9.86 3.56
N ILE A 103 -5.09 -10.11 3.38
CA ILE A 103 -5.90 -9.31 2.47
C ILE A 103 -6.44 -8.06 3.17
N GLY A 104 -6.37 -6.93 2.46
CA GLY A 104 -6.85 -5.68 3.03
C GLY A 104 -6.12 -5.31 4.31
N ASP A 105 -4.95 -5.91 4.52
CA ASP A 105 -4.16 -5.64 5.72
C ASP A 105 -3.40 -4.33 5.57
N THR A 106 -3.11 -3.68 6.70
CA THR A 106 -2.38 -2.43 6.69
C THR A 106 -0.88 -2.66 6.78
N ILE A 107 -0.13 -1.92 5.97
CA ILE A 107 1.32 -2.04 5.95
C ILE A 107 1.99 -0.67 5.96
N LYS A 108 3.29 -0.65 6.28
CA LYS A 108 4.04 0.60 6.33
C LYS A 108 5.12 0.61 5.26
N ILE A 109 5.14 1.67 4.45
CA ILE A 109 6.14 1.81 3.39
C ILE A 109 7.27 2.72 3.82
N THR A 110 8.51 2.24 3.67
CA THR A 110 9.69 3.01 4.04
C THR A 110 10.55 3.30 2.81
N TYR A 111 10.65 4.58 2.46
CA TYR A 111 11.45 5.00 1.31
C TYR A 111 12.43 6.10 1.70
N TYR A 112 13.45 6.29 0.86
CA TYR A 112 14.46 7.31 1.12
C TYR A 112 14.51 8.32 -0.02
N ARG A 113 14.38 9.60 0.33
CA ARG A 113 14.41 10.67 -0.66
C ARG A 113 15.63 11.56 -0.46
N ASN A 114 16.54 11.53 -1.43
CA ASN A 114 17.76 12.33 -1.35
C ASN A 114 18.51 12.08 -0.05
N GLY A 115 18.49 10.83 0.40
CA GLY A 115 19.16 10.47 1.63
C GLY A 115 18.35 10.83 2.86
N LYS A 116 17.07 11.12 2.67
CA LYS A 116 16.19 11.48 3.77
C LYS A 116 15.20 10.35 4.06
N GLU A 117 15.37 9.70 5.21
CA GLU A 117 14.49 8.61 5.60
C GLU A 117 13.07 9.10 5.82
N GLU A 118 12.12 8.50 5.10
CA GLU A 118 10.72 8.89 5.21
C GLU A 118 9.81 7.67 5.13
N THR A 119 8.93 7.52 6.11
CA THR A 119 8.01 6.39 6.16
C THR A 119 6.56 6.86 6.21
N THR A 120 5.65 6.04 5.71
CA THR A 120 4.23 6.38 5.71
C THR A 120 3.37 5.13 5.87
N SER A 121 2.21 5.29 6.52
CA SER A 121 1.30 4.18 6.74
C SER A 121 0.24 4.13 5.66
N ILE A 122 0.14 2.99 4.99
CA ILE A 122 -0.84 2.80 3.93
C ILE A 122 -1.50 1.44 4.02
N LYS A 123 -2.81 1.40 3.74
CA LYS A 123 -3.55 0.14 3.79
C LYS A 123 -3.88 -0.35 2.38
N LEU A 124 -3.60 -1.61 2.12
CA LEU A 124 -3.87 -2.21 0.81
C LEU A 124 -5.37 -2.45 0.62
N ASN A 125 -5.85 -2.23 -0.60
CA ASN A 125 -7.25 -2.42 -0.91
C ASN A 125 -7.54 -3.88 -1.22
N LYS A 126 -8.59 -4.42 -0.60
CA LYS A 126 -8.98 -5.81 -0.82
C LYS A 126 -10.12 -5.90 -1.83
N LEU A 127 -10.19 -7.04 -2.52
CA LEU A 127 -11.23 -7.26 -3.52
C LEU A 127 -11.13 -6.24 -4.65
N MET A 1 0.93 3.42 22.79
CA MET A 1 0.33 2.66 21.71
C MET A 1 1.39 2.23 20.69
N GLU A 2 1.70 0.94 20.67
CA GLU A 2 2.70 0.40 19.75
C GLU A 2 2.49 -1.09 19.55
N GLY A 3 3.05 -1.62 18.46
CA GLY A 3 2.92 -3.03 18.16
C GLY A 3 3.66 -3.43 16.89
N LEU A 4 3.62 -4.71 16.57
CA LEU A 4 4.27 -5.22 15.37
C LEU A 4 3.28 -5.91 14.45
N GLY A 5 3.75 -6.29 13.26
CA GLY A 5 2.88 -6.96 12.31
C GLY A 5 2.56 -8.39 12.72
N PHE A 6 2.43 -9.27 11.73
CA PHE A 6 2.12 -10.67 11.99
C PHE A 6 2.27 -11.50 10.73
N ALA A 7 1.74 -10.99 9.63
CA ALA A 7 1.81 -11.69 8.35
C ALA A 7 1.25 -13.11 8.47
N ILE A 8 -0.05 -13.20 8.75
CA ILE A 8 -0.70 -14.50 8.88
C ILE A 8 -1.97 -14.57 8.03
N PRO A 9 -2.11 -15.66 7.28
CA PRO A 9 -3.27 -15.87 6.41
C PRO A 9 -4.55 -16.13 7.20
N ALA A 10 -5.62 -16.49 6.48
CA ALA A 10 -6.90 -16.76 7.12
C ALA A 10 -7.61 -17.94 6.46
N ASN A 11 -8.71 -18.37 7.05
CA ASN A 11 -9.48 -19.50 6.51
C ASN A 11 -10.39 -19.04 5.38
N ASP A 12 -10.45 -19.85 4.32
CA ASP A 12 -11.28 -19.53 3.16
C ASP A 12 -12.53 -20.42 3.13
N ALA A 13 -13.54 -20.02 3.88
CA ALA A 13 -14.79 -20.78 3.94
C ALA A 13 -15.69 -20.44 2.75
N ILE A 14 -15.70 -19.17 2.37
CA ILE A 14 -16.52 -18.71 1.25
C ILE A 14 -18.00 -18.91 1.54
N ASN A 15 -18.58 -18.00 2.33
CA ASN A 15 -19.98 -18.08 2.68
C ASN A 15 -20.48 -16.75 3.24
N ILE A 16 -21.09 -15.94 2.39
CA ILE A 16 -21.60 -14.64 2.80
C ILE A 16 -22.96 -14.36 2.17
N ILE A 17 -24.01 -14.43 2.99
CA ILE A 17 -25.36 -14.18 2.51
C ILE A 17 -25.50 -12.77 1.94
N GLU A 18 -26.05 -12.68 0.74
CA GLU A 18 -26.25 -11.38 0.09
C GLU A 18 -27.39 -10.61 0.73
N GLN A 19 -27.06 -9.44 1.28
CA GLN A 19 -28.06 -8.60 1.94
C GLN A 19 -28.71 -7.65 0.94
N LEU A 20 -27.88 -6.89 0.24
CA LEU A 20 -28.36 -5.94 -0.76
C LEU A 20 -27.22 -5.43 -1.63
N GLU A 21 -27.56 -4.56 -2.58
CA GLU A 21 -26.56 -3.99 -3.48
C GLU A 21 -26.65 -2.47 -3.51
N LYS A 22 -25.82 -1.85 -4.33
CA LYS A 22 -25.80 -0.39 -4.46
C LYS A 22 -25.41 0.03 -5.87
N ASN A 23 -25.22 1.32 -6.06
CA ASN A 23 -24.85 1.87 -7.37
C ASN A 23 -24.67 3.38 -7.30
N GLY A 24 -24.11 3.94 -8.37
CA GLY A 24 -23.89 5.38 -8.42
C GLY A 24 -22.46 5.75 -8.07
N LYS A 25 -22.30 6.91 -7.46
CA LYS A 25 -20.97 7.40 -7.07
C LYS A 25 -20.09 7.61 -8.30
N VAL A 26 -19.89 8.87 -8.66
CA VAL A 26 -19.06 9.21 -9.81
C VAL A 26 -17.69 8.53 -9.73
N THR A 27 -16.85 9.03 -8.82
CA THR A 27 -15.52 8.48 -8.65
C THR A 27 -15.54 7.30 -7.68
N ARG A 28 -14.91 6.21 -8.08
CA ARG A 28 -14.86 5.01 -7.24
C ARG A 28 -13.41 4.69 -6.85
N PRO A 29 -13.25 3.88 -5.78
CA PRO A 29 -11.94 3.49 -5.29
C PRO A 29 -11.23 2.52 -6.24
N ALA A 30 -9.90 2.47 -6.12
CA ALA A 30 -9.10 1.60 -6.97
C ALA A 30 -7.86 1.10 -6.24
N LEU A 31 -7.14 0.18 -6.86
CA LEU A 31 -5.92 -0.37 -6.27
C LEU A 31 -5.13 -1.17 -7.30
N GLY A 32 -5.20 -0.75 -8.56
CA GLY A 32 -4.49 -1.45 -9.61
C GLY A 32 -3.05 -0.99 -9.73
N ILE A 33 -2.22 -1.42 -8.79
CA ILE A 33 -0.81 -1.06 -8.78
C ILE A 33 0.07 -2.24 -8.41
N GLN A 34 1.25 -2.32 -9.03
CA GLN A 34 2.18 -3.40 -8.76
C GLN A 34 3.45 -2.88 -8.10
N MET A 35 3.82 -3.47 -6.96
CA MET A 35 5.01 -3.06 -6.25
C MET A 35 5.84 -4.27 -5.83
N VAL A 36 7.04 -4.02 -5.32
CA VAL A 36 7.93 -5.10 -4.89
C VAL A 36 8.89 -4.60 -3.82
N ASN A 37 9.25 -5.50 -2.90
CA ASN A 37 10.17 -5.16 -1.82
C ASN A 37 11.53 -4.75 -2.37
N LEU A 38 12.20 -3.85 -1.65
CA LEU A 38 13.52 -3.38 -2.08
C LEU A 38 14.46 -4.55 -2.37
N SER A 39 14.43 -5.56 -1.50
CA SER A 39 15.27 -6.74 -1.66
C SER A 39 15.02 -7.75 -0.56
N ASN A 40 13.74 -8.06 -0.34
CA ASN A 40 13.36 -9.01 0.69
C ASN A 40 13.76 -8.51 2.08
N VAL A 41 13.87 -7.20 2.22
CA VAL A 41 14.23 -6.59 3.49
C VAL A 41 15.62 -7.04 3.93
N SER A 42 16.65 -6.52 3.25
CA SER A 42 18.03 -6.86 3.56
C SER A 42 18.86 -5.61 3.82
N THR A 43 19.99 -5.79 4.49
CA THR A 43 20.87 -4.67 4.81
C THR A 43 21.46 -4.07 3.54
N SER A 44 21.50 -4.85 2.48
CA SER A 44 22.06 -4.40 1.21
C SER A 44 21.20 -3.27 0.62
N ASP A 45 19.89 -3.37 0.83
CA ASP A 45 18.97 -2.36 0.33
C ASP A 45 19.01 -1.11 1.20
N ILE A 46 19.31 -1.28 2.48
CA ILE A 46 19.38 -0.16 3.41
C ILE A 46 20.43 0.86 2.96
N ARG A 47 21.64 0.38 2.69
CA ARG A 47 22.71 1.25 2.25
C ARG A 47 22.44 1.81 0.85
N ARG A 48 21.72 1.04 0.05
CA ARG A 48 21.38 1.46 -1.30
C ARG A 48 20.29 2.54 -1.29
N LEU A 49 19.48 2.53 -0.24
CA LEU A 49 18.40 3.50 -0.11
C LEU A 49 18.92 4.84 0.42
N ASN A 50 19.18 4.89 1.72
CA ASN A 50 19.69 6.10 2.35
C ASN A 50 19.92 5.88 3.85
N ILE A 51 20.28 4.66 4.21
CA ILE A 51 20.53 4.32 5.61
C ILE A 51 19.59 5.09 6.54
N PRO A 52 18.29 4.79 6.44
CA PRO A 52 17.27 5.44 7.26
C PRO A 52 17.35 5.02 8.73
N SER A 53 17.40 3.71 8.97
CA SER A 53 17.49 3.20 10.32
C SER A 53 16.10 3.10 10.96
N ASN A 54 15.24 4.05 10.61
CA ASN A 54 13.88 4.08 11.15
C ASN A 54 12.89 3.51 10.14
N VAL A 55 13.41 3.05 9.00
CA VAL A 55 12.56 2.47 7.97
C VAL A 55 12.88 0.99 7.77
N THR A 56 14.13 0.70 7.42
CA THR A 56 14.56 -0.67 7.20
C THR A 56 13.85 -1.29 6.00
N SER A 57 14.30 -0.93 4.80
CA SER A 57 13.70 -1.44 3.57
C SER A 57 12.25 -0.98 3.43
N GLY A 58 11.60 -1.40 2.36
CA GLY A 58 10.22 -1.02 2.13
C GLY A 58 9.67 -1.58 0.83
N VAL A 59 8.78 -0.83 0.19
CA VAL A 59 8.18 -1.25 -1.06
C VAL A 59 8.35 -0.20 -2.14
N ILE A 60 8.47 -0.64 -3.39
CA ILE A 60 8.63 0.27 -4.52
C ILE A 60 7.63 -0.05 -5.63
N VAL A 61 6.98 0.99 -6.14
CA VAL A 61 6.00 0.82 -7.21
C VAL A 61 6.68 0.78 -8.57
N ARG A 62 6.43 -0.28 -9.33
CA ARG A 62 7.01 -0.44 -10.65
C ARG A 62 6.35 0.50 -11.66
N SER A 63 5.04 0.63 -11.56
CA SER A 63 4.28 1.49 -12.46
C SER A 63 2.80 1.45 -12.12
N VAL A 64 2.13 2.59 -12.28
CA VAL A 64 0.71 2.71 -12.01
C VAL A 64 -0.11 2.71 -13.29
N GLN A 65 -1.30 2.13 -13.22
CA GLN A 65 -2.18 2.07 -14.38
C GLN A 65 -3.16 3.23 -14.39
N SER A 66 -3.38 3.81 -15.57
CA SER A 66 -4.29 4.94 -15.71
C SER A 66 -3.73 6.18 -15.00
N ASN A 67 -2.48 6.10 -14.59
CA ASN A 67 -1.82 7.21 -13.91
C ASN A 67 -2.79 7.89 -12.94
N MET A 68 -3.35 7.11 -12.02
CA MET A 68 -4.29 7.64 -11.05
C MET A 68 -3.59 8.59 -10.07
N PRO A 69 -2.60 8.06 -9.34
CA PRO A 69 -1.83 8.84 -8.36
C PRO A 69 -0.91 9.87 -9.03
N ALA A 70 -0.56 9.60 -10.29
CA ALA A 70 0.31 10.50 -11.03
C ALA A 70 -0.28 11.90 -11.10
N ASN A 71 -1.59 11.99 -10.95
CA ASN A 71 -2.29 13.27 -11.00
C ASN A 71 -1.71 14.24 -9.97
N GLY A 72 -1.12 13.69 -8.92
CA GLY A 72 -0.53 14.51 -7.88
C GLY A 72 0.94 14.77 -8.10
N HIS A 73 1.78 13.83 -7.69
CA HIS A 73 3.22 13.96 -7.85
C HIS A 73 3.95 12.73 -7.30
N LEU A 74 4.20 11.77 -8.17
CA LEU A 74 4.88 10.54 -7.79
C LEU A 74 5.98 10.18 -8.78
N GLU A 75 6.97 9.43 -8.32
CA GLU A 75 8.08 9.02 -9.17
C GLU A 75 7.85 7.62 -9.73
N LYS A 76 8.53 7.31 -10.83
CA LYS A 76 8.39 6.00 -11.46
C LYS A 76 8.60 4.88 -10.46
N TYR A 77 9.70 4.96 -9.72
CA TYR A 77 10.01 3.95 -8.71
C TYR A 77 9.07 4.07 -7.51
N ASP A 78 8.89 5.29 -7.02
CA ASP A 78 8.03 5.53 -5.88
C ASP A 78 8.32 4.55 -4.75
N VAL A 79 9.29 4.88 -3.92
CA VAL A 79 9.68 4.02 -2.80
C VAL A 79 8.84 4.34 -1.56
N ILE A 80 7.74 3.61 -1.39
CA ILE A 80 6.86 3.81 -0.25
C ILE A 80 7.38 3.07 0.98
N THR A 81 7.43 3.77 2.11
CA THR A 81 7.90 3.17 3.36
C THR A 81 6.80 3.17 4.41
N LYS A 82 5.84 4.07 4.26
CA LYS A 82 4.73 4.17 5.20
C LYS A 82 3.39 4.06 4.47
N VAL A 83 2.41 3.44 5.14
CA VAL A 83 1.09 3.26 4.57
C VAL A 83 0.01 3.33 5.64
N ASP A 84 -0.90 4.28 5.51
CA ASP A 84 -1.98 4.45 6.47
C ASP A 84 -1.46 5.00 7.79
N ASP A 85 -0.71 4.18 8.51
CA ASP A 85 -0.15 4.58 9.80
C ASP A 85 0.84 3.54 10.30
N LYS A 86 1.51 2.86 9.38
CA LYS A 86 2.49 1.84 9.73
C LYS A 86 3.49 1.62 8.60
N GLU A 87 4.66 1.10 8.94
CA GLU A 87 5.70 0.83 7.95
C GLU A 87 5.52 -0.55 7.33
N ILE A 88 5.93 -0.67 6.07
CA ILE A 88 5.82 -1.95 5.36
C ILE A 88 7.20 -2.45 4.92
N ALA A 89 7.20 -3.59 4.24
CA ALA A 89 8.45 -4.17 3.76
C ALA A 89 8.24 -4.91 2.44
N SER A 90 7.13 -5.63 2.33
CA SER A 90 6.80 -6.38 1.13
C SER A 90 5.49 -5.91 0.52
N SER A 91 5.45 -5.82 -0.80
CA SER A 91 4.25 -5.38 -1.50
C SER A 91 3.11 -6.39 -1.34
N THR A 92 3.46 -7.68 -1.37
CA THR A 92 2.49 -8.74 -1.23
C THR A 92 1.98 -8.84 0.20
N ASP A 93 2.87 -8.56 1.16
CA ASP A 93 2.52 -8.62 2.57
C ASP A 93 1.56 -7.49 2.93
N LEU A 94 1.90 -6.27 2.52
CA LEU A 94 1.07 -5.11 2.81
C LEU A 94 -0.24 -5.17 2.04
N GLN A 95 -0.17 -5.67 0.81
CA GLN A 95 -1.36 -5.79 -0.04
C GLN A 95 -2.34 -6.81 0.53
N SER A 96 -1.81 -7.95 0.96
CA SER A 96 -2.64 -9.01 1.52
C SER A 96 -3.26 -8.56 2.85
N ALA A 97 -2.44 -7.96 3.70
CA ALA A 97 -2.91 -7.48 5.00
C ALA A 97 -4.01 -6.44 4.83
N LEU A 98 -3.79 -5.50 3.93
CA LEU A 98 -4.76 -4.43 3.68
C LEU A 98 -6.07 -5.01 3.14
N TYR A 99 -5.96 -5.89 2.15
CA TYR A 99 -7.15 -6.51 1.56
C TYR A 99 -7.92 -7.31 2.59
N ASN A 100 -7.25 -7.66 3.69
CA ASN A 100 -7.89 -8.41 4.76
C ASN A 100 -8.51 -7.49 5.80
N HIS A 101 -7.67 -6.76 6.52
CA HIS A 101 -8.13 -5.84 7.55
C HIS A 101 -8.41 -4.46 6.95
N SER A 102 -9.48 -3.82 7.42
CA SER A 102 -9.85 -2.49 6.92
C SER A 102 -10.22 -2.56 5.44
N ILE A 103 -11.42 -3.08 5.16
CA ILE A 103 -11.90 -3.18 3.79
C ILE A 103 -12.54 -1.89 3.32
N GLY A 104 -12.25 -1.49 2.09
CA GLY A 104 -12.82 -0.27 1.55
C GLY A 104 -12.43 0.96 2.35
N ASP A 105 -11.39 0.82 3.17
CA ASP A 105 -10.92 1.93 3.99
C ASP A 105 -9.92 2.79 3.22
N THR A 106 -9.85 4.06 3.57
CA THR A 106 -8.94 4.99 2.91
C THR A 106 -7.61 5.06 3.64
N ILE A 107 -6.52 4.97 2.88
CA ILE A 107 -5.18 5.03 3.45
C ILE A 107 -4.28 5.96 2.64
N LYS A 108 -3.16 6.35 3.24
CA LYS A 108 -2.21 7.24 2.59
C LYS A 108 -0.87 6.55 2.40
N ILE A 109 -0.24 6.78 1.25
CA ILE A 109 1.06 6.19 0.95
C ILE A 109 2.18 7.21 1.09
N THR A 110 3.21 6.85 1.85
CA THR A 110 4.35 7.74 2.05
C THR A 110 5.59 7.21 1.35
N TYR A 111 6.05 7.94 0.34
CA TYR A 111 7.24 7.54 -0.41
C TYR A 111 8.23 8.70 -0.53
N TYR A 112 9.46 8.38 -0.90
CA TYR A 112 10.50 9.39 -1.04
C TYR A 112 11.17 9.29 -2.40
N ARG A 113 11.44 10.43 -3.02
CA ARG A 113 12.08 10.48 -4.33
C ARG A 113 13.31 11.38 -4.30
N ASN A 114 14.48 10.77 -4.48
CA ASN A 114 15.72 11.53 -4.47
C ASN A 114 15.86 12.37 -3.21
N GLY A 115 15.39 11.82 -2.09
CA GLY A 115 15.46 12.53 -0.82
C GLY A 115 14.35 13.55 -0.67
N LYS A 116 13.33 13.45 -1.53
CA LYS A 116 12.20 14.37 -1.48
C LYS A 116 10.95 13.66 -0.96
N GLU A 117 10.56 14.00 0.27
CA GLU A 117 9.37 13.40 0.88
C GLU A 117 8.12 13.75 0.08
N GLU A 118 7.31 12.72 -0.20
CA GLU A 118 6.07 12.92 -0.95
C GLU A 118 5.02 11.89 -0.55
N THR A 119 3.83 12.37 -0.23
CA THR A 119 2.73 11.49 0.18
C THR A 119 1.56 11.60 -0.79
N THR A 120 0.71 10.58 -0.79
CA THR A 120 -0.45 10.55 -1.66
C THR A 120 -1.64 9.86 -0.99
N SER A 121 -2.84 10.30 -1.33
CA SER A 121 -4.05 9.74 -0.75
C SER A 121 -4.68 8.72 -1.70
N ILE A 122 -4.90 7.52 -1.20
CA ILE A 122 -5.50 6.45 -2.00
C ILE A 122 -6.54 5.68 -1.21
N LYS A 123 -7.73 5.53 -1.79
CA LYS A 123 -8.82 4.80 -1.13
C LYS A 123 -8.91 3.38 -1.64
N LEU A 124 -8.98 2.43 -0.72
CA LEU A 124 -9.07 1.02 -1.09
C LEU A 124 -10.47 0.68 -1.61
N ASN A 125 -10.53 -0.15 -2.64
CA ASN A 125 -11.79 -0.56 -3.23
C ASN A 125 -12.30 -1.85 -2.59
N LYS A 126 -13.58 -1.85 -2.20
CA LYS A 126 -14.19 -3.02 -1.58
C LYS A 126 -14.90 -3.87 -2.62
N LEU A 127 -14.87 -5.18 -2.42
CA LEU A 127 -15.52 -6.12 -3.35
C LEU A 127 -14.88 -6.04 -4.73
N MET A 1 -38.68 21.09 -4.13
CA MET A 1 -38.18 19.75 -3.82
C MET A 1 -39.34 18.78 -3.63
N GLU A 2 -39.36 17.72 -4.43
CA GLU A 2 -40.41 16.71 -4.36
C GLU A 2 -40.10 15.53 -5.26
N GLY A 3 -41.00 14.54 -5.25
CA GLY A 3 -40.79 13.36 -6.07
C GLY A 3 -42.07 12.55 -6.25
N LEU A 4 -42.22 11.92 -7.41
CA LEU A 4 -43.39 11.13 -7.71
C LEU A 4 -43.21 10.33 -9.00
N GLY A 5 -44.01 9.29 -9.16
CA GLY A 5 -43.92 8.46 -10.35
C GLY A 5 -42.98 7.28 -10.18
N PHE A 6 -42.75 6.90 -8.92
CA PHE A 6 -41.86 5.78 -8.61
C PHE A 6 -42.57 4.45 -8.85
N ALA A 7 -43.80 4.35 -8.37
CA ALA A 7 -44.59 3.13 -8.53
C ALA A 7 -43.94 1.96 -7.78
N ILE A 8 -44.60 0.82 -7.81
CA ILE A 8 -44.09 -0.37 -7.14
C ILE A 8 -42.99 -1.04 -7.95
N PRO A 9 -41.88 -1.38 -7.28
CA PRO A 9 -40.74 -2.03 -7.93
C PRO A 9 -41.05 -3.46 -8.35
N ALA A 10 -40.03 -4.15 -8.88
CA ALA A 10 -40.20 -5.53 -9.33
C ALA A 10 -38.90 -6.31 -9.19
N ASN A 11 -38.44 -6.48 -7.96
CA ASN A 11 -37.20 -7.20 -7.69
C ASN A 11 -37.28 -7.95 -6.36
N ASP A 12 -36.99 -9.24 -6.40
CA ASP A 12 -37.02 -10.07 -5.20
C ASP A 12 -35.76 -10.93 -5.09
N ALA A 13 -34.76 -10.41 -4.39
CA ALA A 13 -33.50 -11.12 -4.21
C ALA A 13 -33.63 -12.20 -3.14
N ILE A 14 -34.25 -11.83 -2.02
CA ILE A 14 -34.43 -12.76 -0.92
C ILE A 14 -33.11 -13.36 -0.46
N ASN A 15 -32.44 -12.67 0.47
CA ASN A 15 -31.16 -13.13 0.99
C ASN A 15 -30.90 -12.57 2.37
N ILE A 16 -29.78 -12.95 2.97
CA ILE A 16 -29.41 -12.48 4.30
C ILE A 16 -27.96 -12.01 4.33
N ILE A 17 -27.69 -11.04 5.20
CA ILE A 17 -26.34 -10.51 5.33
C ILE A 17 -25.70 -10.94 6.64
N GLU A 18 -26.02 -12.16 7.08
CA GLU A 18 -25.47 -12.69 8.32
C GLU A 18 -25.86 -11.81 9.51
N GLN A 19 -25.53 -12.28 10.72
CA GLN A 19 -25.85 -11.53 11.92
C GLN A 19 -24.73 -10.58 12.29
N LEU A 20 -23.51 -10.91 11.85
CA LEU A 20 -22.35 -10.09 12.13
C LEU A 20 -22.08 -10.00 13.63
N GLU A 21 -20.91 -9.47 13.99
CA GLU A 21 -20.53 -9.33 15.39
C GLU A 21 -19.81 -8.01 15.63
N LYS A 22 -19.24 -7.86 16.83
CA LYS A 22 -18.53 -6.64 17.19
C LYS A 22 -17.01 -6.86 17.12
N ASN A 23 -16.26 -5.82 17.41
CA ASN A 23 -14.80 -5.90 17.38
C ASN A 23 -14.19 -5.15 18.56
N GLY A 24 -12.86 -5.16 18.64
CA GLY A 24 -12.17 -4.47 19.72
C GLY A 24 -11.55 -3.17 19.29
N LYS A 25 -10.45 -2.80 19.93
CA LYS A 25 -9.75 -1.56 19.60
C LYS A 25 -8.25 -1.72 19.76
N VAL A 26 -7.76 -2.94 19.55
CA VAL A 26 -6.34 -3.22 19.67
C VAL A 26 -5.58 -2.73 18.45
N THR A 27 -4.29 -3.05 18.39
CA THR A 27 -3.45 -2.64 17.27
C THR A 27 -3.55 -3.63 16.11
N ARG A 28 -3.93 -3.13 14.94
CA ARG A 28 -4.07 -3.97 13.76
C ARG A 28 -3.11 -3.52 12.66
N PRO A 29 -2.85 -4.42 11.70
CA PRO A 29 -1.95 -4.15 10.58
C PRO A 29 -2.54 -3.13 9.60
N ALA A 30 -1.67 -2.34 8.99
CA ALA A 30 -2.10 -1.33 8.02
C ALA A 30 -1.06 -1.12 6.94
N LEU A 31 -1.51 -0.73 5.75
CA LEU A 31 -0.60 -0.49 4.63
C LEU A 31 -1.36 0.10 3.44
N GLY A 32 -2.40 0.87 3.73
CA GLY A 32 -3.18 1.49 2.67
C GLY A 32 -2.49 2.68 2.04
N ILE A 33 -1.31 2.45 1.47
CA ILE A 33 -0.55 3.52 0.83
C ILE A 33 -0.50 3.33 -0.68
N GLN A 34 -0.50 4.44 -1.41
CA GLN A 34 -0.45 4.40 -2.86
C GLN A 34 0.94 4.76 -3.37
N MET A 35 1.50 3.89 -4.22
CA MET A 35 2.82 4.12 -4.78
C MET A 35 2.81 3.93 -6.29
N VAL A 36 3.94 4.20 -6.94
CA VAL A 36 4.07 4.06 -8.38
C VAL A 36 5.50 3.75 -8.78
N ASN A 37 5.66 2.97 -9.85
CA ASN A 37 6.98 2.59 -10.33
C ASN A 37 7.77 3.84 -10.76
N LEU A 38 9.09 3.75 -10.67
CA LEU A 38 9.97 4.86 -11.04
C LEU A 38 9.61 5.39 -12.42
N SER A 39 9.42 4.47 -13.37
CA SER A 39 9.08 4.84 -14.74
C SER A 39 8.91 3.60 -15.61
N ASN A 40 8.14 2.64 -15.11
CA ASN A 40 7.89 1.40 -15.84
C ASN A 40 9.17 0.60 -16.02
N VAL A 41 10.08 0.75 -15.06
CA VAL A 41 11.36 0.05 -15.11
C VAL A 41 12.06 0.25 -16.45
N SER A 42 12.43 1.49 -16.73
CA SER A 42 13.10 1.83 -17.98
C SER A 42 14.41 2.56 -17.71
N THR A 43 15.25 2.65 -18.74
CA THR A 43 16.53 3.32 -18.62
C THR A 43 16.37 4.76 -18.15
N SER A 44 15.26 5.38 -18.55
CA SER A 44 14.98 6.76 -18.17
C SER A 44 14.75 6.88 -16.67
N ASP A 45 14.21 5.81 -16.08
CA ASP A 45 13.92 5.80 -14.65
C ASP A 45 15.22 5.66 -13.85
N ILE A 46 16.21 4.99 -14.45
CA ILE A 46 17.49 4.78 -13.78
C ILE A 46 18.16 6.11 -13.46
N ARG A 47 18.25 6.99 -14.45
CA ARG A 47 18.87 8.29 -14.26
C ARG A 47 18.01 9.18 -13.36
N ARG A 48 16.72 8.90 -13.34
CA ARG A 48 15.79 9.67 -12.51
C ARG A 48 15.93 9.29 -11.04
N LEU A 49 16.49 8.12 -10.79
CA LEU A 49 16.68 7.65 -9.42
C LEU A 49 18.00 8.15 -8.85
N ASN A 50 19.11 7.58 -9.31
CA ASN A 50 20.44 7.98 -8.84
C ASN A 50 21.53 7.24 -9.61
N ILE A 51 21.70 5.96 -9.27
CA ILE A 51 22.72 5.14 -9.92
C ILE A 51 22.69 3.71 -9.40
N PRO A 52 21.59 2.99 -9.68
CA PRO A 52 21.41 1.60 -9.25
C PRO A 52 22.35 0.65 -9.97
N SER A 53 22.10 -0.65 -9.81
CA SER A 53 22.93 -1.68 -10.45
C SER A 53 22.43 -3.07 -10.10
N ASN A 54 22.11 -3.27 -8.83
CA ASN A 54 21.62 -4.57 -8.35
C ASN A 54 20.10 -4.56 -8.22
N VAL A 55 19.52 -3.36 -8.18
CA VAL A 55 18.07 -3.21 -8.06
C VAL A 55 17.46 -2.77 -9.38
N THR A 56 17.88 -1.61 -9.87
CA THR A 56 17.36 -1.07 -11.12
C THR A 56 15.87 -0.79 -11.02
N SER A 57 15.52 0.49 -10.88
CA SER A 57 14.12 0.90 -10.77
C SER A 57 13.49 0.32 -9.52
N GLY A 58 12.29 0.80 -9.20
CA GLY A 58 11.59 0.32 -8.02
C GLY A 58 10.24 0.98 -7.84
N VAL A 59 9.87 1.26 -6.60
CA VAL A 59 8.59 1.89 -6.30
C VAL A 59 8.77 3.12 -5.42
N ILE A 60 7.89 4.10 -5.60
CA ILE A 60 7.96 5.34 -4.83
C ILE A 60 6.59 5.69 -4.23
N VAL A 61 6.58 6.03 -2.95
CA VAL A 61 5.35 6.39 -2.27
C VAL A 61 4.88 7.78 -2.68
N ARG A 62 3.64 7.87 -3.14
CA ARG A 62 3.06 9.14 -3.57
C ARG A 62 2.58 9.95 -2.37
N SER A 63 1.98 9.25 -1.40
CA SER A 63 1.46 9.92 -0.20
C SER A 63 1.18 8.89 0.89
N VAL A 64 0.62 9.36 2.00
CA VAL A 64 0.29 8.50 3.12
C VAL A 64 -1.10 8.80 3.67
N GLN A 65 -1.79 7.76 4.11
CA GLN A 65 -3.14 7.92 4.66
C GLN A 65 -3.10 7.97 6.18
N SER A 66 -3.76 8.98 6.75
CA SER A 66 -3.80 9.15 8.20
C SER A 66 -2.41 9.46 8.75
N ASN A 67 -1.47 9.73 7.85
CA ASN A 67 -0.10 10.04 8.24
C ASN A 67 0.33 9.18 9.43
N MET A 68 0.12 7.88 9.32
CA MET A 68 0.49 6.96 10.39
C MET A 68 1.97 6.61 10.33
N PRO A 69 2.40 6.04 9.19
CA PRO A 69 3.80 5.66 8.98
C PRO A 69 4.72 6.85 8.83
N ALA A 70 4.18 7.94 8.29
CA ALA A 70 4.96 9.16 8.10
C ALA A 70 5.55 9.66 9.41
N ASN A 71 4.90 9.30 10.52
CA ASN A 71 5.35 9.70 11.84
C ASN A 71 6.60 8.93 12.24
N GLY A 72 6.81 7.77 11.62
CA GLY A 72 7.97 6.95 11.93
C GLY A 72 9.26 7.58 11.44
N HIS A 73 9.55 7.40 10.16
CA HIS A 73 10.77 7.95 9.57
C HIS A 73 10.81 7.70 8.06
N LEU A 74 9.91 8.36 7.34
CA LEU A 74 9.84 8.20 5.89
C LEU A 74 9.58 9.54 5.22
N GLU A 75 10.16 9.74 4.03
CA GLU A 75 9.98 10.97 3.28
C GLU A 75 8.71 10.92 2.44
N LYS A 76 8.27 12.08 1.97
CA LYS A 76 7.06 12.17 1.16
C LYS A 76 7.14 11.23 -0.04
N TYR A 77 8.19 11.37 -0.84
CA TYR A 77 8.38 10.52 -2.01
C TYR A 77 8.69 9.09 -1.60
N ASP A 78 9.60 8.93 -0.65
CA ASP A 78 9.98 7.60 -0.18
C ASP A 78 10.24 6.65 -1.35
N VAL A 79 11.46 6.69 -1.88
CA VAL A 79 11.82 5.82 -3.00
C VAL A 79 12.29 4.46 -2.51
N ILE A 80 11.34 3.53 -2.40
CA ILE A 80 11.65 2.18 -1.95
C ILE A 80 12.16 1.32 -3.10
N THR A 81 13.25 0.60 -2.85
CA THR A 81 13.84 -0.26 -3.87
C THR A 81 13.98 -1.69 -3.37
N LYS A 82 13.65 -1.90 -2.09
CA LYS A 82 13.73 -3.23 -1.48
C LYS A 82 12.52 -3.49 -0.60
N VAL A 83 12.06 -4.74 -0.58
CA VAL A 83 10.91 -5.12 0.24
C VAL A 83 11.05 -6.56 0.74
N ASP A 84 11.17 -6.70 2.06
CA ASP A 84 11.31 -8.01 2.68
C ASP A 84 12.41 -8.81 1.98
N ASP A 85 13.55 -8.17 1.74
CA ASP A 85 14.67 -8.83 1.08
C ASP A 85 14.31 -9.23 -0.34
N LYS A 86 13.64 -8.35 -1.06
CA LYS A 86 13.23 -8.61 -2.43
C LYS A 86 13.17 -7.32 -3.24
N GLU A 87 13.50 -7.42 -4.53
CA GLU A 87 13.49 -6.26 -5.41
C GLU A 87 12.10 -6.05 -6.02
N ILE A 88 11.68 -4.80 -6.10
CA ILE A 88 10.37 -4.47 -6.66
C ILE A 88 10.52 -3.79 -8.02
N ALA A 89 9.39 -3.62 -8.72
CA ALA A 89 9.40 -2.97 -10.02
C ALA A 89 8.15 -2.11 -10.21
N SER A 90 7.05 -2.54 -9.61
CA SER A 90 5.79 -1.81 -9.72
C SER A 90 4.97 -1.95 -8.44
N SER A 91 4.32 -0.86 -8.05
CA SER A 91 3.51 -0.86 -6.83
C SER A 91 2.29 -1.76 -7.00
N THR A 92 1.74 -1.78 -8.21
CA THR A 92 0.56 -2.60 -8.49
C THR A 92 0.92 -4.08 -8.53
N ASP A 93 2.15 -4.38 -8.97
CA ASP A 93 2.62 -5.76 -9.05
C ASP A 93 2.90 -6.32 -7.66
N LEU A 94 3.62 -5.56 -6.84
CA LEU A 94 3.96 -5.98 -5.49
C LEU A 94 2.71 -6.06 -4.62
N GLN A 95 1.82 -5.09 -4.77
CA GLN A 95 0.59 -5.04 -4.01
C GLN A 95 -0.36 -6.17 -4.43
N SER A 96 -0.36 -6.48 -5.72
CA SER A 96 -1.22 -7.53 -6.25
C SER A 96 -0.78 -8.90 -5.73
N ALA A 97 0.52 -9.17 -5.81
CA ALA A 97 1.06 -10.44 -5.36
C ALA A 97 0.91 -10.59 -3.85
N LEU A 98 1.19 -9.52 -3.11
CA LEU A 98 1.09 -9.53 -1.67
C LEU A 98 -0.35 -9.82 -1.23
N TYR A 99 -1.30 -9.14 -1.86
CA TYR A 99 -2.71 -9.32 -1.53
C TYR A 99 -3.14 -10.76 -1.80
N ASN A 100 -2.36 -11.48 -2.58
CA ASN A 100 -2.66 -12.86 -2.91
C ASN A 100 -1.92 -13.82 -1.99
N HIS A 101 -0.59 -13.81 -2.08
CA HIS A 101 0.24 -14.68 -1.26
C HIS A 101 0.78 -13.92 -0.04
N SER A 102 1.04 -14.64 1.04
CA SER A 102 1.56 -14.04 2.26
C SER A 102 0.55 -13.06 2.84
N ILE A 103 -0.52 -13.60 3.43
CA ILE A 103 -1.55 -12.76 4.03
C ILE A 103 -1.20 -12.39 5.46
N GLY A 104 -1.42 -11.12 5.81
CA GLY A 104 -1.11 -10.65 7.14
C GLY A 104 0.35 -10.89 7.52
N ASP A 105 1.19 -11.04 6.52
CA ASP A 105 2.62 -11.27 6.75
C ASP A 105 3.35 -9.94 6.95
N THR A 106 4.42 -9.98 7.75
CA THR A 106 5.20 -8.79 8.02
C THR A 106 6.36 -8.66 7.03
N ILE A 107 6.57 -7.44 6.53
CA ILE A 107 7.64 -7.18 5.59
C ILE A 107 8.42 -5.92 5.96
N LYS A 108 9.61 -5.78 5.40
CA LYS A 108 10.46 -4.63 5.68
C LYS A 108 10.64 -3.77 4.42
N ILE A 109 10.40 -2.47 4.56
CA ILE A 109 10.53 -1.55 3.44
C ILE A 109 11.81 -0.74 3.54
N THR A 110 12.61 -0.76 2.48
CA THR A 110 13.87 -0.02 2.46
C THR A 110 13.89 1.01 1.33
N TYR A 111 13.92 2.28 1.70
CA TYR A 111 13.93 3.36 0.72
C TYR A 111 15.10 4.31 0.98
N TYR A 112 15.34 5.21 0.03
CA TYR A 112 16.42 6.17 0.14
C TYR A 112 15.91 7.60 -0.04
N ARG A 113 16.48 8.54 0.71
CA ARG A 113 16.08 9.93 0.63
C ARG A 113 17.31 10.85 0.58
N ASN A 114 17.50 11.52 -0.55
CA ASN A 114 18.63 12.42 -0.71
C ASN A 114 19.95 11.67 -0.55
N GLY A 115 19.92 10.37 -0.81
CA GLY A 115 21.12 9.56 -0.68
C GLY A 115 21.30 9.00 0.71
N LYS A 116 20.24 9.06 1.51
CA LYS A 116 20.28 8.55 2.87
C LYS A 116 19.51 7.24 2.99
N GLU A 117 20.06 6.30 3.74
CA GLU A 117 19.42 5.00 3.93
C GLU A 117 18.33 5.08 4.99
N GLU A 118 17.10 4.74 4.60
CA GLU A 118 15.97 4.78 5.52
C GLU A 118 15.17 3.48 5.45
N THR A 119 15.27 2.67 6.50
CA THR A 119 14.56 1.41 6.56
C THR A 119 13.50 1.42 7.67
N THR A 120 12.36 0.78 7.41
CA THR A 120 11.28 0.71 8.38
C THR A 120 10.52 -0.60 8.27
N SER A 121 10.00 -1.08 9.39
CA SER A 121 9.25 -2.32 9.41
C SER A 121 7.75 -2.06 9.32
N ILE A 122 7.08 -2.77 8.41
CA ILE A 122 5.64 -2.60 8.23
C ILE A 122 4.95 -3.96 8.06
N LYS A 123 3.82 -4.12 8.74
CA LYS A 123 3.06 -5.36 8.67
C LYS A 123 1.88 -5.23 7.71
N LEU A 124 1.75 -6.19 6.82
CA LEU A 124 0.65 -6.19 5.84
C LEU A 124 -0.67 -6.54 6.51
N ASN A 125 -1.74 -5.86 6.09
CA ASN A 125 -3.06 -6.10 6.64
C ASN A 125 -3.78 -7.21 5.88
N LYS A 126 -4.35 -8.16 6.61
CA LYS A 126 -5.07 -9.27 6.00
C LYS A 126 -6.56 -8.97 5.91
N LEU A 127 -7.17 -9.38 4.81
CA LEU A 127 -8.60 -9.16 4.59
C LEU A 127 -9.20 -10.27 3.74
N MET A 1 -25.50 9.30 -18.56
CA MET A 1 -25.56 7.86 -18.36
C MET A 1 -24.78 7.45 -17.11
N GLU A 2 -25.45 6.73 -16.22
CA GLU A 2 -24.83 6.27 -14.98
C GLU A 2 -25.67 5.19 -14.32
N GLY A 3 -25.50 3.95 -14.77
CA GLY A 3 -26.25 2.85 -14.20
C GLY A 3 -27.71 2.87 -14.61
N LEU A 4 -28.10 1.93 -15.47
CA LEU A 4 -29.47 1.84 -15.94
C LEU A 4 -29.95 0.39 -15.98
N GLY A 5 -29.90 -0.28 -14.84
CA GLY A 5 -30.33 -1.66 -14.77
C GLY A 5 -29.16 -2.63 -14.77
N PHE A 6 -28.48 -2.74 -13.64
CA PHE A 6 -27.34 -3.62 -13.51
C PHE A 6 -27.62 -4.73 -12.50
N ALA A 7 -27.91 -4.35 -11.26
CA ALA A 7 -28.20 -5.31 -10.21
C ALA A 7 -27.03 -6.27 -9.99
N ILE A 8 -27.16 -7.13 -9.00
CA ILE A 8 -26.12 -8.11 -8.70
C ILE A 8 -26.66 -9.53 -8.70
N PRO A 9 -25.97 -10.44 -9.39
CA PRO A 9 -26.37 -11.84 -9.49
C PRO A 9 -26.20 -12.59 -8.17
N ALA A 10 -26.52 -13.87 -8.18
CA ALA A 10 -26.39 -14.70 -6.98
C ALA A 10 -25.57 -15.96 -7.25
N ASN A 11 -24.53 -16.16 -6.45
CA ASN A 11 -23.66 -17.32 -6.61
C ASN A 11 -23.51 -18.07 -5.28
N ASP A 12 -24.53 -17.96 -4.43
CA ASP A 12 -24.51 -18.63 -3.13
C ASP A 12 -23.25 -18.27 -2.36
N ALA A 13 -22.97 -16.98 -2.25
CA ALA A 13 -21.78 -16.51 -1.53
C ALA A 13 -21.91 -16.79 -0.04
N ILE A 14 -23.08 -16.51 0.52
CA ILE A 14 -23.32 -16.73 1.94
C ILE A 14 -22.07 -16.45 2.76
N ASN A 15 -21.84 -15.17 3.07
CA ASN A 15 -20.69 -14.77 3.86
C ASN A 15 -20.98 -13.52 4.66
N ILE A 16 -21.49 -13.70 5.87
CA ILE A 16 -21.82 -12.58 6.74
C ILE A 16 -21.29 -12.81 8.16
N ILE A 17 -20.02 -12.47 8.36
CA ILE A 17 -19.40 -12.64 9.67
C ILE A 17 -20.05 -11.75 10.71
N GLU A 18 -20.50 -12.34 11.81
CA GLU A 18 -21.15 -11.60 12.88
C GLU A 18 -20.36 -11.74 14.18
N GLN A 19 -19.28 -10.98 14.30
CA GLN A 19 -18.44 -11.02 15.49
C GLN A 19 -19.06 -10.20 16.62
N LEU A 20 -19.36 -8.94 16.33
CA LEU A 20 -19.95 -8.04 17.31
C LEU A 20 -19.03 -7.85 18.51
N GLU A 21 -18.31 -6.74 18.53
CA GLU A 21 -17.39 -6.44 19.61
C GLU A 21 -16.71 -5.09 19.39
N LYS A 22 -16.43 -4.77 18.13
CA LYS A 22 -15.79 -3.51 17.78
C LYS A 22 -16.51 -2.33 18.41
N ASN A 23 -15.75 -1.39 18.95
CA ASN A 23 -16.32 -0.21 19.59
C ASN A 23 -15.36 0.97 19.53
N GLY A 24 -15.88 2.16 19.80
CA GLY A 24 -15.03 3.35 19.77
C GLY A 24 -14.60 3.73 18.36
N LYS A 25 -13.94 4.88 18.24
CA LYS A 25 -13.47 5.34 16.95
C LYS A 25 -12.33 6.35 17.11
N VAL A 26 -11.48 6.12 18.10
CA VAL A 26 -10.35 6.99 18.36
C VAL A 26 -9.28 6.86 17.27
N THR A 27 -8.58 5.73 17.28
CA THR A 27 -7.54 5.48 16.30
C THR A 27 -7.85 4.24 15.47
N ARG A 28 -8.02 4.43 14.16
CA ARG A 28 -8.32 3.33 13.26
C ARG A 28 -7.20 3.14 12.24
N PRO A 29 -7.15 1.96 11.63
CA PRO A 29 -6.15 1.63 10.62
C PRO A 29 -6.35 2.39 9.32
N ALA A 30 -5.27 2.59 8.57
CA ALA A 30 -5.33 3.31 7.31
C ALA A 30 -4.29 2.79 6.33
N LEU A 31 -4.58 2.90 5.04
CA LEU A 31 -3.67 2.43 4.01
C LEU A 31 -4.12 2.92 2.63
N GLY A 32 -4.78 4.07 2.60
CA GLY A 32 -5.26 4.63 1.35
C GLY A 32 -4.21 5.48 0.65
N ILE A 33 -3.09 4.87 0.31
CA ILE A 33 -2.00 5.59 -0.36
C ILE A 33 -1.85 5.14 -1.80
N GLN A 34 -1.52 6.08 -2.69
CA GLN A 34 -1.34 5.78 -4.10
C GLN A 34 0.12 5.87 -4.49
N MET A 35 0.58 4.90 -5.28
CA MET A 35 1.97 4.88 -5.73
C MET A 35 2.07 4.43 -7.19
N VAL A 36 3.28 4.41 -7.73
CA VAL A 36 3.51 4.00 -9.10
C VAL A 36 4.88 3.37 -9.27
N ASN A 37 4.98 2.39 -10.17
CA ASN A 37 6.23 1.71 -10.41
C ASN A 37 7.28 2.68 -10.95
N LEU A 38 8.54 2.41 -10.63
CA LEU A 38 9.65 3.27 -11.07
C LEU A 38 9.58 3.48 -12.58
N SER A 39 9.30 2.42 -13.32
CA SER A 39 9.22 2.50 -14.77
C SER A 39 8.82 1.16 -15.37
N ASN A 40 7.76 0.57 -14.83
CA ASN A 40 7.27 -0.72 -15.30
C ASN A 40 8.33 -1.80 -15.12
N VAL A 41 9.24 -1.58 -14.18
CA VAL A 41 10.31 -2.54 -13.91
C VAL A 41 11.17 -2.76 -15.15
N SER A 42 11.93 -1.74 -15.53
CA SER A 42 12.80 -1.81 -16.70
C SER A 42 14.23 -1.45 -16.33
N THR A 43 15.18 -1.88 -17.17
CA THR A 43 16.58 -1.60 -16.94
C THR A 43 16.84 -0.10 -16.85
N SER A 44 16.02 0.69 -17.54
CA SER A 44 16.15 2.13 -17.54
C SER A 44 15.85 2.71 -16.16
N ASP A 45 14.94 2.06 -15.44
CA ASP A 45 14.56 2.51 -14.11
C ASP A 45 15.62 2.12 -13.08
N ILE A 46 16.32 1.02 -13.34
CA ILE A 46 17.36 0.54 -12.45
C ILE A 46 18.47 1.58 -12.28
N ARG A 47 18.98 2.07 -13.41
CA ARG A 47 20.04 3.06 -13.39
C ARG A 47 19.52 4.41 -12.87
N ARG A 48 18.24 4.67 -13.09
CA ARG A 48 17.63 5.91 -12.65
C ARG A 48 17.38 5.88 -11.15
N LEU A 49 17.30 4.69 -10.58
CA LEU A 49 17.07 4.51 -9.15
C LEU A 49 18.35 4.79 -8.36
N ASN A 50 19.24 3.80 -8.33
CA ASN A 50 20.51 3.93 -7.62
C ASN A 50 21.34 2.67 -7.76
N ILE A 51 21.17 1.97 -8.88
CA ILE A 51 21.91 0.74 -9.14
C ILE A 51 22.05 -0.09 -7.88
N PRO A 52 20.92 -0.63 -7.40
CA PRO A 52 20.88 -1.47 -6.19
C PRO A 52 21.55 -2.82 -6.40
N SER A 53 20.76 -3.81 -6.83
CA SER A 53 21.29 -5.14 -7.07
C SER A 53 20.15 -6.13 -7.34
N ASN A 54 19.46 -6.53 -6.28
CA ASN A 54 18.34 -7.47 -6.41
C ASN A 54 17.01 -6.74 -6.37
N VAL A 55 17.04 -5.50 -5.91
CA VAL A 55 15.82 -4.68 -5.82
C VAL A 55 15.06 -4.69 -7.14
N THR A 56 15.78 -4.48 -8.24
CA THR A 56 15.17 -4.46 -9.56
C THR A 56 13.90 -3.61 -9.56
N SER A 57 14.07 -2.29 -9.62
CA SER A 57 12.93 -1.38 -9.63
C SER A 57 12.15 -1.48 -8.33
N GLY A 58 11.02 -0.78 -8.27
CA GLY A 58 10.19 -0.79 -7.08
C GLY A 58 8.95 0.05 -7.23
N VAL A 59 8.55 0.70 -6.13
CA VAL A 59 7.36 1.55 -6.14
C VAL A 59 7.62 2.85 -5.38
N ILE A 60 7.01 3.94 -5.87
CA ILE A 60 7.17 5.23 -5.22
C ILE A 60 5.82 5.91 -5.00
N VAL A 61 5.62 6.42 -3.79
CA VAL A 61 4.37 7.09 -3.44
C VAL A 61 4.25 8.43 -4.14
N ARG A 62 3.04 8.75 -4.59
CA ARG A 62 2.79 10.02 -5.28
C ARG A 62 1.42 10.58 -4.90
N SER A 63 0.91 10.15 -3.75
CA SER A 63 -0.38 10.62 -3.27
C SER A 63 -0.66 10.10 -1.85
N VAL A 64 -0.35 10.94 -0.87
CA VAL A 64 -0.56 10.57 0.53
C VAL A 64 -1.96 10.96 0.99
N GLN A 65 -2.53 10.15 1.89
CA GLN A 65 -3.87 10.41 2.40
C GLN A 65 -3.81 11.35 3.61
N SER A 66 -4.45 12.51 3.48
CA SER A 66 -4.46 13.49 4.56
C SER A 66 -3.04 13.83 5.01
N ASN A 67 -2.08 13.57 4.13
CA ASN A 67 -0.67 13.85 4.43
C ASN A 67 -0.35 13.48 5.88
N MET A 68 -0.92 12.38 6.34
CA MET A 68 -0.69 11.92 7.71
C MET A 68 0.69 11.29 7.85
N PRO A 69 0.92 10.19 7.10
CA PRO A 69 2.20 9.48 7.12
C PRO A 69 3.32 10.28 6.46
N ALA A 70 2.96 11.09 5.47
CA ALA A 70 3.94 11.91 4.77
C ALA A 70 4.37 13.10 5.61
N ASN A 71 3.65 13.34 6.70
CA ASN A 71 3.96 14.44 7.59
C ASN A 71 5.45 14.45 7.96
N GLY A 72 6.06 13.27 7.97
CA GLY A 72 7.46 13.16 8.29
C GLY A 72 7.96 11.73 8.24
N HIS A 73 7.11 10.79 8.64
CA HIS A 73 7.48 9.38 8.64
C HIS A 73 8.04 8.97 7.28
N LEU A 74 7.52 9.58 6.22
CA LEU A 74 7.98 9.27 4.87
C LEU A 74 8.07 10.55 4.03
N GLU A 75 8.90 10.49 2.99
CA GLU A 75 9.08 11.64 2.10
C GLU A 75 7.99 11.68 1.02
N LYS A 76 7.87 12.82 0.35
CA LYS A 76 6.87 12.99 -0.69
C LYS A 76 6.98 11.87 -1.72
N TYR A 77 8.19 11.63 -2.21
CA TYR A 77 8.42 10.59 -3.20
C TYR A 77 8.26 9.19 -2.58
N ASP A 78 8.89 9.00 -1.44
CA ASP A 78 8.82 7.72 -0.73
C ASP A 78 9.08 6.57 -1.69
N VAL A 79 10.36 6.26 -1.90
CA VAL A 79 10.75 5.17 -2.79
C VAL A 79 10.80 3.84 -2.05
N ILE A 80 9.66 3.15 -1.99
CA ILE A 80 9.58 1.87 -1.30
C ILE A 80 10.06 0.74 -2.21
N THR A 81 10.88 -0.15 -1.66
CA THR A 81 11.41 -1.27 -2.42
C THR A 81 11.01 -2.59 -1.78
N LYS A 82 10.73 -2.57 -0.49
CA LYS A 82 10.32 -3.77 0.24
C LYS A 82 8.99 -3.54 0.96
N VAL A 83 8.24 -4.62 1.13
CA VAL A 83 6.94 -4.55 1.81
C VAL A 83 6.67 -5.81 2.61
N ASP A 84 6.65 -5.68 3.92
CA ASP A 84 6.40 -6.81 4.81
C ASP A 84 7.58 -7.77 4.83
N ASP A 85 7.80 -8.45 3.71
CA ASP A 85 8.91 -9.40 3.60
C ASP A 85 9.01 -9.96 2.18
N LYS A 86 8.64 -9.13 1.20
CA LYS A 86 8.69 -9.54 -0.19
C LYS A 86 9.08 -8.36 -1.09
N GLU A 87 9.52 -8.67 -2.31
CA GLU A 87 9.93 -7.65 -3.26
C GLU A 87 8.73 -7.16 -4.07
N ILE A 88 8.66 -5.85 -4.29
CA ILE A 88 7.57 -5.26 -5.06
C ILE A 88 8.02 -4.87 -6.46
N ALA A 89 7.12 -4.29 -7.24
CA ALA A 89 7.42 -3.88 -8.59
C ALA A 89 6.41 -2.85 -9.10
N SER A 90 5.14 -3.08 -8.77
CA SER A 90 4.07 -2.19 -9.19
C SER A 90 3.15 -1.85 -8.03
N SER A 91 2.71 -0.59 -7.96
CA SER A 91 1.83 -0.15 -6.90
C SER A 91 0.47 -0.84 -6.99
N THR A 92 0.02 -1.07 -8.21
CA THR A 92 -1.26 -1.72 -8.44
C THR A 92 -1.19 -3.20 -8.11
N ASP A 93 -0.04 -3.81 -8.36
CA ASP A 93 0.16 -5.22 -8.08
C ASP A 93 0.21 -5.49 -6.59
N LEU A 94 1.00 -4.69 -5.87
CA LEU A 94 1.13 -4.84 -4.43
C LEU A 94 -0.16 -4.44 -3.72
N GLN A 95 -0.81 -3.40 -4.23
CA GLN A 95 -2.06 -2.92 -3.65
C GLN A 95 -3.18 -3.95 -3.83
N SER A 96 -3.25 -4.52 -5.02
CA SER A 96 -4.28 -5.52 -5.32
C SER A 96 -4.07 -6.79 -4.49
N ALA A 97 -2.82 -7.25 -4.45
CA ALA A 97 -2.48 -8.45 -3.70
C ALA A 97 -2.79 -8.27 -2.21
N LEU A 98 -2.40 -7.12 -1.66
CA LEU A 98 -2.64 -6.83 -0.25
C LEU A 98 -4.14 -6.78 0.05
N TYR A 99 -4.87 -6.04 -0.76
CA TYR A 99 -6.31 -5.91 -0.58
C TYR A 99 -7.03 -7.22 -0.93
N ASN A 100 -6.29 -8.14 -1.54
CA ASN A 100 -6.84 -9.43 -1.93
C ASN A 100 -6.67 -10.45 -0.82
N HIS A 101 -5.42 -10.65 -0.39
CA HIS A 101 -5.10 -11.60 0.66
C HIS A 101 -4.67 -10.89 1.93
N SER A 102 -4.95 -11.49 3.08
CA SER A 102 -4.59 -10.91 4.36
C SER A 102 -5.32 -9.58 4.59
N ILE A 103 -6.57 -9.67 5.01
CA ILE A 103 -7.38 -8.48 5.26
C ILE A 103 -7.12 -7.92 6.66
N GLY A 104 -7.00 -6.60 6.75
CA GLY A 104 -6.75 -5.97 8.04
C GLY A 104 -5.43 -6.40 8.65
N ASP A 105 -4.57 -6.99 7.83
CA ASP A 105 -3.26 -7.44 8.30
C ASP A 105 -2.27 -6.29 8.34
N THR A 106 -1.29 -6.39 9.24
CA THR A 106 -0.27 -5.36 9.38
C THR A 106 0.93 -5.64 8.50
N ILE A 107 1.44 -4.59 7.85
CA ILE A 107 2.59 -4.74 6.97
C ILE A 107 3.62 -3.65 7.23
N LYS A 108 4.84 -3.86 6.75
CA LYS A 108 5.92 -2.89 6.94
C LYS A 108 6.36 -2.31 5.60
N ILE A 109 6.58 -0.99 5.57
CA ILE A 109 7.01 -0.33 4.35
C ILE A 109 8.45 0.15 4.46
N THR A 110 9.31 -0.36 3.57
CA THR A 110 10.72 0.01 3.58
C THR A 110 11.07 0.84 2.34
N TYR A 111 11.42 2.10 2.56
CA TYR A 111 11.78 2.98 1.46
C TYR A 111 13.10 3.69 1.74
N TYR A 112 13.61 4.41 0.75
CA TYR A 112 14.87 5.13 0.89
C TYR A 112 14.76 6.53 0.31
N ARG A 113 15.29 7.51 1.03
CA ARG A 113 15.24 8.90 0.58
C ARG A 113 16.66 9.47 0.47
N ASN A 114 17.06 9.79 -0.76
CA ASN A 114 18.39 10.35 -1.01
C ASN A 114 19.47 9.45 -0.43
N GLY A 115 19.27 8.14 -0.56
CA GLY A 115 20.25 7.19 -0.04
C GLY A 115 20.11 6.99 1.46
N LYS A 116 19.00 7.44 2.03
CA LYS A 116 18.76 7.30 3.45
C LYS A 116 17.71 6.22 3.73
N GLU A 117 18.16 5.07 4.20
CA GLU A 117 17.27 3.96 4.51
C GLU A 117 16.30 4.33 5.62
N GLU A 118 15.02 4.07 5.40
CA GLU A 118 13.99 4.38 6.39
C GLU A 118 12.79 3.45 6.23
N THR A 119 12.39 2.83 7.34
CA THR A 119 11.25 1.91 7.32
C THR A 119 10.24 2.27 8.41
N THR A 120 8.98 1.97 8.15
CA THR A 120 7.91 2.28 9.10
C THR A 120 6.85 1.18 9.08
N SER A 121 6.23 0.96 10.24
CA SER A 121 5.19 -0.06 10.37
C SER A 121 3.81 0.55 10.22
N ILE A 122 2.99 -0.04 9.34
CA ILE A 122 1.65 0.45 9.10
C ILE A 122 0.65 -0.70 9.02
N LYS A 123 -0.54 -0.51 9.59
CA LYS A 123 -1.58 -1.53 9.58
C LYS A 123 -2.66 -1.18 8.56
N LEU A 124 -3.01 -2.15 7.72
CA LEU A 124 -4.03 -1.95 6.70
C LEU A 124 -5.43 -2.01 7.31
N ASN A 125 -6.30 -1.11 6.87
CA ASN A 125 -7.66 -1.05 7.38
C ASN A 125 -8.54 -2.07 6.67
N LYS A 126 -9.30 -2.82 7.45
CA LYS A 126 -10.20 -3.84 6.90
C LYS A 126 -11.60 -3.27 6.68
N LEU A 127 -12.30 -3.79 5.68
CA LEU A 127 -13.64 -3.34 5.36
C LEU A 127 -14.54 -4.52 4.99
N MET A 1 -43.43 -14.66 26.15
CA MET A 1 -43.03 -15.41 27.32
C MET A 1 -41.60 -15.06 27.75
N GLU A 2 -41.22 -15.47 28.95
CA GLU A 2 -39.89 -15.19 29.47
C GLU A 2 -39.62 -13.69 29.51
N GLY A 3 -38.45 -13.31 30.00
CA GLY A 3 -38.09 -11.91 30.08
C GLY A 3 -36.85 -11.69 30.93
N LEU A 4 -36.03 -10.71 30.53
CA LEU A 4 -34.81 -10.40 31.26
C LEU A 4 -34.39 -8.95 31.01
N GLY A 5 -33.29 -8.53 31.65
CA GLY A 5 -32.81 -7.18 31.48
C GLY A 5 -31.30 -7.08 31.64
N PHE A 6 -30.57 -7.49 30.60
CA PHE A 6 -29.12 -7.44 30.63
C PHE A 6 -28.57 -6.44 29.61
N ALA A 7 -28.95 -6.64 28.35
CA ALA A 7 -28.51 -5.75 27.27
C ALA A 7 -26.98 -5.73 27.17
N ILE A 8 -26.47 -5.03 26.18
CA ILE A 8 -25.03 -4.93 25.97
C ILE A 8 -24.49 -3.60 26.51
N PRO A 9 -23.38 -3.68 27.26
CA PRO A 9 -22.74 -2.51 27.85
C PRO A 9 -22.08 -1.62 26.80
N ALA A 10 -21.47 -0.53 27.26
CA ALA A 10 -20.80 0.40 26.35
C ALA A 10 -19.58 -0.25 25.70
N ASN A 11 -19.66 -0.48 24.40
CA ASN A 11 -18.56 -1.10 23.67
C ASN A 11 -18.44 -0.50 22.27
N ASP A 12 -17.27 -0.67 21.66
CA ASP A 12 -17.02 -0.15 20.33
C ASP A 12 -16.82 -1.29 19.33
N ALA A 13 -17.92 -1.85 18.85
CA ALA A 13 -17.86 -2.95 17.88
C ALA A 13 -17.36 -2.46 16.53
N ILE A 14 -17.76 -1.25 16.15
CA ILE A 14 -17.35 -0.67 14.87
C ILE A 14 -17.81 -1.53 13.71
N ASN A 15 -19.07 -1.39 13.33
CA ASN A 15 -19.63 -2.16 12.23
C ASN A 15 -20.62 -1.31 11.43
N ILE A 16 -20.27 -1.01 10.18
CA ILE A 16 -21.13 -0.22 9.31
C ILE A 16 -21.63 -1.03 8.13
N ILE A 17 -22.90 -0.87 7.81
CA ILE A 17 -23.51 -1.59 6.70
C ILE A 17 -23.38 -0.81 5.40
N GLU A 18 -22.54 -1.30 4.50
CA GLU A 18 -22.32 -0.64 3.21
C GLU A 18 -22.47 -1.63 2.06
N GLN A 19 -23.51 -1.44 1.25
CA GLN A 19 -23.76 -2.31 0.12
C GLN A 19 -22.92 -1.90 -1.09
N LEU A 20 -22.94 -0.61 -1.42
CA LEU A 20 -22.18 -0.09 -2.55
C LEU A 20 -22.67 -0.70 -3.86
N GLU A 21 -23.42 0.07 -4.61
CA GLU A 21 -23.95 -0.40 -5.89
C GLU A 21 -23.53 0.52 -7.03
N LYS A 22 -22.85 -0.03 -8.04
CA LYS A 22 -22.40 0.74 -9.19
C LYS A 22 -22.57 -0.04 -10.48
N ASN A 23 -22.25 0.59 -11.60
CA ASN A 23 -22.38 -0.05 -12.90
C ASN A 23 -21.92 0.90 -14.02
N GLY A 24 -20.74 0.63 -14.56
CA GLY A 24 -20.21 1.46 -15.63
C GLY A 24 -19.20 2.48 -15.13
N LYS A 25 -18.11 2.64 -15.86
CA LYS A 25 -17.07 3.58 -15.49
C LYS A 25 -15.95 3.61 -16.53
N VAL A 26 -14.96 4.46 -16.30
CA VAL A 26 -13.84 4.58 -17.22
C VAL A 26 -12.52 4.23 -16.52
N THR A 27 -12.34 4.77 -15.32
CA THR A 27 -11.12 4.52 -14.55
C THR A 27 -11.42 3.66 -13.33
N ARG A 28 -10.75 2.51 -13.25
CA ARG A 28 -10.94 1.60 -12.12
C ARG A 28 -9.64 1.41 -11.34
N PRO A 29 -9.76 1.05 -10.07
CA PRO A 29 -8.61 0.83 -9.19
C PRO A 29 -7.82 -0.42 -9.57
N ALA A 30 -6.57 -0.48 -9.11
CA ALA A 30 -5.71 -1.63 -9.40
C ALA A 30 -4.74 -1.88 -8.26
N LEU A 31 -4.06 -3.02 -8.31
CA LEU A 31 -3.10 -3.39 -7.28
C LEU A 31 -2.32 -4.64 -7.68
N GLY A 32 -2.05 -4.78 -8.97
CA GLY A 32 -1.30 -5.92 -9.46
C GLY A 32 0.15 -5.61 -9.73
N ILE A 33 0.94 -5.52 -8.67
CA ILE A 33 2.36 -5.22 -8.81
C ILE A 33 3.19 -6.08 -7.86
N GLN A 34 4.43 -6.37 -8.28
CA GLN A 34 5.33 -7.19 -7.47
C GLN A 34 6.53 -6.38 -7.00
N MET A 35 6.91 -6.56 -5.74
CA MET A 35 8.05 -5.85 -5.18
C MET A 35 8.85 -6.75 -4.25
N VAL A 36 9.96 -6.23 -3.73
CA VAL A 36 10.82 -6.99 -2.83
C VAL A 36 11.60 -6.07 -1.90
N ASN A 37 11.86 -6.53 -0.69
CA ASN A 37 12.60 -5.75 0.29
C ASN A 37 13.99 -5.42 -0.22
N LEU A 38 14.49 -4.24 0.14
CA LEU A 38 15.81 -3.80 -0.28
C LEU A 38 16.86 -4.87 0.01
N SER A 39 16.76 -5.47 1.19
CA SER A 39 17.70 -6.51 1.59
C SER A 39 17.34 -7.09 2.96
N ASN A 40 16.07 -7.44 3.13
CA ASN A 40 15.59 -7.98 4.39
C ASN A 40 15.84 -7.02 5.54
N VAL A 41 15.80 -5.72 5.23
CA VAL A 41 16.02 -4.69 6.24
C VAL A 41 17.38 -4.86 6.91
N SER A 42 18.45 -4.65 6.14
CA SER A 42 19.80 -4.79 6.67
C SER A 42 20.61 -3.52 6.41
N THR A 43 21.69 -3.35 7.15
CA THR A 43 22.56 -2.18 7.01
C THR A 43 23.21 -2.15 5.64
N SER A 44 23.31 -3.32 5.00
CA SER A 44 23.93 -3.42 3.69
C SER A 44 23.13 -2.62 2.66
N ASP A 45 21.81 -2.73 2.72
CA ASP A 45 20.93 -2.02 1.79
C ASP A 45 20.98 -0.51 2.05
N ILE A 46 21.22 -0.14 3.31
CA ILE A 46 21.30 1.26 3.68
C ILE A 46 22.39 1.99 2.91
N ARG A 47 23.57 1.40 2.86
CA ARG A 47 24.70 1.99 2.15
C ARG A 47 24.46 1.97 0.65
N ARG A 48 23.64 1.02 0.19
CA ARG A 48 23.32 0.90 -1.23
C ARG A 48 22.49 2.08 -1.72
N LEU A 49 21.84 2.75 -0.77
CA LEU A 49 20.99 3.90 -1.10
C LEU A 49 21.76 5.20 -0.90
N ASN A 50 21.93 5.60 0.36
CA ASN A 50 22.63 6.83 0.70
C ASN A 50 22.66 7.06 2.20
N ILE A 51 21.63 7.72 2.71
CA ILE A 51 21.54 8.00 4.14
C ILE A 51 20.33 8.88 4.45
N PRO A 52 19.15 8.25 4.50
CA PRO A 52 17.89 8.95 4.79
C PRO A 52 17.81 9.43 6.24
N SER A 53 17.28 8.58 7.11
CA SER A 53 17.13 8.91 8.52
C SER A 53 16.31 7.85 9.25
N ASN A 54 15.00 7.91 9.07
CA ASN A 54 14.10 6.95 9.71
C ASN A 54 13.66 5.87 8.73
N VAL A 55 13.89 6.11 7.45
CA VAL A 55 13.52 5.16 6.41
C VAL A 55 14.05 3.77 6.73
N THR A 56 15.39 3.64 6.70
CA THR A 56 16.02 2.36 6.99
C THR A 56 15.42 1.25 6.14
N SER A 57 16.00 1.02 4.96
CA SER A 57 15.52 -0.02 4.05
C SER A 57 14.10 0.30 3.58
N GLY A 58 13.53 -0.64 2.82
CA GLY A 58 12.18 -0.44 2.31
C GLY A 58 11.80 -1.49 1.28
N VAL A 59 11.01 -1.08 0.29
CA VAL A 59 10.57 -1.99 -0.76
C VAL A 59 10.84 -1.40 -2.14
N ILE A 60 11.08 -2.29 -3.11
CA ILE A 60 11.36 -1.85 -4.48
C ILE A 60 10.48 -2.61 -5.48
N VAL A 61 9.88 -1.87 -6.40
CA VAL A 61 9.02 -2.47 -7.41
C VAL A 61 9.84 -3.10 -8.53
N ARG A 62 9.59 -4.37 -8.79
CA ARG A 62 10.31 -5.09 -9.84
C ARG A 62 9.83 -4.68 -11.23
N SER A 63 8.51 -4.52 -11.36
CA SER A 63 7.91 -4.13 -12.63
C SER A 63 6.40 -4.01 -12.50
N VAL A 64 5.87 -2.86 -12.88
CA VAL A 64 4.43 -2.61 -12.81
C VAL A 64 3.72 -3.11 -14.07
N GLN A 65 2.50 -3.58 -13.90
CA GLN A 65 1.72 -4.10 -15.02
C GLN A 65 0.79 -3.02 -15.57
N SER A 66 0.72 -2.93 -16.89
CA SER A 66 -0.12 -1.94 -17.55
C SER A 66 0.40 -0.53 -17.30
N ASN A 67 1.60 -0.44 -16.75
CA ASN A 67 2.22 0.84 -16.45
C ASN A 67 1.19 1.84 -15.94
N MET A 68 0.52 1.48 -14.84
CA MET A 68 -0.49 2.34 -14.25
C MET A 68 0.14 3.59 -13.64
N PRO A 69 1.02 3.39 -12.65
CA PRO A 69 1.72 4.49 -11.98
C PRO A 69 2.73 5.18 -12.87
N ALA A 70 3.20 4.47 -13.89
CA ALA A 70 4.17 5.02 -14.83
C ALA A 70 3.66 6.30 -15.47
N ASN A 71 2.34 6.44 -15.50
CA ASN A 71 1.71 7.63 -16.09
C ASN A 71 2.21 8.90 -15.43
N GLY A 72 2.68 8.77 -14.19
CA GLY A 72 3.18 9.91 -13.45
C GLY A 72 4.68 10.11 -13.63
N HIS A 73 5.47 9.36 -12.86
CA HIS A 73 6.92 9.45 -12.94
C HIS A 73 7.57 8.50 -11.95
N LEU A 74 7.89 7.29 -12.41
CA LEU A 74 8.52 6.28 -11.57
C LEU A 74 9.60 5.52 -12.34
N GLU A 75 10.58 5.00 -11.62
CA GLU A 75 11.67 4.25 -12.23
C GLU A 75 11.39 2.75 -12.17
N LYS A 76 12.11 1.99 -13.00
CA LYS A 76 11.95 0.54 -13.04
C LYS A 76 12.06 -0.06 -11.64
N TYR A 77 13.07 0.37 -10.89
CA TYR A 77 13.29 -0.12 -9.54
C TYR A 77 12.23 0.43 -8.58
N ASP A 78 12.00 1.73 -8.65
CA ASP A 78 11.01 2.38 -7.80
C ASP A 78 11.19 1.95 -6.34
N VAL A 79 12.07 2.66 -5.64
CA VAL A 79 12.34 2.36 -4.23
C VAL A 79 11.34 3.06 -3.32
N ILE A 80 10.23 2.38 -3.04
CA ILE A 80 9.20 2.94 -2.17
C ILE A 80 9.53 2.72 -0.70
N THR A 81 9.43 3.78 0.09
CA THR A 81 9.72 3.72 1.51
C THR A 81 8.49 4.08 2.34
N LYS A 82 7.48 4.64 1.69
CA LYS A 82 6.25 5.03 2.37
C LYS A 82 5.04 4.39 1.70
N VAL A 83 4.04 4.07 2.51
CA VAL A 83 2.82 3.45 2.00
C VAL A 83 1.59 3.90 2.79
N ASP A 84 0.71 4.65 2.14
CA ASP A 84 -0.50 5.15 2.79
C ASP A 84 -0.17 6.25 3.78
N ASP A 85 0.48 5.88 4.87
CA ASP A 85 0.85 6.84 5.91
C ASP A 85 1.79 6.20 6.93
N LYS A 86 2.58 5.24 6.48
CA LYS A 86 3.53 4.54 7.35
C LYS A 86 4.71 4.00 6.55
N GLU A 87 5.78 3.66 7.26
CA GLU A 87 6.98 3.13 6.62
C GLU A 87 6.87 1.61 6.45
N ILE A 88 7.48 1.10 5.39
CA ILE A 88 7.46 -0.33 5.11
C ILE A 88 8.87 -0.90 5.06
N ALA A 89 8.97 -2.22 4.88
CA ALA A 89 10.26 -2.88 4.80
C ALA A 89 10.21 -4.08 3.85
N SER A 90 9.13 -4.85 3.93
CA SER A 90 8.95 -6.02 3.08
C SER A 90 7.76 -5.84 2.15
N SER A 91 7.90 -6.29 0.91
CA SER A 91 6.84 -6.19 -0.08
C SER A 91 5.67 -7.09 0.29
N THR A 92 5.98 -8.27 0.80
CA THR A 92 4.95 -9.23 1.19
C THR A 92 4.24 -8.78 2.46
N ASP A 93 4.97 -8.13 3.35
CA ASP A 93 4.40 -7.64 4.60
C ASP A 93 3.43 -6.48 4.35
N LEU A 94 3.88 -5.51 3.55
CA LEU A 94 3.06 -4.35 3.23
C LEU A 94 1.88 -4.74 2.35
N GLN A 95 2.12 -5.69 1.44
CA GLN A 95 1.09 -6.16 0.54
C GLN A 95 -0.02 -6.89 1.29
N SER A 96 0.38 -7.76 2.22
CA SER A 96 -0.57 -8.53 3.01
C SER A 96 -1.36 -7.61 3.94
N ALA A 97 -0.66 -6.68 4.60
CA ALA A 97 -1.30 -5.75 5.51
C ALA A 97 -2.32 -4.89 4.78
N LEU A 98 -1.94 -4.37 3.63
CA LEU A 98 -2.83 -3.53 2.83
C LEU A 98 -4.05 -4.31 2.36
N TYR A 99 -3.81 -5.53 1.87
CA TYR A 99 -4.89 -6.38 1.38
C TYR A 99 -5.74 -6.90 2.55
N ASN A 100 -5.26 -6.67 3.77
CA ASN A 100 -5.97 -7.12 4.96
C ASN A 100 -6.88 -6.03 5.49
N HIS A 101 -6.32 -4.85 5.74
CA HIS A 101 -7.08 -3.72 6.24
C HIS A 101 -7.21 -2.63 5.18
N SER A 102 -8.30 -1.87 5.26
CA SER A 102 -8.54 -0.79 4.31
C SER A 102 -8.71 -1.35 2.89
N ILE A 103 -9.86 -1.97 2.65
CA ILE A 103 -10.13 -2.55 1.34
C ILE A 103 -10.72 -1.51 0.39
N GLY A 104 -10.23 -1.50 -0.85
CA GLY A 104 -10.72 -0.55 -1.83
C GLY A 104 -10.37 0.88 -1.46
N ASP A 105 -9.47 1.04 -0.50
CA ASP A 105 -9.06 2.37 -0.06
C ASP A 105 -7.88 2.87 -0.88
N THR A 106 -7.75 4.19 -1.00
CA THR A 106 -6.66 4.78 -1.75
C THR A 106 -5.47 5.07 -0.85
N ILE A 107 -4.28 4.75 -1.35
CA ILE A 107 -3.05 4.98 -0.58
C ILE A 107 -2.03 5.76 -1.41
N LYS A 108 -1.11 6.43 -0.71
CA LYS A 108 -0.08 7.22 -1.37
C LYS A 108 1.28 6.55 -1.24
N ILE A 109 1.90 6.23 -2.37
CA ILE A 109 3.21 5.58 -2.38
C ILE A 109 4.31 6.59 -2.64
N THR A 110 5.30 6.63 -1.75
CA THR A 110 6.42 7.55 -1.90
C THR A 110 7.73 6.80 -2.09
N TYR A 111 8.36 6.99 -3.25
CA TYR A 111 9.62 6.32 -3.56
C TYR A 111 10.69 7.33 -3.93
N TYR A 112 11.93 6.87 -4.03
CA TYR A 112 13.05 7.73 -4.38
C TYR A 112 13.95 7.07 -5.42
N ARG A 113 14.40 7.87 -6.38
CA ARG A 113 15.26 7.36 -7.44
C ARG A 113 16.44 8.30 -7.68
N ASN A 114 17.65 7.82 -7.38
CA ASN A 114 18.86 8.61 -7.56
C ASN A 114 18.74 9.95 -6.83
N GLY A 115 18.20 9.91 -5.62
CA GLY A 115 18.05 11.13 -4.84
C GLY A 115 16.92 12.00 -5.34
N LYS A 116 16.08 11.43 -6.20
CA LYS A 116 14.95 12.16 -6.77
C LYS A 116 13.64 11.73 -6.13
N GLU A 117 13.02 12.63 -5.38
CA GLU A 117 11.75 12.33 -4.71
C GLU A 117 10.62 12.18 -5.73
N GLU A 118 9.98 11.02 -5.73
CA GLU A 118 8.89 10.75 -6.66
C GLU A 118 7.77 9.98 -5.96
N THR A 119 6.60 10.60 -5.86
CA THR A 119 5.45 9.98 -5.22
C THR A 119 4.26 9.90 -6.18
N THR A 120 3.40 8.91 -5.95
CA THR A 120 2.22 8.72 -6.79
C THR A 120 1.06 8.16 -5.99
N SER A 121 -0.16 8.51 -6.39
CA SER A 121 -1.36 8.04 -5.70
C SER A 121 -1.93 6.81 -6.39
N ILE A 122 -2.06 5.72 -5.63
CA ILE A 122 -2.59 4.47 -6.17
C ILE A 122 -3.80 4.00 -5.37
N LYS A 123 -4.88 3.67 -6.07
CA LYS A 123 -6.10 3.21 -5.42
C LYS A 123 -6.25 1.70 -5.57
N LEU A 124 -6.41 1.02 -4.45
CA LEU A 124 -6.57 -0.44 -4.45
C LEU A 124 -7.97 -0.83 -4.90
N ASN A 125 -8.05 -1.92 -5.67
CA ASN A 125 -9.33 -2.40 -6.17
C ASN A 125 -9.93 -3.43 -5.21
N LYS A 126 -11.21 -3.25 -4.89
CA LYS A 126 -11.90 -4.17 -3.99
C LYS A 126 -12.66 -5.23 -4.77
N LEU A 127 -12.74 -6.44 -4.20
CA LEU A 127 -13.44 -7.54 -4.85
C LEU A 127 -14.64 -7.99 -4.02
N MET A 1 -61.23 -0.98 48.38
CA MET A 1 -61.06 -1.74 47.14
C MET A 1 -59.63 -1.67 46.65
N GLU A 2 -59.23 -2.66 45.86
CA GLU A 2 -57.88 -2.71 45.32
C GLU A 2 -57.88 -3.10 43.85
N GLY A 3 -56.72 -3.01 43.21
CA GLY A 3 -56.61 -3.35 41.81
C GLY A 3 -55.25 -3.04 41.23
N LEU A 4 -54.70 -3.98 40.47
CA LEU A 4 -53.39 -3.80 39.87
C LEU A 4 -53.24 -4.70 38.63
N GLY A 5 -52.09 -4.57 37.97
CA GLY A 5 -51.84 -5.38 36.78
C GLY A 5 -51.06 -4.62 35.72
N PHE A 6 -50.51 -5.36 34.76
CA PHE A 6 -49.72 -4.74 33.69
C PHE A 6 -49.31 -5.79 32.66
N ALA A 7 -50.19 -6.06 31.71
CA ALA A 7 -49.90 -7.04 30.66
C ALA A 7 -49.66 -6.35 29.33
N ILE A 8 -48.39 -6.23 28.96
CA ILE A 8 -48.02 -5.60 27.70
C ILE A 8 -47.67 -6.64 26.63
N PRO A 9 -48.23 -6.46 25.43
CA PRO A 9 -47.99 -7.37 24.30
C PRO A 9 -46.57 -7.27 23.77
N ALA A 10 -46.32 -7.94 22.64
CA ALA A 10 -45.00 -7.93 22.03
C ALA A 10 -45.10 -7.96 20.51
N ASN A 11 -43.96 -7.99 19.84
CA ASN A 11 -43.91 -8.02 18.38
C ASN A 11 -42.51 -8.31 17.88
N ASP A 12 -42.42 -8.87 16.68
CA ASP A 12 -41.13 -9.20 16.09
C ASP A 12 -41.30 -9.80 14.69
N ALA A 13 -40.79 -9.11 13.69
CA ALA A 13 -40.90 -9.58 12.31
C ALA A 13 -39.82 -10.61 12.00
N ILE A 14 -38.59 -10.33 12.42
CA ILE A 14 -37.47 -11.23 12.19
C ILE A 14 -37.36 -11.59 10.71
N ASN A 15 -36.60 -10.80 9.96
CA ASN A 15 -36.41 -11.04 8.54
C ASN A 15 -35.10 -10.41 8.05
N ILE A 16 -34.68 -10.79 6.86
CA ILE A 16 -33.44 -10.26 6.28
C ILE A 16 -33.63 -9.94 4.81
N ILE A 17 -33.08 -8.80 4.37
CA ILE A 17 -33.18 -8.38 2.98
C ILE A 17 -31.85 -7.82 2.48
N GLU A 18 -30.76 -8.40 2.96
CA GLU A 18 -29.43 -7.96 2.56
C GLU A 18 -29.21 -8.16 1.05
N GLN A 19 -29.17 -7.05 0.33
CA GLN A 19 -28.98 -7.10 -1.12
C GLN A 19 -27.49 -7.08 -1.47
N LEU A 20 -26.78 -6.09 -0.96
CA LEU A 20 -25.35 -5.96 -1.22
C LEU A 20 -25.08 -5.73 -2.71
N GLU A 21 -24.76 -4.49 -3.06
CA GLU A 21 -24.47 -4.15 -4.45
C GLU A 21 -23.04 -3.65 -4.61
N LYS A 22 -22.73 -3.14 -5.80
CA LYS A 22 -21.40 -2.62 -6.08
C LYS A 22 -21.47 -1.26 -6.79
N ASN A 23 -20.32 -0.71 -7.12
CA ASN A 23 -20.25 0.58 -7.80
C ASN A 23 -18.89 0.79 -8.44
N GLY A 24 -18.71 1.94 -9.09
CA GLY A 24 -17.45 2.25 -9.72
C GLY A 24 -17.26 3.74 -9.95
N LYS A 25 -16.05 4.13 -10.34
CA LYS A 25 -15.74 5.53 -10.58
C LYS A 25 -14.87 5.68 -11.82
N VAL A 26 -14.40 6.90 -12.06
CA VAL A 26 -13.55 7.19 -13.22
C VAL A 26 -12.14 6.65 -13.01
N THR A 27 -11.39 7.30 -12.14
CA THR A 27 -10.02 6.89 -11.84
C THR A 27 -9.97 5.99 -10.61
N ARG A 28 -9.29 4.85 -10.75
CA ARG A 28 -9.17 3.90 -9.64
C ARG A 28 -7.70 3.73 -9.24
N PRO A 29 -7.48 3.22 -8.02
CA PRO A 29 -6.14 2.99 -7.48
C PRO A 29 -5.42 1.85 -8.20
N ALA A 30 -4.10 1.82 -8.07
CA ALA A 30 -3.29 0.78 -8.70
C ALA A 30 -2.16 0.34 -7.79
N LEU A 31 -1.71 -0.91 -7.96
CA LEU A 31 -0.62 -1.44 -7.15
C LEU A 31 0.10 -2.57 -7.89
N GLY A 32 0.01 -2.54 -9.22
CA GLY A 32 0.66 -3.56 -10.02
C GLY A 32 2.04 -3.13 -10.50
N ILE A 33 3.05 -3.35 -9.66
CA ILE A 33 4.42 -2.99 -10.00
C ILE A 33 5.39 -4.08 -9.61
N GLN A 34 6.50 -4.18 -10.35
CA GLN A 34 7.52 -5.19 -10.07
C GLN A 34 8.77 -4.55 -9.47
N MET A 35 9.18 -5.06 -8.31
CA MET A 35 10.37 -4.54 -7.64
C MET A 35 11.19 -5.67 -7.04
N VAL A 36 12.42 -5.36 -6.64
CA VAL A 36 13.32 -6.35 -6.05
C VAL A 36 14.29 -5.70 -5.08
N ASN A 37 14.66 -6.45 -4.05
CA ASN A 37 15.59 -5.96 -3.03
C ASN A 37 16.95 -5.63 -3.66
N LEU A 38 17.68 -4.72 -3.04
CA LEU A 38 18.99 -4.32 -3.53
C LEU A 38 19.87 -5.55 -3.78
N SER A 39 19.77 -6.53 -2.90
CA SER A 39 20.55 -7.76 -3.02
C SER A 39 20.26 -8.70 -1.86
N ASN A 40 18.98 -8.91 -1.58
CA ASN A 40 18.57 -9.80 -0.49
C ASN A 40 19.29 -9.43 0.81
N VAL A 41 19.53 -8.14 0.99
CA VAL A 41 20.21 -7.66 2.19
C VAL A 41 21.62 -8.23 2.29
N SER A 42 22.51 -7.76 1.42
CA SER A 42 23.89 -8.21 1.40
C SER A 42 24.86 -7.04 1.50
N THR A 43 26.09 -7.32 1.92
CA THR A 43 27.10 -6.29 2.06
C THR A 43 27.51 -5.74 0.71
N SER A 44 27.27 -6.52 -0.35
CA SER A 44 27.62 -6.11 -1.70
C SER A 44 26.76 -4.92 -2.15
N ASP A 45 25.50 -4.92 -1.72
CA ASP A 45 24.58 -3.85 -2.07
C ASP A 45 24.85 -2.60 -1.24
N ILE A 46 25.34 -2.81 -0.02
CA ILE A 46 25.64 -1.70 0.88
C ILE A 46 26.68 -0.77 0.28
N ARG A 47 27.80 -1.34 -0.16
CA ARG A 47 28.88 -0.55 -0.75
C ARG A 47 28.47 -0.03 -2.13
N ARG A 48 27.84 -0.89 -2.92
CA ARG A 48 27.39 -0.51 -4.26
C ARG A 48 26.33 0.57 -4.19
N LEU A 49 25.68 0.69 -3.03
CA LEU A 49 24.64 1.70 -2.84
C LEU A 49 25.24 3.08 -2.65
N ASN A 50 25.73 3.34 -1.43
CA ASN A 50 26.34 4.63 -1.12
C ASN A 50 26.79 4.67 0.34
N ILE A 51 27.24 3.53 0.85
CA ILE A 51 27.71 3.44 2.23
C ILE A 51 26.68 4.03 3.20
N PRO A 52 25.50 3.38 3.26
CA PRO A 52 24.41 3.82 4.14
C PRO A 52 24.74 3.59 5.61
N SER A 53 23.72 3.75 6.47
CA SER A 53 23.90 3.57 7.90
C SER A 53 22.67 2.93 8.52
N ASN A 54 21.54 3.63 8.45
CA ASN A 54 20.28 3.14 9.00
C ASN A 54 19.41 2.54 7.92
N VAL A 55 19.72 2.87 6.66
CA VAL A 55 18.96 2.36 5.52
C VAL A 55 18.95 0.84 5.50
N THR A 56 20.09 0.26 5.12
CA THR A 56 20.22 -1.19 5.06
C THR A 56 19.28 -1.78 4.02
N SER A 57 19.84 -2.21 2.89
CA SER A 57 19.05 -2.79 1.82
C SER A 57 18.06 -1.76 1.25
N GLY A 58 17.25 -2.20 0.29
CA GLY A 58 16.28 -1.31 -0.33
C GLY A 58 15.51 -1.98 -1.45
N VAL A 59 14.46 -1.31 -1.93
CA VAL A 59 13.65 -1.84 -3.00
C VAL A 59 13.80 -1.01 -4.27
N ILE A 60 13.89 -1.69 -5.42
CA ILE A 60 14.04 -1.01 -6.69
C ILE A 60 12.97 -1.48 -7.68
N VAL A 61 12.33 -0.51 -8.34
CA VAL A 61 11.29 -0.83 -9.32
C VAL A 61 11.89 -1.04 -10.71
N ARG A 62 11.61 -2.19 -11.30
CA ARG A 62 12.12 -2.51 -12.63
C ARG A 62 11.41 -1.69 -13.70
N SER A 63 10.11 -1.49 -13.52
CA SER A 63 9.31 -0.73 -14.47
C SER A 63 7.85 -0.66 -14.01
N VAL A 64 7.30 0.56 -14.01
CA VAL A 64 5.92 0.76 -13.60
C VAL A 64 4.96 0.56 -14.77
N GLN A 65 3.77 0.05 -14.47
CA GLN A 65 2.77 -0.19 -15.51
C GLN A 65 1.84 1.00 -15.65
N SER A 66 1.55 1.38 -16.89
CA SER A 66 0.67 2.51 -17.17
C SER A 66 1.32 3.82 -16.74
N ASN A 67 2.61 3.75 -16.41
CA ASN A 67 3.36 4.92 -15.99
C ASN A 67 2.50 5.82 -15.11
N MET A 68 1.93 5.25 -14.05
CA MET A 68 1.09 6.00 -13.13
C MET A 68 1.90 7.08 -12.40
N PRO A 69 2.91 6.63 -11.64
CA PRO A 69 3.78 7.54 -10.88
C PRO A 69 4.69 8.36 -11.79
N ALA A 70 4.96 7.84 -12.98
CA ALA A 70 5.82 8.54 -13.93
C ALA A 70 5.28 9.93 -14.25
N ASN A 71 3.98 10.11 -14.05
CA ASN A 71 3.33 11.39 -14.32
C ASN A 71 4.01 12.51 -13.53
N GLY A 72 4.64 12.15 -12.42
CA GLY A 72 5.32 13.14 -11.61
C GLY A 72 6.79 13.27 -11.96
N HIS A 73 7.61 12.38 -11.41
CA HIS A 73 9.05 12.40 -11.68
C HIS A 73 9.75 11.26 -10.94
N LEU A 74 9.91 10.14 -11.63
CA LEU A 74 10.56 8.97 -11.04
C LEU A 74 11.56 8.35 -12.03
N GLU A 75 12.62 7.77 -11.50
CA GLU A 75 13.65 7.14 -12.33
C GLU A 75 13.27 5.70 -12.65
N LYS A 76 13.78 5.20 -13.77
CA LYS A 76 13.50 3.84 -14.20
C LYS A 76 13.77 2.85 -13.08
N TYR A 77 14.89 3.05 -12.38
CA TYR A 77 15.28 2.17 -11.28
C TYR A 77 14.38 2.40 -10.06
N ASP A 78 14.17 3.66 -9.72
CA ASP A 78 13.33 4.02 -8.57
C ASP A 78 13.71 3.19 -7.35
N VAL A 79 14.67 3.70 -6.57
CA VAL A 79 15.12 3.01 -5.37
C VAL A 79 14.32 3.45 -4.15
N ILE A 80 13.17 2.82 -3.94
CA ILE A 80 12.31 3.15 -2.81
C ILE A 80 12.77 2.43 -1.55
N THR A 81 12.92 3.19 -0.46
CA THR A 81 13.35 2.62 0.81
C THR A 81 12.42 3.03 1.93
N LYS A 82 11.39 3.80 1.59
CA LYS A 82 10.42 4.26 2.58
C LYS A 82 9.01 4.29 1.99
N VAL A 83 8.01 3.98 2.82
CA VAL A 83 6.62 3.97 2.39
C VAL A 83 5.70 4.46 3.49
N ASP A 84 5.09 5.62 3.27
CA ASP A 84 4.18 6.20 4.24
C ASP A 84 4.90 6.53 5.54
N ASP A 85 5.06 5.53 6.40
CA ASP A 85 5.74 5.72 7.68
C ASP A 85 6.39 4.41 8.14
N LYS A 86 6.71 3.54 7.18
CA LYS A 86 7.34 2.26 7.49
C LYS A 86 8.39 1.91 6.45
N GLU A 87 9.65 1.83 6.88
CA GLU A 87 10.74 1.51 5.98
C GLU A 87 10.64 0.06 5.51
N ILE A 88 11.27 -0.24 4.38
CA ILE A 88 11.26 -1.58 3.82
C ILE A 88 12.61 -1.95 3.22
N ALA A 89 12.71 -3.16 2.68
CA ALA A 89 13.95 -3.63 2.07
C ALA A 89 13.67 -4.56 0.89
N SER A 90 12.79 -5.54 1.12
CA SER A 90 12.44 -6.50 0.09
C SER A 90 11.10 -6.14 -0.55
N SER A 91 11.02 -6.31 -1.87
CA SER A 91 9.79 -6.01 -2.60
C SER A 91 8.66 -6.93 -2.17
N THR A 92 9.00 -8.20 -1.94
CA THR A 92 8.02 -9.19 -1.53
C THR A 92 7.54 -8.95 -0.10
N ASP A 93 8.45 -8.45 0.74
CA ASP A 93 8.11 -8.17 2.13
C ASP A 93 7.16 -6.97 2.23
N LEU A 94 7.49 -5.90 1.52
CA LEU A 94 6.66 -4.69 1.54
C LEU A 94 5.33 -4.94 0.84
N GLN A 95 5.36 -5.76 -0.21
CA GLN A 95 4.15 -6.07 -0.97
C GLN A 95 3.18 -6.88 -0.11
N SER A 96 3.70 -7.89 0.57
CA SER A 96 2.87 -8.74 1.42
C SER A 96 2.33 -7.96 2.61
N ALA A 97 3.19 -7.15 3.23
CA ALA A 97 2.78 -6.35 4.37
C ALA A 97 1.67 -5.37 3.99
N LEU A 98 1.83 -4.70 2.85
CA LEU A 98 0.84 -3.74 2.39
C LEU A 98 -0.47 -4.44 2.05
N TYR A 99 -0.38 -5.58 1.38
CA TYR A 99 -1.56 -6.34 1.00
C TYR A 99 -2.24 -6.95 2.23
N ASN A 100 -1.55 -6.90 3.36
CA ASN A 100 -2.08 -7.44 4.61
C ASN A 100 -2.79 -6.36 5.42
N HIS A 101 -2.06 -5.28 5.73
CA HIS A 101 -2.61 -4.18 6.49
C HIS A 101 -2.77 -2.94 5.63
N SER A 102 -3.72 -2.08 5.99
CA SER A 102 -3.96 -0.86 5.23
C SER A 102 -4.43 -1.18 3.81
N ILE A 103 -5.67 -1.65 3.70
CA ILE A 103 -6.23 -2.00 2.40
C ILE A 103 -6.84 -0.77 1.73
N GLY A 104 -6.53 -0.59 0.45
CA GLY A 104 -7.07 0.54 -0.29
C GLY A 104 -6.66 1.87 0.32
N ASP A 105 -5.63 1.84 1.15
CA ASP A 105 -5.14 3.06 1.79
C ASP A 105 -4.08 3.75 0.93
N THR A 106 -3.98 5.07 1.08
CA THR A 106 -3.01 5.84 0.31
C THR A 106 -1.70 5.98 1.07
N ILE A 107 -0.59 5.75 0.36
CA ILE A 107 0.72 5.85 0.98
C ILE A 107 1.69 6.64 0.09
N LYS A 108 2.79 7.10 0.67
CA LYS A 108 3.78 7.87 -0.07
C LYS A 108 5.07 7.06 -0.23
N ILE A 109 5.52 6.92 -1.47
CA ILE A 109 6.74 6.18 -1.76
C ILE A 109 7.91 7.13 -2.00
N THR A 110 8.93 7.04 -1.14
CA THR A 110 10.10 7.88 -1.25
C THR A 110 11.30 7.09 -1.77
N TYR A 111 11.77 7.44 -2.97
CA TYR A 111 12.90 6.76 -3.58
C TYR A 111 14.06 7.73 -3.81
N TYR A 112 15.25 7.19 -4.01
CA TYR A 112 16.43 8.00 -4.25
C TYR A 112 17.17 7.55 -5.51
N ARG A 113 17.40 8.49 -6.41
CA ARG A 113 18.09 8.19 -7.66
C ARG A 113 19.38 8.99 -7.77
N ASN A 114 20.51 8.28 -7.76
CA ASN A 114 21.82 8.93 -7.85
C ASN A 114 21.99 9.96 -6.76
N GLY A 115 21.46 9.67 -5.57
CA GLY A 115 21.57 10.59 -4.46
C GLY A 115 20.56 11.72 -4.54
N LYS A 116 19.57 11.56 -5.40
CA LYS A 116 18.54 12.57 -5.57
C LYS A 116 17.23 12.15 -4.89
N GLU A 117 16.76 12.97 -3.97
CA GLU A 117 15.53 12.68 -3.24
C GLU A 117 14.31 12.90 -4.14
N GLU A 118 13.53 11.84 -4.32
CA GLU A 118 12.32 11.92 -5.16
C GLU A 118 11.19 11.13 -4.54
N THR A 119 10.18 11.85 -4.03
CA THR A 119 9.03 11.21 -3.41
C THR A 119 7.77 11.39 -4.27
N THR A 120 6.86 10.42 -4.19
CA THR A 120 5.62 10.48 -4.95
C THR A 120 4.47 9.86 -4.16
N SER A 121 3.26 10.37 -4.39
CA SER A 121 2.08 9.87 -3.71
C SER A 121 1.36 8.83 -4.56
N ILE A 122 1.10 7.67 -3.97
CA ILE A 122 0.42 6.58 -4.67
C ILE A 122 -0.62 5.93 -3.78
N LYS A 123 -1.76 5.57 -4.37
CA LYS A 123 -2.84 4.93 -3.63
C LYS A 123 -2.92 3.45 -3.97
N LEU A 124 -2.98 2.62 -2.94
CA LEU A 124 -3.06 1.17 -3.12
C LEU A 124 -4.47 0.76 -3.54
N ASN A 125 -4.55 -0.22 -4.44
CA ASN A 125 -5.83 -0.72 -4.92
C ASN A 125 -6.34 -1.85 -4.03
N LYS A 126 -7.62 -1.79 -3.69
CA LYS A 126 -8.24 -2.81 -2.85
C LYS A 126 -8.98 -3.85 -3.70
N LEU A 127 -8.81 -5.12 -3.35
CA LEU A 127 -9.47 -6.20 -4.07
C LEU A 127 -10.66 -6.75 -3.30
#